data_5C68
# 
_entry.id   5C68 
# 
_audit_conform.dict_name       mmcif_pdbx.dic 
_audit_conform.dict_version    5.379 
_audit_conform.dict_location   http://mmcif.pdb.org/dictionaries/ascii/mmcif_pdbx.dic 
# 
loop_
_database_2.database_id 
_database_2.database_code 
_database_2.pdbx_database_accession 
_database_2.pdbx_DOI 
PDB   5C68         pdb_00005c68 10.2210/pdb5c68/pdb 
WWPDB D_1000210943 ?            ?                   
# 
_pdbx_database_status.status_code                     REL 
_pdbx_database_status.status_code_sf                  REL 
_pdbx_database_status.status_code_mr                  ? 
_pdbx_database_status.entry_id                        5C68 
_pdbx_database_status.recvd_initial_deposition_date   2015-06-22 
_pdbx_database_status.SG_entry                        N 
_pdbx_database_status.deposit_site                    RCSB 
_pdbx_database_status.process_site                    RCSB 
_pdbx_database_status.status_code_cs                  ? 
_pdbx_database_status.methods_development_category    ? 
_pdbx_database_status.pdb_format_compatible           Y 
_pdbx_database_status.status_code_nmr_data            ? 
# 
loop_
_audit_author.name 
_audit_author.pdbx_ordinal 
'Venkadesh, S.' 1 
'Yoshinaga, M.' 2 
'Kandavelu, P.' 3 
'Rosen, B.P.'   4 
# 
_citation.abstract                  ? 
_citation.abstract_id_CAS           ? 
_citation.book_id_ISBN              ? 
_citation.book_publisher            ? 
_citation.book_publisher_city       ? 
_citation.book_title                ? 
_citation.coordinate_linkage        ? 
_citation.country                   ? 
_citation.database_id_Medline       ? 
_citation.details                   ? 
_citation.id                        primary 
_citation.journal_abbrev            'To Be Published' 
_citation.journal_id_ASTM           ? 
_citation.journal_id_CSD            0353 
_citation.journal_id_ISSN           ? 
_citation.journal_full              ? 
_citation.journal_issue             ? 
_citation.journal_volume            ? 
_citation.language                  ? 
_citation.page_first                ? 
_citation.page_last                 ? 
_citation.title                     'Crystal structure of C-As lyase at 1.46 Angstroms resolution' 
_citation.year                      ? 
_citation.database_id_CSD           ? 
_citation.pdbx_database_id_DOI      ? 
_citation.pdbx_database_id_PubMed   ? 
_citation.unpublished_flag          ? 
# 
loop_
_citation_author.citation_id 
_citation_author.name 
_citation_author.ordinal 
_citation_author.identifier_ORCID 
primary 'Venkadesh, S.' 1 ? 
primary 'Yoshinaga, M.' 2 ? 
primary 'Kandavelu, P.' 3 ? 
primary 'Rosen, B.P.'   4 ? 
# 
_cell.angle_alpha                  90.00 
_cell.angle_alpha_esd              ? 
_cell.angle_beta                   90.00 
_cell.angle_beta_esd               ? 
_cell.angle_gamma                  90.00 
_cell.angle_gamma_esd              ? 
_cell.entry_id                     5C68 
_cell.details                      ? 
_cell.formula_units_Z              ? 
_cell.length_a                     42.234 
_cell.length_a_esd                 ? 
_cell.length_b                     42.234 
_cell.length_b_esd                 ? 
_cell.length_c                     118.485 
_cell.length_c_esd                 ? 
_cell.volume                       ? 
_cell.volume_esd                   ? 
_cell.Z_PDB                        8 
_cell.reciprocal_angle_alpha       ? 
_cell.reciprocal_angle_beta        ? 
_cell.reciprocal_angle_gamma       ? 
_cell.reciprocal_angle_alpha_esd   ? 
_cell.reciprocal_angle_beta_esd    ? 
_cell.reciprocal_angle_gamma_esd   ? 
_cell.reciprocal_length_a          ? 
_cell.reciprocal_length_b          ? 
_cell.reciprocal_length_c          ? 
_cell.reciprocal_length_a_esd      ? 
_cell.reciprocal_length_b_esd      ? 
_cell.reciprocal_length_c_esd      ? 
_cell.pdbx_unique_axis             ? 
# 
_symmetry.entry_id                         5C68 
_symmetry.cell_setting                     ? 
_symmetry.Int_Tables_number                96 
_symmetry.space_group_name_Hall            ? 
_symmetry.space_group_name_H-M             'P 43 21 2' 
_symmetry.pdbx_full_space_group_name_H-M   ? 
# 
loop_
_entity.id 
_entity.type 
_entity.src_method 
_entity.pdbx_description 
_entity.formula_weight 
_entity.pdbx_number_of_molecules 
_entity.pdbx_ec 
_entity.pdbx_mutation 
_entity.pdbx_fragment 
_entity.details 
1 polymer     man 'Glyoxalase/bleomycin resistance protein/dioxygenase' 13453.083 1  ? ? ? ? 
2 non-polymer syn 'NICKEL (II) ION'                                     58.693    1  ? ? ? ? 
3 non-polymer syn 'SODIUM ION'                                          22.990    1  ? ? ? ? 
4 water       nat water                                                 18.015    75 ? ? ? ? 
# 
_entity_poly.entity_id                      1 
_entity_poly.type                           'polypeptide(L)' 
_entity_poly.nstd_linkage                   no 
_entity_poly.nstd_monomer                   no 
_entity_poly.pdbx_seq_one_letter_code       
;GSHMSRVQLALRVPDLEASIGFYSKLFGTGPAKVRPGYANFAIAEPPLKLVLIEGAGEDATRLDHLGVEVEDSAQVGHAA
RRLKESGLATVEENDTACCYAVQDKVWVTGPGGEPWEVYVVKGDAD
;
_entity_poly.pdbx_seq_one_letter_code_can   
;GSHMSRVQLALRVPDLEASIGFYSKLFGTGPAKVRPGYANFAIAEPPLKLVLIEGAGEDATRLDHLGVEVEDSAQVGHAA
RRLKESGLATVEENDTACCYAVQDKVWVTGPGGEPWEVYVVKGDAD
;
_entity_poly.pdbx_strand_id                 A 
_entity_poly.pdbx_target_identifier         ? 
# 
loop_
_entity_poly_seq.entity_id 
_entity_poly_seq.num 
_entity_poly_seq.mon_id 
_entity_poly_seq.hetero 
1 1   GLY n 
1 2   SER n 
1 3   HIS n 
1 4   MET n 
1 5   SER n 
1 6   ARG n 
1 7   VAL n 
1 8   GLN n 
1 9   LEU n 
1 10  ALA n 
1 11  LEU n 
1 12  ARG n 
1 13  VAL n 
1 14  PRO n 
1 15  ASP n 
1 16  LEU n 
1 17  GLU n 
1 18  ALA n 
1 19  SER n 
1 20  ILE n 
1 21  GLY n 
1 22  PHE n 
1 23  TYR n 
1 24  SER n 
1 25  LYS n 
1 26  LEU n 
1 27  PHE n 
1 28  GLY n 
1 29  THR n 
1 30  GLY n 
1 31  PRO n 
1 32  ALA n 
1 33  LYS n 
1 34  VAL n 
1 35  ARG n 
1 36  PRO n 
1 37  GLY n 
1 38  TYR n 
1 39  ALA n 
1 40  ASN n 
1 41  PHE n 
1 42  ALA n 
1 43  ILE n 
1 44  ALA n 
1 45  GLU n 
1 46  PRO n 
1 47  PRO n 
1 48  LEU n 
1 49  LYS n 
1 50  LEU n 
1 51  VAL n 
1 52  LEU n 
1 53  ILE n 
1 54  GLU n 
1 55  GLY n 
1 56  ALA n 
1 57  GLY n 
1 58  GLU n 
1 59  ASP n 
1 60  ALA n 
1 61  THR n 
1 62  ARG n 
1 63  LEU n 
1 64  ASP n 
1 65  HIS n 
1 66  LEU n 
1 67  GLY n 
1 68  VAL n 
1 69  GLU n 
1 70  VAL n 
1 71  GLU n 
1 72  ASP n 
1 73  SER n 
1 74  ALA n 
1 75  GLN n 
1 76  VAL n 
1 77  GLY n 
1 78  HIS n 
1 79  ALA n 
1 80  ALA n 
1 81  ARG n 
1 82  ARG n 
1 83  LEU n 
1 84  LYS n 
1 85  GLU n 
1 86  SER n 
1 87  GLY n 
1 88  LEU n 
1 89  ALA n 
1 90  THR n 
1 91  VAL n 
1 92  GLU n 
1 93  GLU n 
1 94  ASN n 
1 95  ASP n 
1 96  THR n 
1 97  ALA n 
1 98  CYS n 
1 99  CYS n 
1 100 TYR n 
1 101 ALA n 
1 102 VAL n 
1 103 GLN n 
1 104 ASP n 
1 105 LYS n 
1 106 VAL n 
1 107 TRP n 
1 108 VAL n 
1 109 THR n 
1 110 GLY n 
1 111 PRO n 
1 112 GLY n 
1 113 GLY n 
1 114 GLU n 
1 115 PRO n 
1 116 TRP n 
1 117 GLU n 
1 118 VAL n 
1 119 TYR n 
1 120 VAL n 
1 121 VAL n 
1 122 LYS n 
1 123 GLY n 
1 124 ASP n 
1 125 ALA n 
1 126 ASP n 
# 
_entity_src_gen.entity_id                          1 
_entity_src_gen.pdbx_src_id                        1 
_entity_src_gen.pdbx_alt_source_flag               sample 
_entity_src_gen.pdbx_seq_type                      'Biological sequence' 
_entity_src_gen.pdbx_beg_seq_num                   1 
_entity_src_gen.pdbx_end_seq_num                   126 
_entity_src_gen.gene_src_common_name               ? 
_entity_src_gen.gene_src_genus                     ? 
_entity_src_gen.pdbx_gene_src_gene                 Tcur_4156 
_entity_src_gen.gene_src_species                   ? 
_entity_src_gen.gene_src_strain                    'ATCC 19995 / DSM 43183 / JCM 3096 / NCIMB 10081' 
_entity_src_gen.gene_src_tissue                    ? 
_entity_src_gen.gene_src_tissue_fraction           ? 
_entity_src_gen.gene_src_details                   ? 
_entity_src_gen.pdbx_gene_src_fragment             ? 
_entity_src_gen.pdbx_gene_src_scientific_name      
'Thermomonospora curvata (strain ATCC 19995 / DSM 43183 / JCM 3096 / NCIMB 10081)' 
_entity_src_gen.pdbx_gene_src_ncbi_taxonomy_id     471852 
_entity_src_gen.pdbx_gene_src_variant              ? 
_entity_src_gen.pdbx_gene_src_cell_line            ? 
_entity_src_gen.pdbx_gene_src_atcc                 ? 
_entity_src_gen.pdbx_gene_src_organ                ? 
_entity_src_gen.pdbx_gene_src_organelle            ? 
_entity_src_gen.pdbx_gene_src_cell                 ? 
_entity_src_gen.pdbx_gene_src_cellular_location    ? 
_entity_src_gen.host_org_common_name               ? 
_entity_src_gen.pdbx_host_org_scientific_name      'Escherichia coli' 
_entity_src_gen.pdbx_host_org_ncbi_taxonomy_id     562 
_entity_src_gen.host_org_genus                     ? 
_entity_src_gen.pdbx_host_org_gene                 ? 
_entity_src_gen.pdbx_host_org_organ                ? 
_entity_src_gen.host_org_species                   ? 
_entity_src_gen.pdbx_host_org_tissue               ? 
_entity_src_gen.pdbx_host_org_tissue_fraction      ? 
_entity_src_gen.pdbx_host_org_strain               ? 
_entity_src_gen.pdbx_host_org_variant              ? 
_entity_src_gen.pdbx_host_org_cell_line            ? 
_entity_src_gen.pdbx_host_org_atcc                 ? 
_entity_src_gen.pdbx_host_org_culture_collection   ? 
_entity_src_gen.pdbx_host_org_cell                 ? 
_entity_src_gen.pdbx_host_org_organelle            ? 
_entity_src_gen.pdbx_host_org_cellular_location    ? 
_entity_src_gen.pdbx_host_org_vector_type          ? 
_entity_src_gen.pdbx_host_org_vector               ? 
_entity_src_gen.host_org_details                   ? 
_entity_src_gen.expression_system_id               ? 
_entity_src_gen.plasmid_name                       ? 
_entity_src_gen.plasmid_details                    ? 
_entity_src_gen.pdbx_description                   ? 
# 
_struct_ref.id                         1 
_struct_ref.db_name                    UNP 
_struct_ref.db_code                    D1A230_THECD 
_struct_ref.pdbx_db_accession          D1A230 
_struct_ref.pdbx_db_isoform            ? 
_struct_ref.entity_id                  1 
_struct_ref.pdbx_seq_one_letter_code   
;MSRVQLALRVPDLEASIGFYSKLFGTGPAKVRPGYANFAIAEPPLKLVLIEGAGEDATRLDHLGVEVEDSAQVGHAARRL
KESGLATVEENDTACCYAVQDKVWVTGPGGEPWEVYVVKGDAD
;
_struct_ref.pdbx_align_begin           1 
# 
_struct_ref_seq.align_id                      1 
_struct_ref_seq.ref_id                        1 
_struct_ref_seq.pdbx_PDB_id_code              5C68 
_struct_ref_seq.pdbx_strand_id                A 
_struct_ref_seq.seq_align_beg                 4 
_struct_ref_seq.pdbx_seq_align_beg_ins_code   ? 
_struct_ref_seq.seq_align_end                 126 
_struct_ref_seq.pdbx_seq_align_end_ins_code   ? 
_struct_ref_seq.pdbx_db_accession             D1A230 
_struct_ref_seq.db_align_beg                  1 
_struct_ref_seq.pdbx_db_align_beg_ins_code    ? 
_struct_ref_seq.db_align_end                  123 
_struct_ref_seq.pdbx_db_align_end_ins_code    ? 
_struct_ref_seq.pdbx_auth_seq_align_beg       4 
_struct_ref_seq.pdbx_auth_seq_align_end       126 
# 
loop_
_struct_ref_seq_dif.align_id 
_struct_ref_seq_dif.pdbx_pdb_id_code 
_struct_ref_seq_dif.mon_id 
_struct_ref_seq_dif.pdbx_pdb_strand_id 
_struct_ref_seq_dif.seq_num 
_struct_ref_seq_dif.pdbx_pdb_ins_code 
_struct_ref_seq_dif.pdbx_seq_db_name 
_struct_ref_seq_dif.pdbx_seq_db_accession_code 
_struct_ref_seq_dif.db_mon_id 
_struct_ref_seq_dif.pdbx_seq_db_seq_num 
_struct_ref_seq_dif.details 
_struct_ref_seq_dif.pdbx_auth_seq_num 
_struct_ref_seq_dif.pdbx_ordinal 
1 5C68 GLY A 1 ? UNP D1A230 ? ? 'expression tag' 1 1 
1 5C68 SER A 2 ? UNP D1A230 ? ? 'expression tag' 2 2 
1 5C68 HIS A 3 ? UNP D1A230 ? ? 'expression tag' 3 3 
# 
loop_
_chem_comp.id 
_chem_comp.type 
_chem_comp.mon_nstd_flag 
_chem_comp.name 
_chem_comp.pdbx_synonyms 
_chem_comp.formula 
_chem_comp.formula_weight 
ALA 'L-peptide linking' y ALANINE           ? 'C3 H7 N O2'     89.093  
ARG 'L-peptide linking' y ARGININE          ? 'C6 H15 N4 O2 1' 175.209 
ASN 'L-peptide linking' y ASPARAGINE        ? 'C4 H8 N2 O3'    132.118 
ASP 'L-peptide linking' y 'ASPARTIC ACID'   ? 'C4 H7 N O4'     133.103 
CYS 'L-peptide linking' y CYSTEINE          ? 'C3 H7 N O2 S'   121.158 
GLN 'L-peptide linking' y GLUTAMINE         ? 'C5 H10 N2 O3'   146.144 
GLU 'L-peptide linking' y 'GLUTAMIC ACID'   ? 'C5 H9 N O4'     147.129 
GLY 'peptide linking'   y GLYCINE           ? 'C2 H5 N O2'     75.067  
HIS 'L-peptide linking' y HISTIDINE         ? 'C6 H10 N3 O2 1' 156.162 
HOH non-polymer         . WATER             ? 'H2 O'           18.015  
ILE 'L-peptide linking' y ISOLEUCINE        ? 'C6 H13 N O2'    131.173 
LEU 'L-peptide linking' y LEUCINE           ? 'C6 H13 N O2'    131.173 
LYS 'L-peptide linking' y LYSINE            ? 'C6 H15 N2 O2 1' 147.195 
MET 'L-peptide linking' y METHIONINE        ? 'C5 H11 N O2 S'  149.211 
NA  non-polymer         . 'SODIUM ION'      ? 'Na 1'           22.990  
NI  non-polymer         . 'NICKEL (II) ION' ? 'Ni 2'           58.693  
PHE 'L-peptide linking' y PHENYLALANINE     ? 'C9 H11 N O2'    165.189 
PRO 'L-peptide linking' y PROLINE           ? 'C5 H9 N O2'     115.130 
SER 'L-peptide linking' y SERINE            ? 'C3 H7 N O3'     105.093 
THR 'L-peptide linking' y THREONINE         ? 'C4 H9 N O3'     119.119 
TRP 'L-peptide linking' y TRYPTOPHAN        ? 'C11 H12 N2 O2'  204.225 
TYR 'L-peptide linking' y TYROSINE          ? 'C9 H11 N O3'    181.189 
VAL 'L-peptide linking' y VALINE            ? 'C5 H11 N O2'    117.146 
# 
_exptl.absorpt_coefficient_mu     ? 
_exptl.absorpt_correction_T_max   ? 
_exptl.absorpt_correction_T_min   ? 
_exptl.absorpt_correction_type    ? 
_exptl.absorpt_process_details    ? 
_exptl.entry_id                   5C68 
_exptl.crystals_number            ? 
_exptl.details                    ? 
_exptl.method                     'X-RAY DIFFRACTION' 
_exptl.method_details             ? 
# 
_exptl_crystal.colour                      ? 
_exptl_crystal.density_diffrn              ? 
_exptl_crystal.density_Matthews            1.96 
_exptl_crystal.density_method              ? 
_exptl_crystal.density_percent_sol         37.36 
_exptl_crystal.description                 ? 
_exptl_crystal.F_000                       ? 
_exptl_crystal.id                          1 
_exptl_crystal.preparation                 ? 
_exptl_crystal.size_max                    ? 
_exptl_crystal.size_mid                    ? 
_exptl_crystal.size_min                    ? 
_exptl_crystal.size_rad                    ? 
_exptl_crystal.colour_lustre               ? 
_exptl_crystal.colour_modifier             ? 
_exptl_crystal.colour_primary              ? 
_exptl_crystal.density_meas                ? 
_exptl_crystal.density_meas_esd            ? 
_exptl_crystal.density_meas_gt             ? 
_exptl_crystal.density_meas_lt             ? 
_exptl_crystal.density_meas_temp           ? 
_exptl_crystal.density_meas_temp_esd       ? 
_exptl_crystal.density_meas_temp_gt        ? 
_exptl_crystal.density_meas_temp_lt        ? 
_exptl_crystal.pdbx_crystal_image_url      ? 
_exptl_crystal.pdbx_crystal_image_format   ? 
_exptl_crystal.pdbx_mosaicity              ? 
_exptl_crystal.pdbx_mosaicity_esd          ? 
# 
_exptl_crystal_grow.apparatus       ? 
_exptl_crystal_grow.atmosphere      ? 
_exptl_crystal_grow.crystal_id      1 
_exptl_crystal_grow.details         ? 
_exptl_crystal_grow.method          'VAPOR DIFFUSION, HANGING DROP' 
_exptl_crystal_grow.method_ref      ? 
_exptl_crystal_grow.pH              ? 
_exptl_crystal_grow.pressure        ? 
_exptl_crystal_grow.pressure_esd    ? 
_exptl_crystal_grow.seeding         ? 
_exptl_crystal_grow.seeding_ref     ? 
_exptl_crystal_grow.temp            293 
_exptl_crystal_grow.temp_details    ? 
_exptl_crystal_grow.temp_esd        ? 
_exptl_crystal_grow.time            ? 
_exptl_crystal_grow.pdbx_details    
;0.2 M sodium acetate, 0.1 M
Tris-HCl pH 8.5, 30% PEG 4000
;
_exptl_crystal_grow.pdbx_pH_range   ? 
# 
_diffrn.ambient_environment    ? 
_diffrn.ambient_temp           100 
_diffrn.ambient_temp_details   ? 
_diffrn.ambient_temp_esd       ? 
_diffrn.crystal_id             1 
_diffrn.crystal_support        ? 
_diffrn.crystal_treatment      ? 
_diffrn.details                ? 
_diffrn.id                     1 
_diffrn.ambient_pressure       ? 
_diffrn.ambient_pressure_esd   ? 
_diffrn.ambient_pressure_gt    ? 
_diffrn.ambient_pressure_lt    ? 
_diffrn.ambient_temp_gt        ? 
_diffrn.ambient_temp_lt        ? 
# 
_diffrn_detector.details                      ? 
_diffrn_detector.detector                     'IMAGE PLATE' 
_diffrn_detector.diffrn_id                    1 
_diffrn_detector.type                         'MAR scanner 300 mm plate' 
_diffrn_detector.area_resol_mean              ? 
_diffrn_detector.dtime                        ? 
_diffrn_detector.pdbx_frames_total            ? 
_diffrn_detector.pdbx_collection_time_total   ? 
_diffrn_detector.pdbx_collection_date         2012-11-25 
# 
_diffrn_radiation.collimation                      ? 
_diffrn_radiation.diffrn_id                        1 
_diffrn_radiation.filter_edge                      ? 
_diffrn_radiation.inhomogeneity                    ? 
_diffrn_radiation.monochromator                    'Si(III)' 
_diffrn_radiation.polarisn_norm                    ? 
_diffrn_radiation.polarisn_ratio                   ? 
_diffrn_radiation.probe                            ? 
_diffrn_radiation.type                             ? 
_diffrn_radiation.xray_symbol                      ? 
_diffrn_radiation.wavelength_id                    1 
_diffrn_radiation.pdbx_monochromatic_or_laue_m_l   M 
_diffrn_radiation.pdbx_wavelength_list             ? 
_diffrn_radiation.pdbx_wavelength                  ? 
_diffrn_radiation.pdbx_diffrn_protocol             'SINGLE WAVELENGTH' 
_diffrn_radiation.pdbx_analyzer                    ? 
_diffrn_radiation.pdbx_scattering_type             x-ray 
# 
_diffrn_radiation_wavelength.id           1 
_diffrn_radiation_wavelength.wavelength   1.0088 
_diffrn_radiation_wavelength.wt           1.0 
# 
_diffrn_source.current                     ? 
_diffrn_source.details                     ? 
_diffrn_source.diffrn_id                   1 
_diffrn_source.power                       ? 
_diffrn_source.size                        ? 
_diffrn_source.source                      SYNCHROTRON 
_diffrn_source.target                      ? 
_diffrn_source.type                        'APS BEAMLINE 22-ID' 
_diffrn_source.voltage                     ? 
_diffrn_source.take-off_angle              ? 
_diffrn_source.pdbx_wavelength_list        1.0088 
_diffrn_source.pdbx_wavelength             ? 
_diffrn_source.pdbx_synchrotron_beamline   22-ID 
_diffrn_source.pdbx_synchrotron_site       APS 
# 
_reflns.B_iso_Wilson_estimate            ? 
_reflns.entry_id                         5C68 
_reflns.data_reduction_details           ? 
_reflns.data_reduction_method            ? 
_reflns.d_resolution_high                1.46 
_reflns.d_resolution_low                 50.00 
_reflns.details                          ? 
_reflns.limit_h_max                      ? 
_reflns.limit_h_min                      ? 
_reflns.limit_k_max                      ? 
_reflns.limit_k_min                      ? 
_reflns.limit_l_max                      ? 
_reflns.limit_l_min                      ? 
_reflns.number_all                       ? 
_reflns.number_obs                       19428 
_reflns.observed_criterion               ? 
_reflns.observed_criterion_F_max         ? 
_reflns.observed_criterion_F_min         ? 
_reflns.observed_criterion_I_max         ? 
_reflns.observed_criterion_I_min         ? 
_reflns.observed_criterion_sigma_F       ? 
_reflns.observed_criterion_sigma_I       ? 
_reflns.percent_possible_obs             99.6 
_reflns.R_free_details                   ? 
_reflns.Rmerge_F_all                     ? 
_reflns.Rmerge_F_obs                     ? 
_reflns.Friedel_coverage                 ? 
_reflns.number_gt                        ? 
_reflns.threshold_expression             ? 
_reflns.pdbx_redundancy                  25.3 
_reflns.pdbx_Rmerge_I_obs                0.05 
_reflns.pdbx_Rmerge_I_all                ? 
_reflns.pdbx_Rsym_value                  ? 
_reflns.pdbx_netI_over_av_sigmaI         ? 
_reflns.pdbx_netI_over_sigmaI            54.0 
_reflns.pdbx_res_netI_over_av_sigmaI_2   ? 
_reflns.pdbx_res_netI_over_sigmaI_2      ? 
_reflns.pdbx_chi_squared                 ? 
_reflns.pdbx_scaling_rejects             ? 
_reflns.pdbx_d_res_high_opt              ? 
_reflns.pdbx_d_res_low_opt               ? 
_reflns.pdbx_d_res_opt_method            ? 
_reflns.phase_calculation_details        ? 
_reflns.pdbx_Rrim_I_all                  ? 
_reflns.pdbx_Rpim_I_all                  ? 
_reflns.pdbx_d_opt                       ? 
_reflns.pdbx_number_measured_all         ? 
_reflns.pdbx_diffrn_id                   1 
_reflns.pdbx_ordinal                     1 
_reflns.pdbx_CC_half                     ? 
_reflns.pdbx_R_split                     ? 
# 
_reflns_shell.d_res_high                  1.46 
_reflns_shell.d_res_low                   1.51 
_reflns_shell.meanI_over_sigI_all         ? 
_reflns_shell.meanI_over_sigI_obs         5.3 
_reflns_shell.number_measured_all         ? 
_reflns_shell.number_measured_obs         ? 
_reflns_shell.number_possible             ? 
_reflns_shell.number_unique_all           ? 
_reflns_shell.number_unique_obs           ? 
_reflns_shell.percent_possible_all        96.1 
_reflns_shell.percent_possible_obs        ? 
_reflns_shell.Rmerge_F_all                ? 
_reflns_shell.Rmerge_F_obs                ? 
_reflns_shell.Rmerge_I_all                ? 
_reflns_shell.Rmerge_I_obs                0.44 
_reflns_shell.meanI_over_sigI_gt          ? 
_reflns_shell.meanI_over_uI_all           ? 
_reflns_shell.meanI_over_uI_gt            ? 
_reflns_shell.number_measured_gt          ? 
_reflns_shell.number_unique_gt            ? 
_reflns_shell.percent_possible_gt         ? 
_reflns_shell.Rmerge_F_gt                 ? 
_reflns_shell.Rmerge_I_gt                 ? 
_reflns_shell.pdbx_redundancy             12.0 
_reflns_shell.pdbx_Rsym_value             ? 
_reflns_shell.pdbx_chi_squared            ? 
_reflns_shell.pdbx_netI_over_sigmaI_all   ? 
_reflns_shell.pdbx_netI_over_sigmaI_obs   ? 
_reflns_shell.pdbx_Rrim_I_all             ? 
_reflns_shell.pdbx_Rpim_I_all             ? 
_reflns_shell.pdbx_rejects                ? 
_reflns_shell.pdbx_ordinal                1 
_reflns_shell.pdbx_diffrn_id              1 
_reflns_shell.pdbx_CC_half                ? 
_reflns_shell.pdbx_R_split                ? 
# 
_refine.aniso_B[1][1]                            ? 
_refine.aniso_B[1][2]                            ? 
_refine.aniso_B[1][3]                            ? 
_refine.aniso_B[2][2]                            ? 
_refine.aniso_B[2][3]                            ? 
_refine.aniso_B[3][3]                            ? 
_refine.B_iso_max                                ? 
_refine.B_iso_mean                               ? 
_refine.B_iso_min                                ? 
_refine.correlation_coeff_Fo_to_Fc               ? 
_refine.correlation_coeff_Fo_to_Fc_free          ? 
_refine.details                                  ? 
_refine.diff_density_max                         ? 
_refine.diff_density_max_esd                     ? 
_refine.diff_density_min                         ? 
_refine.diff_density_min_esd                     ? 
_refine.diff_density_rms                         ? 
_refine.diff_density_rms_esd                     ? 
_refine.entry_id                                 5C68 
_refine.pdbx_refine_id                           'X-RAY DIFFRACTION' 
_refine.ls_abs_structure_details                 ? 
_refine.ls_abs_structure_Flack                   ? 
_refine.ls_abs_structure_Flack_esd               ? 
_refine.ls_abs_structure_Rogers                  ? 
_refine.ls_abs_structure_Rogers_esd              ? 
_refine.ls_d_res_high                            1.4618 
_refine.ls_d_res_low                             34.390 
_refine.ls_extinction_coef                       ? 
_refine.ls_extinction_coef_esd                   ? 
_refine.ls_extinction_expression                 ? 
_refine.ls_extinction_method                     ? 
_refine.ls_goodness_of_fit_all                   ? 
_refine.ls_goodness_of_fit_all_esd               ? 
_refine.ls_goodness_of_fit_obs                   ? 
_refine.ls_goodness_of_fit_obs_esd               ? 
_refine.ls_hydrogen_treatment                    ? 
_refine.ls_matrix_type                           ? 
_refine.ls_number_constraints                    ? 
_refine.ls_number_parameters                     ? 
_refine.ls_number_reflns_all                     ? 
_refine.ls_number_reflns_obs                     19387 
_refine.ls_number_reflns_R_free                  992 
_refine.ls_number_reflns_R_work                  ? 
_refine.ls_number_restraints                     ? 
_refine.ls_percent_reflns_obs                    99.86 
_refine.ls_percent_reflns_R_free                 5.12 
_refine.ls_R_factor_all                          ? 
_refine.ls_R_factor_obs                          0.1885 
_refine.ls_R_factor_R_free                       0.2133 
_refine.ls_R_factor_R_free_error                 ? 
_refine.ls_R_factor_R_free_error_details         ? 
_refine.ls_R_factor_R_work                       0.1872 
_refine.ls_R_Fsqd_factor_obs                     ? 
_refine.ls_R_I_factor_obs                        ? 
_refine.ls_redundancy_reflns_all                 ? 
_refine.ls_redundancy_reflns_obs                 ? 
_refine.ls_restrained_S_all                      ? 
_refine.ls_restrained_S_obs                      ? 
_refine.ls_shift_over_esd_max                    ? 
_refine.ls_shift_over_esd_mean                   ? 
_refine.ls_structure_factor_coef                 ? 
_refine.ls_weighting_details                     ? 
_refine.ls_weighting_scheme                      ? 
_refine.ls_wR_factor_all                         ? 
_refine.ls_wR_factor_obs                         ? 
_refine.ls_wR_factor_R_free                      ? 
_refine.ls_wR_factor_R_work                      ? 
_refine.occupancy_max                            ? 
_refine.occupancy_min                            ? 
_refine.solvent_model_details                    'FLAT BULK SOLVENT MODEL' 
_refine.solvent_model_param_bsol                 ? 
_refine.solvent_model_param_ksol                 ? 
_refine.ls_R_factor_gt                           ? 
_refine.ls_goodness_of_fit_gt                    ? 
_refine.ls_goodness_of_fit_ref                   ? 
_refine.ls_shift_over_su_max                     ? 
_refine.ls_shift_over_su_max_lt                  ? 
_refine.ls_shift_over_su_mean                    ? 
_refine.ls_shift_over_su_mean_lt                 ? 
_refine.pdbx_ls_sigma_I                          ? 
_refine.pdbx_ls_sigma_F                          1.35 
_refine.pdbx_ls_sigma_Fsqd                       ? 
_refine.pdbx_data_cutoff_high_absF               ? 
_refine.pdbx_data_cutoff_high_rms_absF           ? 
_refine.pdbx_data_cutoff_low_absF                ? 
_refine.pdbx_isotropic_thermal_model             ? 
_refine.pdbx_ls_cross_valid_method               'FREE R-VALUE' 
_refine.pdbx_method_to_determine_struct          'MOLECULAR REPLACEMENT' 
_refine.pdbx_starting_model                      5C4P 
_refine.pdbx_stereochemistry_target_values       ML 
_refine.pdbx_R_Free_selection_details            ? 
_refine.pdbx_stereochem_target_val_spec_case     ? 
_refine.pdbx_overall_ESU_R                       ? 
_refine.pdbx_overall_ESU_R_Free                  ? 
_refine.pdbx_solvent_vdw_probe_radii             1.11 
_refine.pdbx_solvent_ion_probe_radii             ? 
_refine.pdbx_solvent_shrinkage_radii             0.90 
_refine.pdbx_real_space_R                        ? 
_refine.pdbx_density_correlation                 ? 
_refine.pdbx_pd_number_of_powder_patterns        ? 
_refine.pdbx_pd_number_of_points                 ? 
_refine.pdbx_pd_meas_number_of_points            ? 
_refine.pdbx_pd_proc_ls_prof_R_factor            ? 
_refine.pdbx_pd_proc_ls_prof_wR_factor           ? 
_refine.pdbx_pd_Marquardt_correlation_coeff      ? 
_refine.pdbx_pd_Fsqrd_R_factor                   ? 
_refine.pdbx_pd_ls_matrix_band_width             ? 
_refine.pdbx_overall_phase_error                 18.80 
_refine.pdbx_overall_SU_R_free_Cruickshank_DPI   ? 
_refine.pdbx_overall_SU_R_free_Blow_DPI          ? 
_refine.pdbx_overall_SU_R_Blow_DPI               ? 
_refine.pdbx_TLS_residual_ADP_flag               ? 
_refine.pdbx_diffrn_id                           1 
_refine.overall_SU_B                             ? 
_refine.overall_SU_ML                            0.12 
_refine.overall_SU_R_Cruickshank_DPI             ? 
_refine.overall_SU_R_free                        ? 
_refine.overall_FOM_free_R_set                   ? 
_refine.overall_FOM_work_R_set                   ? 
_refine.pdbx_average_fsc_overall                 ? 
_refine.pdbx_average_fsc_work                    ? 
_refine.pdbx_average_fsc_free                    ? 
# 
_refine_hist.pdbx_refine_id                   'X-RAY DIFFRACTION' 
_refine_hist.cycle_id                         LAST 
_refine_hist.pdbx_number_atoms_protein        809 
_refine_hist.pdbx_number_atoms_nucleic_acid   0 
_refine_hist.pdbx_number_atoms_ligand         2 
_refine_hist.number_atoms_solvent             75 
_refine_hist.number_atoms_total               886 
_refine_hist.d_res_high                       1.4618 
_refine_hist.d_res_low                        34.390 
# 
loop_
_refine_ls_restr.pdbx_refine_id 
_refine_ls_restr.criterion 
_refine_ls_restr.dev_ideal 
_refine_ls_restr.dev_ideal_target 
_refine_ls_restr.number 
_refine_ls_restr.rejects 
_refine_ls_restr.type 
_refine_ls_restr.weight 
_refine_ls_restr.pdbx_restraint_function 
'X-RAY DIFFRACTION' ? 0.005  ? 906  ? f_bond_d           ? ? 
'X-RAY DIFFRACTION' ? 1.100  ? 1242 ? f_angle_d          ? ? 
'X-RAY DIFFRACTION' ? 11.870 ? 327  ? f_dihedral_angle_d ? ? 
'X-RAY DIFFRACTION' ? 0.075  ? 139  ? f_chiral_restr     ? ? 
'X-RAY DIFFRACTION' ? 0.006  ? 166  ? f_plane_restr      ? ? 
# 
loop_
_refine_ls_shell.pdbx_refine_id 
_refine_ls_shell.d_res_high 
_refine_ls_shell.d_res_low 
_refine_ls_shell.number_reflns_all 
_refine_ls_shell.number_reflns_obs 
_refine_ls_shell.number_reflns_R_free 
_refine_ls_shell.number_reflns_R_work 
_refine_ls_shell.percent_reflns_obs 
_refine_ls_shell.percent_reflns_R_free 
_refine_ls_shell.R_factor_all 
_refine_ls_shell.R_factor_obs 
_refine_ls_shell.R_factor_R_free 
_refine_ls_shell.R_factor_R_free_error 
_refine_ls_shell.R_factor_R_work 
_refine_ls_shell.redundancy_reflns_all 
_refine_ls_shell.redundancy_reflns_obs 
_refine_ls_shell.wR_factor_all 
_refine_ls_shell.wR_factor_obs 
_refine_ls_shell.wR_factor_R_free 
_refine_ls_shell.wR_factor_R_work 
_refine_ls_shell.pdbx_total_number_of_bins_used 
_refine_ls_shell.pdbx_phase_error 
_refine_ls_shell.pdbx_fsc_work 
_refine_ls_shell.pdbx_fsc_free 
'X-RAY DIFFRACTION' 1.4618 1.5388  . . 126 2557 99.00  . . . 0.2153 . 0.1900 . . . . . . . . . . 
'X-RAY DIFFRACTION' 1.5388 1.6352  . . 138 2574 100.00 . . . 0.2036 . 0.1795 . . . . . . . . . . 
'X-RAY DIFFRACTION' 1.6352 1.7615  . . 146 2571 100.00 . . . 0.2361 . 0.1822 . . . . . . . . . . 
'X-RAY DIFFRACTION' 1.7615 1.9387  . . 150 2576 100.00 . . . 0.1863 . 0.1785 . . . . . . . . . . 
'X-RAY DIFFRACTION' 1.9387 2.2192  . . 167 2597 100.00 . . . 0.1757 . 0.1774 . . . . . . . . . . 
'X-RAY DIFFRACTION' 2.2192 2.7958  . . 135 2669 100.00 . . . 0.2468 . 0.1953 . . . . . . . . . . 
'X-RAY DIFFRACTION' 2.7958 34.3992 . . 130 2851 100.00 . . . 0.2217 . 0.1902 . . . . . . . . . . 
# 
_struct.entry_id                     5C68 
_struct.title                        'Crystal structure of C-As lyase at 1.46 Angstroms resolution' 
_struct.pdbx_model_details           ? 
_struct.pdbx_formula_weight          ? 
_struct.pdbx_formula_weight_method   ? 
_struct.pdbx_model_type_details      ? 
_struct.pdbx_CASP_flag               ? 
# 
_struct_keywords.entry_id        5C68 
_struct_keywords.text            'Arsenic, lyase, dioxygenase, OXIDOREDUCTASE' 
_struct_keywords.pdbx_keywords   OXIDOREDUCTASE 
# 
loop_
_struct_asym.id 
_struct_asym.pdbx_blank_PDB_chainid_flag 
_struct_asym.pdbx_modified 
_struct_asym.entity_id 
_struct_asym.details 
A N N 1 ? 
B N N 2 ? 
C N N 3 ? 
D N N 4 ? 
# 
loop_
_struct_conf.conf_type_id 
_struct_conf.id 
_struct_conf.pdbx_PDB_helix_id 
_struct_conf.beg_label_comp_id 
_struct_conf.beg_label_asym_id 
_struct_conf.beg_label_seq_id 
_struct_conf.pdbx_beg_PDB_ins_code 
_struct_conf.end_label_comp_id 
_struct_conf.end_label_asym_id 
_struct_conf.end_label_seq_id 
_struct_conf.pdbx_end_PDB_ins_code 
_struct_conf.beg_auth_comp_id 
_struct_conf.beg_auth_asym_id 
_struct_conf.beg_auth_seq_id 
_struct_conf.end_auth_comp_id 
_struct_conf.end_auth_asym_id 
_struct_conf.end_auth_seq_id 
_struct_conf.pdbx_PDB_helix_class 
_struct_conf.details 
_struct_conf.pdbx_PDB_helix_length 
HELX_P HELX_P1 AA1 ASP A 15 ? GLY A 28 ? ASP A 15 GLY A 28 1 ? 14 
HELX_P HELX_P2 AA2 ASP A 72 ? SER A 86 ? ASP A 72 SER A 86 1 ? 15 
# 
_struct_conf_type.id          HELX_P 
_struct_conf_type.criteria    ? 
_struct_conf_type.reference   ? 
# 
loop_
_struct_conn.id 
_struct_conn.conn_type_id 
_struct_conn.pdbx_leaving_atom_flag 
_struct_conn.pdbx_PDB_id 
_struct_conn.ptnr1_label_asym_id 
_struct_conn.ptnr1_label_comp_id 
_struct_conn.ptnr1_label_seq_id 
_struct_conn.ptnr1_label_atom_id 
_struct_conn.pdbx_ptnr1_label_alt_id 
_struct_conn.pdbx_ptnr1_PDB_ins_code 
_struct_conn.pdbx_ptnr1_standard_comp_id 
_struct_conn.ptnr1_symmetry 
_struct_conn.ptnr2_label_asym_id 
_struct_conn.ptnr2_label_comp_id 
_struct_conn.ptnr2_label_seq_id 
_struct_conn.ptnr2_label_atom_id 
_struct_conn.pdbx_ptnr2_label_alt_id 
_struct_conn.pdbx_ptnr2_PDB_ins_code 
_struct_conn.ptnr1_auth_asym_id 
_struct_conn.ptnr1_auth_comp_id 
_struct_conn.ptnr1_auth_seq_id 
_struct_conn.ptnr2_auth_asym_id 
_struct_conn.ptnr2_auth_comp_id 
_struct_conn.ptnr2_auth_seq_id 
_struct_conn.ptnr2_symmetry 
_struct_conn.pdbx_ptnr3_label_atom_id 
_struct_conn.pdbx_ptnr3_label_seq_id 
_struct_conn.pdbx_ptnr3_label_comp_id 
_struct_conn.pdbx_ptnr3_label_asym_id 
_struct_conn.pdbx_ptnr3_label_alt_id 
_struct_conn.pdbx_ptnr3_PDB_ins_code 
_struct_conn.details 
_struct_conn.pdbx_dist_value 
_struct_conn.pdbx_value_order 
_struct_conn.pdbx_role 
metalc1 metalc ? ? A GLN 8   OE1 A ? ? 1_555 B NI  . NI ? ? A GLN 8   A NI  201 1_555 ? ? ? ? ? ? ? 2.489 ? ? 
metalc2 metalc ? ? A GLN 8   OE1 B ? ? 1_555 B NI  . NI ? ? A GLN 8   A NI  201 1_555 ? ? ? ? ? ? ? 2.643 ? ? 
metalc3 metalc ? ? A HIS 65  NE2 ? ? ? 1_555 B NI  . NI ? ? A HIS 65  A NI  201 1_555 ? ? ? ? ? ? ? 2.682 ? ? 
metalc4 metalc ? ? A GLU 117 OE2 ? ? ? 1_555 B NI  . NI ? ? A GLU 117 A NI  201 1_555 ? ? ? ? ? ? ? 2.143 ? ? 
metalc5 metalc ? ? B NI  .   NI  ? ? ? 1_555 D HOH . O  ? ? A NI  201 A HOH 347 1_555 ? ? ? ? ? ? ? 2.230 ? ? 
metalc6 metalc ? ? B NI  .   NI  ? ? ? 1_555 D HOH . O  ? ? A NI  201 A HOH 352 1_555 ? ? ? ? ? ? ? 2.550 ? ? 
metalc7 metalc ? ? B NI  .   NI  ? ? ? 1_555 D HOH . O  ? ? A NI  201 A HOH 363 1_555 ? ? ? ? ? ? ? 2.158 ? ? 
# 
_struct_conn_type.id          metalc 
_struct_conn_type.criteria    ? 
_struct_conn_type.reference   ? 
# 
_struct_mon_prot_cis.pdbx_id                1 
_struct_mon_prot_cis.label_comp_id          GLU 
_struct_mon_prot_cis.label_seq_id           45 
_struct_mon_prot_cis.label_asym_id          A 
_struct_mon_prot_cis.label_alt_id           . 
_struct_mon_prot_cis.pdbx_PDB_ins_code      ? 
_struct_mon_prot_cis.auth_comp_id           GLU 
_struct_mon_prot_cis.auth_seq_id            45 
_struct_mon_prot_cis.auth_asym_id           A 
_struct_mon_prot_cis.pdbx_label_comp_id_2   PRO 
_struct_mon_prot_cis.pdbx_label_seq_id_2    46 
_struct_mon_prot_cis.pdbx_label_asym_id_2   A 
_struct_mon_prot_cis.pdbx_PDB_ins_code_2    ? 
_struct_mon_prot_cis.pdbx_auth_comp_id_2    PRO 
_struct_mon_prot_cis.pdbx_auth_seq_id_2     46 
_struct_mon_prot_cis.pdbx_auth_asym_id_2    A 
_struct_mon_prot_cis.pdbx_PDB_model_num     1 
_struct_mon_prot_cis.pdbx_omega_angle       -1.95 
# 
_struct_sheet.id               AA1 
_struct_sheet.type             ? 
_struct_sheet.number_strands   8 
_struct_sheet.details          ? 
# 
loop_
_struct_sheet_order.sheet_id 
_struct_sheet_order.range_id_1 
_struct_sheet_order.range_id_2 
_struct_sheet_order.offset 
_struct_sheet_order.sense 
AA1 1 2 ? anti-parallel 
AA1 2 3 ? anti-parallel 
AA1 3 4 ? parallel      
AA1 4 5 ? anti-parallel 
AA1 5 6 ? parallel      
AA1 6 7 ? anti-parallel 
AA1 7 8 ? anti-parallel 
# 
loop_
_struct_sheet_range.sheet_id 
_struct_sheet_range.id 
_struct_sheet_range.beg_label_comp_id 
_struct_sheet_range.beg_label_asym_id 
_struct_sheet_range.beg_label_seq_id 
_struct_sheet_range.pdbx_beg_PDB_ins_code 
_struct_sheet_range.end_label_comp_id 
_struct_sheet_range.end_label_asym_id 
_struct_sheet_range.end_label_seq_id 
_struct_sheet_range.pdbx_end_PDB_ins_code 
_struct_sheet_range.beg_auth_comp_id 
_struct_sheet_range.beg_auth_asym_id 
_struct_sheet_range.beg_auth_seq_id 
_struct_sheet_range.end_auth_comp_id 
_struct_sheet_range.end_auth_asym_id 
_struct_sheet_range.end_auth_seq_id 
AA1 1 LYS A 33  ? ARG A 35  ? LYS A 33  ARG A 35  
AA1 2 TYR A 38  ? ILE A 43  ? TYR A 38  ILE A 43  
AA1 3 LEU A 48  ? GLU A 54  ? LEU A 48  GLU A 54  
AA1 4 ARG A 6   ? VAL A 13  ? ARG A 6   VAL A 13  
AA1 5 ARG A 62  ? VAL A 70  ? ARG A 62  VAL A 70  
AA1 6 PRO A 115 ? VAL A 120 ? PRO A 115 VAL A 120 
AA1 7 LYS A 105 ? THR A 109 ? LYS A 105 THR A 109 
AA1 8 VAL A 91  ? GLU A 93  ? VAL A 91  GLU A 93  
# 
loop_
_pdbx_struct_sheet_hbond.sheet_id 
_pdbx_struct_sheet_hbond.range_id_1 
_pdbx_struct_sheet_hbond.range_id_2 
_pdbx_struct_sheet_hbond.range_1_label_atom_id 
_pdbx_struct_sheet_hbond.range_1_label_comp_id 
_pdbx_struct_sheet_hbond.range_1_label_asym_id 
_pdbx_struct_sheet_hbond.range_1_label_seq_id 
_pdbx_struct_sheet_hbond.range_1_PDB_ins_code 
_pdbx_struct_sheet_hbond.range_1_auth_atom_id 
_pdbx_struct_sheet_hbond.range_1_auth_comp_id 
_pdbx_struct_sheet_hbond.range_1_auth_asym_id 
_pdbx_struct_sheet_hbond.range_1_auth_seq_id 
_pdbx_struct_sheet_hbond.range_2_label_atom_id 
_pdbx_struct_sheet_hbond.range_2_label_comp_id 
_pdbx_struct_sheet_hbond.range_2_label_asym_id 
_pdbx_struct_sheet_hbond.range_2_label_seq_id 
_pdbx_struct_sheet_hbond.range_2_PDB_ins_code 
_pdbx_struct_sheet_hbond.range_2_auth_atom_id 
_pdbx_struct_sheet_hbond.range_2_auth_comp_id 
_pdbx_struct_sheet_hbond.range_2_auth_asym_id 
_pdbx_struct_sheet_hbond.range_2_auth_seq_id 
AA1 1 2 N ARG A 35  ? N ARG A 35  O TYR A 38  ? O TYR A 38  
AA1 2 3 N ALA A 39  ? N ALA A 39  O LEU A 52  ? O LEU A 52  
AA1 3 4 O ILE A 53  ? O ILE A 53  N LEU A 11  ? N LEU A 11  
AA1 4 5 N ARG A 6   ? N ARG A 6   O GLU A 69  ? O GLU A 69  
AA1 5 6 N VAL A 70  ? N VAL A 70  O TYR A 119 ? O TYR A 119 
AA1 6 7 O TRP A 116 ? O TRP A 116 N VAL A 108 ? N VAL A 108 
AA1 7 8 O TRP A 107 ? O TRP A 107 N VAL A 91  ? N VAL A 91  
# 
loop_
_struct_site.id 
_struct_site.pdbx_evidence_code 
_struct_site.pdbx_auth_asym_id 
_struct_site.pdbx_auth_comp_id 
_struct_site.pdbx_auth_seq_id 
_struct_site.pdbx_auth_ins_code 
_struct_site.pdbx_num_residues 
_struct_site.details 
AC1 Software A NI 201 ? 6 'binding site for residue NI A 201' 
AC2 Software A NA 202 ? 4 'binding site for residue NA A 202' 
# 
loop_
_struct_site_gen.id 
_struct_site_gen.site_id 
_struct_site_gen.pdbx_num_res 
_struct_site_gen.label_comp_id 
_struct_site_gen.label_asym_id 
_struct_site_gen.label_seq_id 
_struct_site_gen.pdbx_auth_ins_code 
_struct_site_gen.auth_comp_id 
_struct_site_gen.auth_asym_id 
_struct_site_gen.auth_seq_id 
_struct_site_gen.label_atom_id 
_struct_site_gen.label_alt_id 
_struct_site_gen.symmetry 
_struct_site_gen.details 
1  AC1 6 GLN A 8   ? GLN A 8   . ? 1_555 ? 
2  AC1 6 HIS A 65  ? HIS A 65  . ? 1_555 ? 
3  AC1 6 GLU A 117 ? GLU A 117 . ? 1_555 ? 
4  AC1 6 HOH D .   ? HOH A 347 . ? 1_555 ? 
5  AC1 6 HOH D .   ? HOH A 352 . ? 1_555 ? 
6  AC1 6 HOH D .   ? HOH A 363 . ? 1_555 ? 
7  AC2 4 ARG A 62  ? ARG A 62  . ? 1_555 ? 
8  AC2 4 ARG A 62  ? ARG A 62  . ? 8_555 ? 
9  AC2 4 LEU A 63  ? LEU A 63  . ? 8_555 ? 
10 AC2 4 LEU A 63  ? LEU A 63  . ? 1_555 ? 
# 
_atom_sites.entry_id                    5C68 
_atom_sites.fract_transf_matrix[1][1]   0.01294095 
_atom_sites.fract_transf_matrix[1][2]   -0.00173087 
_atom_sites.fract_transf_matrix[1][3]   0.01975307 
_atom_sites.fract_transf_matrix[2][1]   -0.00923614 
_atom_sites.fract_transf_matrix[2][2]   -0.02139868 
_atom_sites.fract_transf_matrix[2][3]   0.00417586 
_atom_sites.fract_transf_matrix[3][1]   0.00625437 
_atom_sites.fract_transf_matrix[3][2]   -0.00356000 
_atom_sites.fract_transf_matrix[3][3]   -0.00440941 
_atom_sites.fract_transf_vector[1]      0.169156 
_atom_sites.fract_transf_vector[2]      -0.140915 
_atom_sites.fract_transf_vector[3]      0.183350 
# 
loop_
_atom_type.symbol 
C  
CL 
N  
NA 
NI 
O  
S  
# 
loop_
_atom_site.group_PDB 
_atom_site.id 
_atom_site.type_symbol 
_atom_site.label_atom_id 
_atom_site.label_alt_id 
_atom_site.label_comp_id 
_atom_site.label_asym_id 
_atom_site.label_entity_id 
_atom_site.label_seq_id 
_atom_site.pdbx_PDB_ins_code 
_atom_site.Cartn_x 
_atom_site.Cartn_y 
_atom_site.Cartn_z 
_atom_site.occupancy 
_atom_site.B_iso_or_equiv 
_atom_site.pdbx_formal_charge 
_atom_site.auth_seq_id 
_atom_site.auth_comp_id 
_atom_site.auth_asym_id 
_atom_site.auth_atom_id 
_atom_site.pdbx_PDB_model_num 
ATOM   1   N  N   . MET A 1 4   ? -7.196  -12.945 -5.835  1.00 41.36 ? 4   MET A N   1 
ATOM   2   C  CA  . MET A 1 4   ? -7.373  -11.678 -6.533  1.00 36.23 ? 4   MET A CA  1 
ATOM   3   C  C   . MET A 1 4   ? -6.794  -10.506 -5.739  1.00 30.64 ? 4   MET A C   1 
ATOM   4   O  O   . MET A 1 4   ? -7.035  -9.342  -6.071  1.00 38.18 ? 4   MET A O   1 
ATOM   5   C  CB  . MET A 1 4   ? -8.853  -11.433 -6.837  1.00 39.13 ? 4   MET A CB  1 
ATOM   6   N  N   . SER A 1 5   ? -6.033  -10.812 -4.691  1.00 21.33 ? 5   SER A N   1 
ATOM   7   C  CA  . SER A 1 5   ? -5.365  -9.769  -3.914  1.00 17.16 ? 5   SER A CA  1 
ATOM   8   C  C   . SER A 1 5   ? -4.302  -9.079  -4.765  1.00 15.28 ? 5   SER A C   1 
ATOM   9   O  O   . SER A 1 5   ? -3.849  -9.627  -5.779  1.00 18.21 ? 5   SER A O   1 
ATOM   10  C  CB  . SER A 1 5   ? -4.739  -10.348 -2.645  1.00 19.56 ? 5   SER A CB  1 
ATOM   11  O  OG  . SER A 1 5   ? -3.613  -11.143 -2.940  1.00 23.69 ? 5   SER A OG  1 
ATOM   12  N  N   A ARG A 1 6   ? -3.901  -7.882  -4.354  0.50 13.96 ? 6   ARG A N   1 
ATOM   13  N  N   B ARG A 1 6   ? -3.922  -7.866  -4.371  0.50 13.98 ? 6   ARG A N   1 
ATOM   14  C  CA  A ARG A 1 6   ? -2.866  -7.164  -5.079  0.50 13.45 ? 6   ARG A CA  1 
ATOM   15  C  CA  B ARG A 1 6   ? -2.872  -7.143  -5.076  0.50 13.43 ? 6   ARG A CA  1 
ATOM   16  C  C   A ARG A 1 6   ? -1.952  -6.406  -4.134  0.50 12.30 ? 6   ARG A C   1 
ATOM   17  C  C   B ARG A 1 6   ? -1.968  -6.396  -4.111  0.50 12.30 ? 6   ARG A C   1 
ATOM   18  O  O   A ARG A 1 6   ? -2.347  -6.020  -3.034  0.50 12.91 ? 6   ARG A O   1 
ATOM   19  O  O   B ARG A 1 6   ? -2.377  -6.020  -3.013  0.50 13.00 ? 6   ARG A O   1 
ATOM   20  C  CB  A ARG A 1 6   ? -3.475  -6.217  -6.116  0.50 17.23 ? 6   ARG A CB  1 
ATOM   21  C  CB  B ARG A 1 6   ? -3.454  -6.187  -6.123  0.50 17.24 ? 6   ARG A CB  1 
ATOM   22  C  CG  A ARG A 1 6   ? -4.350  -5.120  -5.541  0.50 16.00 ? 6   ARG A CG  1 
ATOM   23  C  CG  B ARG A 1 6   ? -4.170  -4.973  -5.559  0.50 15.62 ? 6   ARG A CG  1 
ATOM   24  C  CD  A ARG A 1 6   ? -4.984  -4.290  -6.651  0.50 17.79 ? 6   ARG A CD  1 
ATOM   25  C  CD  B ARG A 1 6   ? -5.244  -4.503  -6.523  0.50 20.10 ? 6   ARG A CD  1 
ATOM   26  N  NE  A ARG A 1 6   ? -5.891  -3.274  -6.126  0.50 18.94 ? 6   ARG A NE  1 
ATOM   27  N  NE  B ARG A 1 6   ? -6.054  -5.630  -6.966  0.50 24.46 ? 6   ARG A NE  1 
ATOM   28  C  CZ  A ARG A 1 6   ? -6.586  -2.434  -6.885  0.50 23.38 ? 6   ARG A CZ  1 
ATOM   29  C  CZ  B ARG A 1 6   ? -6.433  -5.835  -8.221  0.50 28.45 ? 6   ARG A CZ  1 
ATOM   30  N  NH1 A ARG A 1 6   ? -6.474  -2.485  -8.207  0.50 21.71 ? 6   ARG A NH1 1 
ATOM   31  N  NH1 B ARG A 1 6   ? -6.088  -4.975  -9.171  0.50 24.24 ? 6   ARG A NH1 1 
ATOM   32  N  NH2 A ARG A 1 6   ? -7.389  -1.543  -6.322  0.50 15.15 ? 6   ARG A NH2 1 
ATOM   33  N  NH2 B ARG A 1 6   ? -7.160  -6.899  -8.525  0.50 34.52 ? 6   ARG A NH2 1 
ATOM   34  N  N   A VAL A 1 7   ? -0.718  -6.207  -4.575  0.53 12.30 ? 7   VAL A N   1 
ATOM   35  N  N   B VAL A 1 7   ? -0.730  -6.185  -4.531  0.47 12.26 ? 7   VAL A N   1 
ATOM   36  C  CA  A VAL A 1 7   ? 0.257   -5.451  -3.812  0.53 13.00 ? 7   VAL A CA  1 
ATOM   37  C  CA  B VAL A 1 7   ? 0.223   -5.465  -3.712  0.47 12.86 ? 7   VAL A CA  1 
ATOM   38  C  C   A VAL A 1 7   ? -0.145  -3.986  -3.734  0.53 11.92 ? 7   VAL A C   1 
ATOM   39  C  C   B VAL A 1 7   ? -0.136  -3.981  -3.661  0.47 11.83 ? 7   VAL A C   1 
ATOM   40  O  O   A VAL A 1 7   ? -0.711  -3.426  -4.686  0.53 12.01 ? 7   VAL A O   1 
ATOM   41  O  O   B VAL A 1 7   ? -0.640  -3.412  -4.642  0.47 12.36 ? 7   VAL A O   1 
ATOM   42  C  CB  A VAL A 1 7   ? 1.654   -5.575  -4.454  0.53 13.01 ? 7   VAL A CB  1 
ATOM   43  C  CB  B VAL A 1 7   ? 1.667   -5.674  -4.236  0.47 12.93 ? 7   VAL A CB  1 
ATOM   44  C  CG1 A VAL A 1 7   ? 2.695   -4.777  -3.685  0.53 18.88 ? 7   VAL A CG1 1 
ATOM   45  C  CG1 B VAL A 1 7   ? 1.827   -5.099  -5.628  0.47 11.50 ? 7   VAL A CG1 1 
ATOM   46  C  CG2 A VAL A 1 7   ? 2.060   -7.034  -4.519  0.53 17.47 ? 7   VAL A CG2 1 
ATOM   47  C  CG2 B VAL A 1 7   ? 2.688   -5.075  -3.287  0.47 17.10 ? 7   VAL A CG2 1 
ATOM   48  N  N   A GLN A 1 8   ? 0.132   -3.392  -2.577  0.50 10.61 ? 8   GLN A N   1 
ATOM   49  N  N   B GLN A 1 8   ? 0.079   -3.379  -2.496  0.50 10.90 ? 8   GLN A N   1 
ATOM   50  C  CA  A GLN A 1 8   ? 0.058   -1.954  -2.380  0.50 10.77 ? 8   GLN A CA  1 
ATOM   51  C  CA  B GLN A 1 8   ? 0.059   -1.929  -2.365  0.50 10.72 ? 8   GLN A CA  1 
ATOM   52  C  C   A GLN A 1 8   ? 1.477   -1.435  -2.206  0.50 11.19 ? 8   GLN A C   1 
ATOM   53  C  C   B GLN A 1 8   ? 1.486   -1.423  -2.212  0.50 11.18 ? 8   GLN A C   1 
ATOM   54  O  O   A GLN A 1 8   ? 2.244   -1.949  -1.376  0.50 11.73 ? 8   GLN A O   1 
ATOM   55  O  O   B GLN A 1 8   ? 2.253   -1.924  -1.375  0.50 11.80 ? 8   GLN A O   1 
ATOM   56  C  CB  A GLN A 1 8   ? -0.757  -1.615  -1.132  0.50 12.06 ? 8   GLN A CB  1 
ATOM   57  C  CB  B GLN A 1 8   ? -0.767  -1.466  -1.164  0.50 12.53 ? 8   GLN A CB  1 
ATOM   58  C  CG  A GLN A 1 8   ? -0.860  -0.111  -0.849  0.50 12.46 ? 8   GLN A CG  1 
ATOM   59  C  CG  B GLN A 1 8   ? -0.637  0.053   -0.950  0.50 13.28 ? 8   GLN A CG  1 
ATOM   60  C  CD  A GLN A 1 8   ? -1.168  0.207   0.609   0.50 14.30 ? 8   GLN A CD  1 
ATOM   61  C  CD  B GLN A 1 8   ? -1.358  0.581   0.277   0.50 20.45 ? 8   GLN A CD  1 
ATOM   62  O  OE1 A GLN A 1 8   ? -2.026  1.040   0.905   0.50 17.26 ? 8   GLN A OE1 1 
ATOM   63  O  OE1 B GLN A 1 8   ? -0.737  1.147   1.172   0.50 26.22 ? 8   GLN A OE1 1 
ATOM   64  N  NE2 A GLN A 1 8   ? -0.460  -0.443  1.523   0.50 13.10 ? 8   GLN A NE2 1 
ATOM   65  N  NE2 B GLN A 1 8   ? -2.672  0.443   0.302   0.50 20.74 ? 8   GLN A NE2 1 
ATOM   66  N  N   A LEU A 1 9   ? 1.824   -0.431  -3.002  0.55 10.81 ? 9   LEU A N   1 
ATOM   67  N  N   B LEU A 1 9   ? 1.839   -0.442  -3.036  0.45 10.84 ? 9   LEU A N   1 
ATOM   68  C  CA  A LEU A 1 9   ? 3.104   0.256   -2.900  0.55 10.17 ? 9   LEU A CA  1 
ATOM   69  C  CA  B LEU A 1 9   ? 3.101   0.271   -2.909  0.45 10.19 ? 9   LEU A CA  1 
ATOM   70  C  C   A LEU A 1 9   ? 2.815   1.703   -2.529  0.55 9.76  ? 9   LEU A C   1 
ATOM   71  C  C   B LEU A 1 9   ? 2.783   1.704   -2.516  0.45 9.76  ? 9   LEU A C   1 
ATOM   72  O  O   A LEU A 1 9   ? 2.201   2.421   -3.307  0.55 11.20 ? 9   LEU A O   1 
ATOM   73  O  O   B LEU A 1 9   ? 2.126   2.418   -3.263  0.45 11.20 ? 9   LEU A O   1 
ATOM   74  C  CB  A LEU A 1 9   ? 3.837   0.204   -4.243  0.55 12.63 ? 9   LEU A CB  1 
ATOM   75  C  CB  B LEU A 1 9   ? 3.862   0.266   -4.237  0.45 12.58 ? 9   LEU A CB  1 
ATOM   76  C  CG  A LEU A 1 9   ? 5.112   1.039   -4.364  0.55 11.16 ? 9   LEU A CG  1 
ATOM   77  C  CG  B LEU A 1 9   ? 4.278   -1.076  -4.838  0.45 11.82 ? 9   LEU A CG  1 
ATOM   78  C  CD1 A LEU A 1 9   ? 6.152   0.532   -3.393  0.55 11.15 ? 9   LEU A CD1 1 
ATOM   79  C  CD1 B LEU A 1 9   ? 4.950   -0.858  -6.183  0.45 16.25 ? 9   LEU A CD1 1 
ATOM   80  C  CD2 A LEU A 1 9   ? 5.650   0.986   -5.777  0.55 12.76 ? 9   LEU A CD2 1 
ATOM   81  C  CD2 B LEU A 1 9   ? 5.199   -1.834  -3.900  0.45 14.75 ? 9   LEU A CD2 1 
ATOM   82  N  N   . ALA A 1 10  ? 3.241   2.121   -1.342  1.00 10.25 ? 10  ALA A N   1 
ATOM   83  C  CA  . ALA A 1 10  ? 3.068   3.509   -0.915  1.00 9.25  ? 10  ALA A CA  1 
ATOM   84  C  C   . ALA A 1 10  ? 4.413   4.218   -0.899  1.00 12.31 ? 10  ALA A C   1 
ATOM   85  O  O   . ALA A 1 10  ? 5.338   3.829   -0.170  1.00 12.30 ? 10  ALA A O   1 
ATOM   86  C  CB  . ALA A 1 10  ? 2.387   3.581   0.447   1.00 11.99 ? 10  ALA A CB  1 
ATOM   87  N  N   . LEU A 1 11  ? 4.503   5.265   -1.714  1.00 10.17 ? 11  LEU A N   1 
ATOM   88  C  CA  . LEU A 1 11  ? 5.728   6.035   -1.898  1.00 12.03 ? 11  LEU A CA  1 
ATOM   89  C  C   . LEU A 1 11  ? 5.566   7.421   -1.299  1.00 11.57 ? 11  LEU A C   1 
ATOM   90  O  O   . LEU A 1 11  ? 4.531   8.069   -1.495  1.00 13.26 ? 11  LEU A O   1 
ATOM   91  C  CB  . LEU A 1 11  ? 6.054   6.173   -3.388  1.00 12.58 ? 11  LEU A CB  1 
ATOM   92  C  CG  . LEU A 1 11  ? 6.270   4.879   -4.181  1.00 10.24 ? 11  LEU A CG  1 
ATOM   93  C  CD1 . LEU A 1 11  ? 6.503   5.180   -5.657  1.00 14.20 ? 11  LEU A CD1 1 
ATOM   94  C  CD2 . LEU A 1 11  ? 7.441   4.100   -3.596  1.00 15.84 ? 11  LEU A CD2 1 
ATOM   95  N  N   . ARG A 1 12  ? 6.577   7.865   -0.561  1.00 10.81 ? 12  ARG A N   1 
ATOM   96  C  CA  . ARG A 1 12  ? 6.648   9.248   -0.090  1.00 12.18 ? 12  ARG A CA  1 
ATOM   97  C  C   . ARG A 1 12  ? 7.429   10.018  -1.158  1.00 11.25 ? 12  ARG A C   1 
ATOM   98  O  O   . ARG A 1 12  ? 8.621   9.755   -1.379  1.00 12.42 ? 12  ARG A O   1 
ATOM   99  C  CB  . ARG A 1 12  ? 7.371   9.301   1.258   1.00 13.37 ? 12  ARG A CB  1 
ATOM   100 C  CG  . ARG A 1 12  ? 7.443   10.684  1.888   1.00 16.88 ? 12  ARG A CG  1 
ATOM   101 C  CD  . ARG A 1 12  ? 6.116   11.099  2.478   1.00 26.65 ? 12  ARG A CD  1 
ATOM   102 N  NE  . ARG A 1 12  ? 5.725   10.236  3.589   1.00 36.51 ? 12  ARG A NE  1 
ATOM   103 C  CZ  . ARG A 1 12  ? 4.932   10.619  4.583   1.00 39.07 ? 12  ARG A CZ  1 
ATOM   104 N  NH1 . ARG A 1 12  ? 4.455   11.857  4.609   1.00 41.18 ? 12  ARG A NH1 1 
ATOM   105 N  NH2 . ARG A 1 12  ? 4.621   9.772   5.556   1.00 40.17 ? 12  ARG A NH2 1 
ATOM   106 N  N   . VAL A 1 13  ? 6.756   10.946  -1.835  1.00 12.11 ? 13  VAL A N   1 
ATOM   107 C  CA  . VAL A 1 13  ? 7.329   11.661  -2.978  1.00 14.30 ? 13  VAL A CA  1 
ATOM   108 C  C   . VAL A 1 13  ? 7.514   13.153  -2.693  1.00 15.54 ? 13  VAL A C   1 
ATOM   109 O  O   . VAL A 1 13  ? 6.673   13.774  -2.049  1.00 15.66 ? 13  VAL A O   1 
ATOM   110 C  CB  . VAL A 1 13  ? 6.474   11.465  -4.252  1.00 12.31 ? 13  VAL A CB  1 
ATOM   111 C  CG1 . VAL A 1 13  ? 6.381   9.983   -4.591  1.00 13.14 ? 13  VAL A CG1 1 
ATOM   112 C  CG2 . VAL A 1 13  ? 5.070   12.053  -4.074  1.00 15.53 ? 13  VAL A CG2 1 
ATOM   113 N  N   . PRO A 1 14  ? 8.621   13.735  -3.170  1.00 15.20 ? 14  PRO A N   1 
ATOM   114 C  CA  . PRO A 1 14  ? 8.839   15.162  -2.906  1.00 16.54 ? 14  PRO A CA  1 
ATOM   115 C  C   . PRO A 1 14  ? 7.858   16.054  -3.662  1.00 17.02 ? 14  PRO A C   1 
ATOM   116 O  O   . PRO A 1 14  ? 7.531   17.140  -3.181  1.00 19.73 ? 14  PRO A O   1 
ATOM   117 C  CB  . PRO A 1 14  ? 10.261  15.404  -3.425  1.00 19.09 ? 14  PRO A CB  1 
ATOM   118 C  CG  . PRO A 1 14  ? 10.900  14.060  -3.489  1.00 22.24 ? 14  PRO A CG  1 
ATOM   119 C  CD  . PRO A 1 14  ? 9.790   13.093  -3.791  1.00 16.95 ? 14  PRO A CD  1 
ATOM   120 N  N   . ASP A 1 15  ? 7.391   15.594  -4.818  1.00 15.52 ? 15  ASP A N   1 
ATOM   121 C  CA  . ASP A 1 15  ? 6.564   16.406  -5.700  1.00 16.28 ? 15  ASP A CA  1 
ATOM   122 C  C   . ASP A 1 15  ? 5.352   15.592  -6.130  1.00 14.22 ? 15  ASP A C   1 
ATOM   123 O  O   . ASP A 1 15  ? 5.417   14.800  -7.077  1.00 14.43 ? 15  ASP A O   1 
ATOM   124 C  CB  . ASP A 1 15  ? 7.376   16.839  -6.923  1.00 20.45 ? 15  ASP A CB  1 
ATOM   125 C  CG  . ASP A 1 15  ? 6.677   17.902  -7.755  1.00 25.52 ? 15  ASP A CG  1 
ATOM   126 O  OD1 . ASP A 1 15  ? 5.426   17.961  -7.761  1.00 20.72 ? 15  ASP A OD1 1 
ATOM   127 O  OD2 . ASP A 1 15  ? 7.395   18.674  -8.430  1.00 30.25 ? 15  ASP A OD2 1 
ATOM   128 N  N   . LEU A 1 16  ? 4.247   15.787  -5.422  1.00 14.46 ? 16  LEU A N   1 
ATOM   129 C  CA  . LEU A 1 16  ? 3.038   15.017  -5.690  1.00 12.98 ? 16  LEU A CA  1 
ATOM   130 C  C   . LEU A 1 16  ? 2.514   15.228  -7.108  1.00 14.63 ? 16  LEU A C   1 
ATOM   131 O  O   . LEU A 1 16  ? 2.174   14.273  -7.806  1.00 14.64 ? 16  LEU A O   1 
ATOM   132 C  CB  . LEU A 1 16  ? 1.955   15.337  -4.665  1.00 14.54 ? 16  LEU A CB  1 
ATOM   133 C  CG  . LEU A 1 16  ? 0.641   14.581  -4.871  1.00 14.18 ? 16  LEU A CG  1 
ATOM   134 C  CD1 . LEU A 1 16  ? 0.831   13.073  -4.684  1.00 19.01 ? 16  LEU A CD1 1 
ATOM   135 C  CD2 . LEU A 1 16  ? -0.414  15.096  -3.917  1.00 18.79 ? 16  LEU A CD2 1 
ATOM   136 N  N   . GLU A 1 17  ? 2.455   16.482  -7.547  1.00 14.81 ? 17  GLU A N   1 
ATOM   137 C  CA  . GLU A 1 17  ? 1.945   16.778  -8.878  1.00 14.32 ? 17  GLU A CA  1 
ATOM   138 C  C   . GLU A 1 17  ? 2.809   16.168  -9.981  1.00 12.78 ? 17  GLU A C   1 
ATOM   139 O  O   . GLU A 1 17  ? 2.288   15.572  -10.924 1.00 14.01 ? 17  GLU A O   1 
ATOM   140 C  CB  . GLU A 1 17  ? 1.780   18.292  -9.045  1.00 16.20 ? 17  GLU A CB  1 
ATOM   141 C  CG  . GLU A 1 17  ? 0.666   18.825  -8.149  1.00 22.63 ? 17  GLU A CG  1 
ATOM   142 C  CD  . GLU A 1 17  ? 0.612   20.331  -8.078  1.00 27.22 ? 17  GLU A CD  1 
ATOM   143 O  OE1 . GLU A 1 17  ? 1.574   20.998  -8.515  1.00 32.78 ? 17  GLU A OE1 1 
ATOM   144 O  OE2 . GLU A 1 17  ? -0.407  20.846  -7.577  1.00 21.19 ? 17  GLU A OE2 1 
ATOM   145 N  N   . ALA A 1 18  ? 4.126   16.286  -9.846  1.00 14.62 ? 18  ALA A N   1 
ATOM   146 C  CA  . ALA A 1 18  ? 5.016   15.689  -10.836 1.00 14.49 ? 18  ALA A CA  1 
ATOM   147 C  C   . ALA A 1 18  ? 4.856   14.169  -10.845 1.00 12.14 ? 18  ALA A C   1 
ATOM   148 O  O   . ALA A 1 18  ? 4.850   13.541  -11.907 1.00 13.14 ? 18  ALA A O   1 
ATOM   149 C  CB  . ALA A 1 18  ? 6.455   16.073  -10.549 1.00 15.19 ? 18  ALA A CB  1 
ATOM   150 N  N   . SER A 1 19  ? 4.704   13.594  -9.655  1.00 12.24 ? 19  SER A N   1 
ATOM   151 C  CA  . SER A 1 19  ? 4.569   12.148  -9.538  1.00 11.40 ? 19  SER A CA  1 
ATOM   152 C  C   . SER A 1 19  ? 3.264   11.646  -10.146 1.00 12.03 ? 19  SER A C   1 
ATOM   153 O  O   . SER A 1 19  ? 3.241   10.616  -10.816 1.00 11.90 ? 19  SER A O   1 
ATOM   154 C  CB  . SER A 1 19  ? 4.708   11.708  -8.082  1.00 12.07 ? 19  SER A CB  1 
ATOM   155 O  OG  . SER A 1 19  ? 6.018   11.987  -7.606  1.00 14.62 ? 19  SER A OG  1 
ATOM   156 N  N   . ILE A 1 20  ? 2.169   12.372  -9.921  1.00 12.14 ? 20  ILE A N   1 
ATOM   157 C  CA  . ILE A 1 20  ? 0.905   11.998  -10.546 1.00 13.18 ? 20  ILE A CA  1 
ATOM   158 C  C   . ILE A 1 20  ? 1.030   11.949  -12.074 1.00 12.70 ? 20  ILE A C   1 
ATOM   159 O  O   . ILE A 1 20  ? 0.563   11.003  -12.726 1.00 13.59 ? 20  ILE A O   1 
ATOM   160 C  CB  . ILE A 1 20  ? -0.239  12.937  -10.105 1.00 12.50 ? 20  ILE A CB  1 
ATOM   161 C  CG1 . ILE A 1 20  ? -0.570  12.693  -8.637  1.00 11.52 ? 20  ILE A CG1 1 
ATOM   162 C  CG2 . ILE A 1 20  ? -1.473  12.720  -10.970 1.00 16.36 ? 20  ILE A CG2 1 
ATOM   163 C  CD1 . ILE A 1 20  ? -1.531  13.736  -8.053  1.00 13.88 ? 20  ILE A CD1 1 
ATOM   164 N  N   . GLY A 1 21  ? 1.703   12.945  -12.641 1.00 12.63 ? 21  GLY A N   1 
ATOM   165 C  CA  . GLY A 1 21  ? 1.913   12.985  -14.079 1.00 14.30 ? 21  GLY A CA  1 
ATOM   166 C  C   . GLY A 1 21  ? 2.740   11.812  -14.578 1.00 14.01 ? 21  GLY A C   1 
ATOM   167 O  O   . GLY A 1 21  ? 2.389   11.163  -15.562 1.00 16.65 ? 21  GLY A O   1 
ATOM   168 N  N   . PHE A 1 22  ? 3.827   11.528  -13.870 1.00 13.48 ? 22  PHE A N   1 
ATOM   169 C  CA  . PHE A 1 22  ? 4.694   10.417  -14.244 1.00 13.51 ? 22  PHE A CA  1 
ATOM   170 C  C   . PHE A 1 22  ? 3.960   9.078   -14.214 1.00 13.34 ? 22  PHE A C   1 
ATOM   171 O  O   . PHE A 1 22  ? 4.038   8.292   -15.156 1.00 13.19 ? 22  PHE A O   1 
ATOM   172 C  CB  . PHE A 1 22  ? 5.901   10.374  -13.317 1.00 12.38 ? 22  PHE A CB  1 
ATOM   173 C  CG  . PHE A 1 22  ? 6.792   9.189   -13.541 1.00 11.34 ? 22  PHE A CG  1 
ATOM   174 C  CD1 . PHE A 1 22  ? 7.740   9.191   -14.562 1.00 13.80 ? 22  PHE A CD1 1 
ATOM   175 C  CD2 . PHE A 1 22  ? 6.701   8.078   -12.719 1.00 13.36 ? 22  PHE A CD2 1 
ATOM   176 C  CE1 . PHE A 1 22  ? 8.569   8.091   -14.764 1.00 16.25 ? 22  PHE A CE1 1 
ATOM   177 C  CE2 . PHE A 1 22  ? 7.527   6.977   -12.911 1.00 16.09 ? 22  PHE A CE2 1 
ATOM   178 C  CZ  . PHE A 1 22  ? 8.459   6.984   -13.941 1.00 15.08 ? 22  PHE A CZ  1 
ATOM   179 N  N   . TYR A 1 23  ? 3.254   8.812   -13.123 1.00 10.63 ? 23  TYR A N   1 
ATOM   180 C  CA  . TYR A 1 23  ? 2.580   7.530   -12.974 1.00 11.14 ? 23  TYR A CA  1 
ATOM   181 C  C   . TYR A 1 23  ? 1.368   7.369   -13.880 1.00 11.51 ? 23  TYR A C   1 
ATOM   182 O  O   . TYR A 1 23  ? 1.037   6.254   -14.277 1.00 12.84 ? 23  TYR A O   1 
ATOM   183 C  CB  . TYR A 1 23  ? 2.278   7.256   -11.494 1.00 11.41 ? 23  TYR A CB  1 
ATOM   184 C  CG  . TYR A 1 23  ? 3.554   6.885   -10.768 1.00 11.74 ? 23  TYR A CG  1 
ATOM   185 C  CD1 . TYR A 1 23  ? 4.202   5.692   -11.064 1.00 11.49 ? 23  TYR A CD1 1 
ATOM   186 C  CD2 . TYR A 1 23  ? 4.149   7.742   -9.848  1.00 12.38 ? 23  TYR A CD2 1 
ATOM   187 C  CE1 . TYR A 1 23  ? 5.390   5.348   -10.448 1.00 11.74 ? 23  TYR A CE1 1 
ATOM   188 C  CE2 . TYR A 1 23  ? 5.350   7.399   -9.217  1.00 12.62 ? 23  TYR A CE2 1 
ATOM   189 C  CZ  . TYR A 1 23  ? 5.956   6.194   -9.523  1.00 10.71 ? 23  TYR A CZ  1 
ATOM   190 O  OH  . TYR A 1 23  ? 7.150   5.840   -8.934  1.00 12.03 ? 23  TYR A OH  1 
ATOM   191 N  N   . SER A 1 24  ? 0.734   8.487   -14.226 1.00 13.47 ? 24  SER A N   1 
ATOM   192 C  CA  . SER A 1 24  ? -0.345  8.462   -15.198 1.00 15.45 ? 24  SER A CA  1 
ATOM   193 C  C   . SER A 1 24  ? 0.191   7.991   -16.547 1.00 14.44 ? 24  SER A C   1 
ATOM   194 O  O   . SER A 1 24  ? -0.452  7.200   -17.238 1.00 16.18 ? 24  SER A O   1 
ATOM   195 C  CB  . SER A 1 24  ? -1.000  9.837   -15.323 1.00 14.28 ? 24  SER A CB  1 
ATOM   196 O  OG  . SER A 1 24  ? -1.677  10.189  -14.123 1.00 16.91 ? 24  SER A OG  1 
ATOM   197 N  N   . LYS A 1 25  ? 1.387   8.454   -16.903 1.00 14.22 ? 25  LYS A N   1 
ATOM   198 C  CA  . LYS A 1 25  ? 2.042   8.011   -18.130 1.00 13.91 ? 25  LYS A CA  1 
ATOM   199 C  C   . LYS A 1 25  ? 2.517   6.558   -18.036 1.00 15.09 ? 25  LYS A C   1 
ATOM   200 O  O   . LYS A 1 25  ? 2.269   5.756   -18.942 1.00 17.49 ? 25  LYS A O   1 
ATOM   201 C  CB  . LYS A 1 25  ? 3.203   8.942   -18.485 1.00 14.29 ? 25  LYS A CB  1 
ATOM   202 C  CG  . LYS A 1 25  ? 2.754   10.327  -18.927 1.00 16.35 ? 25  LYS A CG  1 
ATOM   203 C  CD  . LYS A 1 25  ? 3.937   11.221  -19.253 1.00 19.65 ? 25  LYS A CD  1 
ATOM   204 C  CE  . LYS A 1 25  ? 3.482   12.597  -19.732 1.00 27.94 ? 25  LYS A CE  1 
ATOM   205 N  NZ  . LYS A 1 25  ? 2.859   13.391  -18.642 1.00 47.92 ? 25  LYS A NZ  1 
ATOM   206 N  N   . LEU A 1 26  ? 3.183   6.206   -16.939 1.00 14.01 ? 26  LEU A N   1 
ATOM   207 C  CA  . LEU A 1 26  ? 3.736   4.859   -16.797 1.00 14.06 ? 26  LEU A CA  1 
ATOM   208 C  C   . LEU A 1 26  ? 2.657   3.783   -16.889 1.00 14.39 ? 26  LEU A C   1 
ATOM   209 O  O   . LEU A 1 26  ? 2.828   2.768   -17.572 1.00 15.74 ? 26  LEU A O   1 
ATOM   210 C  CB  . LEU A 1 26  ? 4.504   4.731   -15.471 1.00 13.60 ? 26  LEU A CB  1 
ATOM   211 C  CG  . LEU A 1 26  ? 5.069   3.345   -15.132 1.00 12.26 ? 26  LEU A CG  1 
ATOM   212 C  CD1 . LEU A 1 26  ? 6.009   2.856   -16.224 1.00 14.12 ? 26  LEU A CD1 1 
ATOM   213 C  CD2 . LEU A 1 26  ? 5.802   3.372   -13.786 1.00 14.21 ? 26  LEU A CD2 1 
ATOM   214 N  N   . PHE A 1 27  ? 1.528   4.016   -16.223 1.00 13.66 ? 27  PHE A N   1 
ATOM   215 C  CA  . PHE A 1 27  ? 0.482   3.002   -16.168 1.00 17.43 ? 27  PHE A CA  1 
ATOM   216 C  C   . PHE A 1 27  ? -0.692  3.283   -17.103 1.00 18.63 ? 27  PHE A C   1 
ATOM   217 O  O   . PHE A 1 27  ? -1.664  2.527   -17.123 1.00 23.42 ? 27  PHE A O   1 
ATOM   218 C  CB  . PHE A 1 27  ? 0.021   2.793   -14.722 1.00 18.22 ? 27  PHE A CB  1 
ATOM   219 C  CG  . PHE A 1 27  ? 1.073   2.170   -13.851 1.00 14.97 ? 27  PHE A CG  1 
ATOM   220 C  CD1 . PHE A 1 27  ? 1.510   0.879   -14.097 1.00 15.91 ? 27  PHE A CD1 1 
ATOM   221 C  CD2 . PHE A 1 27  ? 1.650   2.879   -12.812 1.00 16.25 ? 27  PHE A CD2 1 
ATOM   222 C  CE1 . PHE A 1 27  ? 2.487   0.293   -13.312 1.00 16.47 ? 27  PHE A CE1 1 
ATOM   223 C  CE2 . PHE A 1 27  ? 2.635   2.299   -12.019 1.00 16.52 ? 27  PHE A CE2 1 
ATOM   224 C  CZ  . PHE A 1 27  ? 3.053   1.004   -12.272 1.00 15.54 ? 27  PHE A CZ  1 
ATOM   225 N  N   . GLY A 1 28  ? -0.594  4.358   -17.878 1.00 17.67 ? 28  GLY A N   1 
ATOM   226 C  CA  . GLY A 1 28  ? -1.606  4.668   -18.879 1.00 20.66 ? 28  GLY A CA  1 
ATOM   227 C  C   . GLY A 1 28  ? -2.998  4.911   -18.320 1.00 22.75 ? 28  GLY A C   1 
ATOM   228 O  O   . GLY A 1 28  ? -4.002  4.610   -18.977 1.00 27.76 ? 28  GLY A O   1 
ATOM   229 N  N   . THR A 1 29  ? -3.064  5.447   -17.107 1.00 21.06 ? 29  THR A N   1 
ATOM   230 C  CA  . THR A 1 29  ? -4.342  5.764   -16.478 1.00 23.93 ? 29  THR A CA  1 
ATOM   231 C  C   . THR A 1 29  ? -4.157  6.817   -15.395 1.00 25.14 ? 29  THR A C   1 
ATOM   232 O  O   . THR A 1 29  ? -3.109  6.883   -14.752 1.00 21.37 ? 29  THR A O   1 
ATOM   233 C  CB  . THR A 1 29  ? -5.003  4.513   -15.872 1.00 25.16 ? 29  THR A CB  1 
ATOM   234 O  OG1 . THR A 1 29  ? -6.289  4.858   -15.342 1.00 32.27 ? 29  THR A OG1 1 
ATOM   235 C  CG2 . THR A 1 29  ? -4.142  3.939   -14.768 1.00 29.18 ? 29  THR A CG2 1 
ATOM   236 N  N   . GLY A 1 30  ? -5.175  7.645   -15.192 1.00 19.63 ? 30  GLY A N   1 
ATOM   237 C  CA  . GLY A 1 30  ? -5.108  8.679   -14.180 1.00 18.06 ? 30  GLY A CA  1 
ATOM   238 C  C   . GLY A 1 30  ? -5.358  8.145   -12.784 1.00 15.55 ? 30  GLY A C   1 
ATOM   239 O  O   . GLY A 1 30  ? -5.750  6.987   -12.614 1.00 17.16 ? 30  GLY A O   1 
ATOM   240 N  N   . PRO A 1 31  ? -5.133  8.989   -11.771 1.00 14.47 ? 31  PRO A N   1 
ATOM   241 C  CA  . PRO A 1 31  ? -5.355  8.548   -10.394 1.00 15.14 ? 31  PRO A CA  1 
ATOM   242 C  C   . PRO A 1 31  ? -6.831  8.287   -10.107 1.00 16.87 ? 31  PRO A C   1 
ATOM   243 O  O   . PRO A 1 31  ? -7.708  8.929   -10.699 1.00 19.13 ? 31  PRO A O   1 
ATOM   244 C  CB  . PRO A 1 31  ? -4.840  9.727   -9.559  1.00 18.01 ? 31  PRO A CB  1 
ATOM   245 C  CG  . PRO A 1 31  ? -4.941  10.920  -10.475 1.00 18.18 ? 31  PRO A CG  1 
ATOM   246 C  CD  . PRO A 1 31  ? -4.648  10.381  -11.845 1.00 14.85 ? 31  PRO A CD  1 
ATOM   247 N  N   . ALA A 1 32  ? -7.096  7.337   -9.221  1.00 14.75 ? 32  ALA A N   1 
ATOM   248 C  CA  . ALA A 1 32  ? -8.459  7.028   -8.802  1.00 14.54 ? 32  ALA A CA  1 
ATOM   249 C  C   . ALA A 1 32  ? -8.955  7.962   -7.709  1.00 14.52 ? 32  ALA A C   1 
ATOM   250 O  O   . ALA A 1 32  ? -10.164 8.162   -7.551  1.00 17.92 ? 32  ALA A O   1 
ATOM   251 C  CB  . ALA A 1 32  ? -8.543  5.580   -8.337  1.00 20.08 ? 32  ALA A CB  1 
ATOM   252 N  N   . LYS A 1 33  ? -8.032  8.543   -6.952  1.00 13.61 ? 33  LYS A N   1 
ATOM   253 C  CA  . LYS A 1 33  ? -8.374  9.394   -5.824  1.00 14.36 ? 33  LYS A CA  1 
ATOM   254 C  C   . LYS A 1 33  ? -7.272  10.428  -5.653  1.00 14.96 ? 33  LYS A C   1 
ATOM   255 O  O   . LYS A 1 33  ? -6.088  10.083  -5.709  1.00 14.90 ? 33  LYS A O   1 
ATOM   256 C  CB  . LYS A 1 33  ? -8.512  8.547   -4.555  1.00 16.01 ? 33  LYS A CB  1 
ATOM   257 C  CG  . LYS A 1 33  ? -8.966  9.308   -3.320  1.00 25.13 ? 33  LYS A CG  1 
ATOM   258 C  CD  . LYS A 1 33  ? -9.047  8.381   -2.112  1.00 28.32 ? 33  LYS A CD  1 
ATOM   259 C  CE  . LYS A 1 33  ? -9.514  9.117   -0.864  1.00 35.20 ? 33  LYS A CE  1 
ATOM   260 N  NZ  . LYS A 1 33  ? -9.559  8.216   0.323   1.00 44.44 ? 33  LYS A NZ  1 
ATOM   261 N  N   . VAL A 1 34  ? -7.653  11.691  -5.466  1.00 14.78 ? 34  VAL A N   1 
ATOM   262 C  CA  . VAL A 1 34  ? -6.709  12.786  -5.241  1.00 15.10 ? 34  VAL A CA  1 
ATOM   263 C  C   . VAL A 1 34  ? -7.203  13.648  -4.084  1.00 16.94 ? 34  VAL A C   1 
ATOM   264 O  O   . VAL A 1 34  ? -8.359  14.086  -4.086  1.00 20.52 ? 34  VAL A O   1 
ATOM   265 C  CB  . VAL A 1 34  ? -6.543  13.676  -6.495  1.00 14.41 ? 34  VAL A CB  1 
ATOM   266 C  CG1 . VAL A 1 34  ? -5.577  14.822  -6.209  1.00 17.25 ? 34  VAL A CG1 1 
ATOM   267 C  CG2 . VAL A 1 34  ? -6.055  12.866  -7.671  1.00 15.24 ? 34  VAL A CG2 1 
ATOM   268 N  N   . ARG A 1 35  ? -6.341  13.865  -3.095  1.00 16.02 ? 35  ARG A N   1 
ATOM   269 C  CA  . ARG A 1 35  ? -6.650  14.665  -1.910  1.00 19.03 ? 35  ARG A CA  1 
ATOM   270 C  C   . ARG A 1 35  ? -5.412  15.513  -1.642  1.00 20.62 ? 35  ARG A C   1 
ATOM   271 O  O   . ARG A 1 35  ? -4.352  15.241  -2.207  1.00 18.66 ? 35  ARG A O   1 
ATOM   272 C  CB  . ARG A 1 35  ? -6.938  13.756  -0.709  1.00 20.69 ? 35  ARG A CB  1 
ATOM   273 C  CG  . ARG A 1 35  ? -8.133  12.819  -0.865  1.00 22.85 ? 35  ARG A CG  1 
ATOM   274 C  CD  . ARG A 1 35  ? -9.461  13.579  -0.886  1.00 23.03 ? 35  ARG A CD  1 
ATOM   275 N  NE  . ARG A 1 35  ? -10.614 12.679  -0.915  1.00 25.91 ? 35  ARG A NE  1 
ATOM   276 C  CZ  . ARG A 1 35  ? -11.103 12.128  -2.022  1.00 21.42 ? 35  ARG A CZ  1 
ATOM   277 N  NH1 . ARG A 1 35  ? -10.539 12.377  -3.197  1.00 22.27 ? 35  ARG A NH1 1 
ATOM   278 N  NH2 . ARG A 1 35  ? -12.156 11.322  -1.956  1.00 29.01 ? 35  ARG A NH2 1 
ATOM   279 N  N   . PRO A 1 36  ? -5.528  16.554  -0.799  1.00 22.26 ? 36  PRO A N   1 
ATOM   280 C  CA  . PRO A 1 36  ? -4.309  17.319  -0.529  1.00 21.05 ? 36  PRO A CA  1 
ATOM   281 C  C   . PRO A 1 36  ? -3.218  16.407  0.028   1.00 18.76 ? 36  PRO A C   1 
ATOM   282 O  O   . PRO A 1 36  ? -3.465  15.662  0.973   1.00 21.31 ? 36  PRO A O   1 
ATOM   283 C  CB  . PRO A 1 36  ? -4.760  18.332  0.531   1.00 26.02 ? 36  PRO A CB  1 
ATOM   284 C  CG  . PRO A 1 36  ? -6.217  18.503  0.284   1.00 31.37 ? 36  PRO A CG  1 
ATOM   285 C  CD  . PRO A 1 36  ? -6.710  17.146  -0.145  1.00 26.46 ? 36  PRO A CD  1 
ATOM   286 N  N   . GLY A 1 37  ? -2.043  16.430  -0.589  1.00 19.52 ? 37  GLY A N   1 
ATOM   287 C  CA  . GLY A 1 37  ? -0.939  15.597  -0.148  1.00 21.23 ? 37  GLY A CA  1 
ATOM   288 C  C   . GLY A 1 37  ? -1.054  14.096  -0.394  1.00 14.43 ? 37  GLY A C   1 
ATOM   289 O  O   . GLY A 1 37  ? -0.235  13.341  0.121   1.00 15.23 ? 37  GLY A O   1 
ATOM   290 N  N   . TYR A 1 38  ? -2.026  13.664  -1.192  1.00 15.54 ? 38  TYR A N   1 
ATOM   291 C  CA  . TYR A 1 38  ? -2.269  12.234  -1.378  1.00 15.58 ? 38  TYR A CA  1 
ATOM   292 C  C   . TYR A 1 38  ? -2.884  11.921  -2.731  1.00 13.47 ? 38  TYR A C   1 
ATOM   293 O  O   . TYR A 1 38  ? -3.802  12.606  -3.171  1.00 15.50 ? 38  TYR A O   1 
ATOM   294 C  CB  . TYR A 1 38  ? -3.247  11.762  -0.287  1.00 19.79 ? 38  TYR A CB  1 
ATOM   295 C  CG  . TYR A 1 38  ? -3.700  10.319  -0.401  1.00 15.09 ? 38  TYR A CG  1 
ATOM   296 C  CD1 . TYR A 1 38  ? -4.751  9.958   -1.241  1.00 15.98 ? 38  TYR A CD1 1 
ATOM   297 C  CD2 . TYR A 1 38  ? -3.086  9.323   0.345   1.00 17.15 ? 38  TYR A CD2 1 
ATOM   298 C  CE1 . TYR A 1 38  ? -5.168  8.641   -1.351  1.00 20.04 ? 38  TYR A CE1 1 
ATOM   299 C  CE2 . TYR A 1 38  ? -3.499  8.002   0.250   1.00 19.12 ? 38  TYR A CE2 1 
ATOM   300 C  CZ  . TYR A 1 38  ? -4.536  7.669   -0.601  1.00 18.68 ? 38  TYR A CZ  1 
ATOM   301 O  OH  . TYR A 1 38  ? -4.957  6.356   -0.701  1.00 21.83 ? 38  TYR A OH  1 
ATOM   302 N  N   . ALA A 1 39  ? -2.421  10.857  -3.380  1.00 12.25 ? 39  ALA A N   1 
ATOM   303 C  CA  . ALA A 1 39  ? -3.137  10.312  -4.526  1.00 12.58 ? 39  ALA A CA  1 
ATOM   304 C  C   . ALA A 1 39  ? -3.001  8.806   -4.551  1.00 12.85 ? 39  ALA A C   1 
ATOM   305 O  O   . ALA A 1 39  ? -2.020  8.261   -4.034  1.00 13.65 ? 39  ALA A O   1 
ATOM   306 C  CB  . ALA A 1 39  ? -2.638  10.915  -5.831  1.00 14.41 ? 39  ALA A CB  1 
ATOM   307 N  N   . ASN A 1 40  ? -3.986  8.129   -5.118  1.00 11.13 ? 40  ASN A N   1 
ATOM   308 C  CA  . ASN A 1 40  ? -3.803  6.706   -5.394  1.00 12.79 ? 40  ASN A CA  1 
ATOM   309 C  C   . ASN A 1 40  ? -4.273  6.284   -6.771  1.00 14.43 ? 40  ASN A C   1 
ATOM   310 O  O   . ASN A 1 40  ? -5.112  6.951   -7.383  1.00 14.42 ? 40  ASN A O   1 
ATOM   311 C  CB  . ASN A 1 40  ? -4.297  5.791   -4.251  1.00 17.05 ? 40  ASN A CB  1 
ATOM   312 C  CG  . ASN A 1 40  ? -5.801  5.582   -4.238  1.00 16.49 ? 40  ASN A CG  1 
ATOM   313 O  OD1 . ASN A 1 40  ? -6.422  5.308   -5.270  1.00 20.94 ? 40  ASN A OD1 1 
ATOM   314 N  ND2 . ASN A 1 40  ? -6.391  5.656   -3.043  1.00 18.35 ? 40  ASN A ND2 1 
ATOM   315 N  N   . PHE A 1 41  ? -3.676  5.203   -7.265  1.00 12.39 ? 41  PHE A N   1 
ATOM   316 C  CA  . PHE A 1 41  ? -4.005  4.615   -8.555  1.00 10.59 ? 41  PHE A CA  1 
ATOM   317 C  C   . PHE A 1 41  ? -4.436  3.179   -8.315  1.00 13.35 ? 41  PHE A C   1 
ATOM   318 O  O   . PHE A 1 41  ? -3.783  2.448   -7.559  1.00 13.73 ? 41  PHE A O   1 
ATOM   319 C  CB  . PHE A 1 41  ? -2.777  4.592   -9.479  1.00 13.64 ? 41  PHE A CB  1 
ATOM   320 C  CG  . PHE A 1 41  ? -2.289  5.952   -9.920  1.00 12.25 ? 41  PHE A CG  1 
ATOM   321 C  CD1 . PHE A 1 41  ? -1.570  6.770   -9.058  1.00 13.51 ? 41  PHE A CD1 1 
ATOM   322 C  CD2 . PHE A 1 41  ? -2.503  6.386   -11.224 1.00 12.08 ? 41  PHE A CD2 1 
ATOM   323 C  CE1 . PHE A 1 41  ? -1.111  8.013   -9.481  1.00 13.02 ? 41  PHE A CE1 1 
ATOM   324 C  CE2 . PHE A 1 41  ? -2.036  7.629   -11.649 1.00 13.52 ? 41  PHE A CE2 1 
ATOM   325 C  CZ  . PHE A 1 41  ? -1.342  8.436   -10.773 1.00 13.92 ? 41  PHE A CZ  1 
ATOM   326 N  N   . ALA A 1 42  ? -5.518  2.774   -8.968  1.00 13.80 ? 42  ALA A N   1 
ATOM   327 C  CA  . ALA A 1 42  ? -5.970  1.389   -8.952  1.00 14.80 ? 42  ALA A CA  1 
ATOM   328 C  C   . ALA A 1 42  ? -5.662  0.818   -10.326 1.00 13.92 ? 42  ALA A C   1 
ATOM   329 O  O   . ALA A 1 42  ? -6.388  1.060   -11.298 1.00 16.68 ? 42  ALA A O   1 
ATOM   330 C  CB  . ALA A 1 42  ? -7.463  1.311   -8.645  1.00 16.38 ? 42  ALA A CB  1 
ATOM   331 N  N   A ILE A 1 43  ? -4.574  0.063   -10.409 0.48 13.64 ? 43  ILE A N   1 
ATOM   332 N  N   B ILE A 1 43  ? -4.564  0.069   -10.405 0.52 13.65 ? 43  ILE A N   1 
ATOM   333 C  CA  A ILE A 1 43  ? -4.099  -0.460  -11.677 0.48 13.91 ? 43  ILE A CA  1 
ATOM   334 C  CA  B ILE A 1 43  ? -4.064  -0.481  -11.661 0.52 13.90 ? 43  ILE A CA  1 
ATOM   335 C  C   A ILE A 1 43  ? -4.476  -1.931  -11.848 0.48 13.82 ? 43  ILE A C   1 
ATOM   336 C  C   B ILE A 1 43  ? -4.496  -1.935  -11.835 0.52 13.80 ? 43  ILE A C   1 
ATOM   337 O  O   A ILE A 1 43  ? -4.225  -2.762  -10.970 0.48 15.16 ? 43  ILE A O   1 
ATOM   338 O  O   B ILE A 1 43  ? -4.283  -2.768  -10.951 0.52 15.10 ? 43  ILE A O   1 
ATOM   339 C  CB  A ILE A 1 43  ? -2.581  -0.260  -11.803 0.48 14.39 ? 43  ILE A CB  1 
ATOM   340 C  CB  B ILE A 1 43  ? -2.522  -0.398  -11.724 0.52 14.92 ? 43  ILE A CB  1 
ATOM   341 C  CG1 A ILE A 1 43  ? -2.244  1.230   -11.701 0.48 16.92 ? 43  ILE A CG1 1 
ATOM   342 C  CG1 B ILE A 1 43  ? -2.041  1.011   -11.371 0.52 15.30 ? 43  ILE A CG1 1 
ATOM   343 C  CG2 A ILE A 1 43  ? -2.063  -0.841  -13.108 0.48 16.07 ? 43  ILE A CG2 1 
ATOM   344 C  CG2 B ILE A 1 43  ? -2.013  -0.806  -13.101 0.52 16.04 ? 43  ILE A CG2 1 
ATOM   345 C  CD1 A ILE A 1 43  ? -0.970  1.523   -10.935 0.48 17.59 ? 43  ILE A CD1 1 
ATOM   346 C  CD1 B ILE A 1 43  ? -2.579  2.079   -12.291 0.52 15.74 ? 43  ILE A CD1 1 
ATOM   347 N  N   . ALA A 1 44  ? -5.093  -2.242  -12.982 1.00 16.95 ? 44  ALA A N   1 
ATOM   348 C  CA  . ALA A 1 44  ? -5.554  -3.598  -13.257 1.00 19.97 ? 44  ALA A CA  1 
ATOM   349 C  C   . ALA A 1 44  ? -4.422  -4.515  -13.705 1.00 17.32 ? 44  ALA A C   1 
ATOM   350 O  O   . ALA A 1 44  ? -4.352  -5.672  -13.294 1.00 21.58 ? 44  ALA A O   1 
ATOM   351 C  CB  . ALA A 1 44  ? -6.664  -3.574  -14.306 1.00 24.27 ? 44  ALA A CB  1 
ATOM   352 N  N   . GLU A 1 45  ? -3.554  -3.995  -14.564 1.00 17.05 ? 45  GLU A N   1 
ATOM   353 C  CA  . GLU A 1 45  ? -2.408  -4.751  -15.055 1.00 18.32 ? 45  GLU A CA  1 
ATOM   354 C  C   . GLU A 1 45  ? -1.195  -3.840  -15.157 1.00 18.84 ? 45  GLU A C   1 
ATOM   355 O  O   . GLU A 1 45  ? -1.208  -2.861  -15.911 1.00 22.63 ? 45  GLU A O   1 
ATOM   356 C  CB  . GLU A 1 45  ? -2.693  -5.424  -16.400 1.00 26.67 ? 45  GLU A CB  1 
ATOM   357 C  CG  . GLU A 1 45  ? -1.573  -6.379  -16.821 1.00 27.89 ? 45  GLU A CG  1 
ATOM   358 C  CD  . GLU A 1 45  ? -1.879  -7.148  -18.087 1.00 49.92 ? 45  GLU A CD  1 
ATOM   359 O  OE1 . GLU A 1 45  ? -2.871  -6.811  -18.764 1.00 64.04 ? 45  GLU A OE1 1 
ATOM   360 O  OE2 . GLU A 1 45  ? -1.125  -8.093  -18.402 1.00 45.33 ? 45  GLU A OE2 1 
ATOM   361 N  N   . PRO A 1 46  ? -0.147  -4.133  -14.364 1.00 15.56 ? 46  PRO A N   1 
ATOM   362 C  CA  . PRO A 1 46  ? -0.095  -5.227  -13.385 1.00 13.58 ? 46  PRO A CA  1 
ATOM   363 C  C   . PRO A 1 46  ? -0.997  -4.908  -12.196 1.00 12.02 ? 46  PRO A C   1 
ATOM   364 O  O   . PRO A 1 46  ? -1.241  -3.730  -11.936 1.00 14.45 ? 46  PRO A O   1 
ATOM   365 C  CB  . PRO A 1 46  ? 1.361   -5.200  -12.937 1.00 12.88 ? 46  PRO A CB  1 
ATOM   366 C  CG  . PRO A 1 46  ? 1.737   -3.761  -13.023 1.00 16.45 ? 46  PRO A CG  1 
ATOM   367 C  CD  . PRO A 1 46  ? 1.046   -3.273  -14.278 1.00 16.82 ? 46  PRO A CD  1 
ATOM   368 N  N   . PRO A 1 47  ? -1.521  -5.937  -11.509 1.00 11.75 ? 47  PRO A N   1 
ATOM   369 C  CA  . PRO A 1 47  ? -2.421  -5.643  -10.395 1.00 12.38 ? 47  PRO A CA  1 
ATOM   370 C  C   . PRO A 1 47  ? -1.668  -4.903  -9.297  1.00 12.20 ? 47  PRO A C   1 
ATOM   371 O  O   . PRO A 1 47  ? -0.694  -5.432  -8.742  1.00 13.13 ? 47  PRO A O   1 
ATOM   372 C  CB  . PRO A 1 47  ? -2.864  -7.034  -9.925  1.00 14.29 ? 47  PRO A CB  1 
ATOM   373 C  CG  . PRO A 1 47  ? -2.683  -7.913  -11.126 1.00 19.64 ? 47  PRO A CG  1 
ATOM   374 C  CD  . PRO A 1 47  ? -1.464  -7.377  -11.818 1.00 15.83 ? 47  PRO A CD  1 
ATOM   375 N  N   . LEU A 1 48  ? -2.104  -3.685  -9.000  1.00 11.64 ? 48  LEU A N   1 
ATOM   376 C  CA  . LEU A 1 48  ? -1.343  -2.802  -8.123  1.00 10.27 ? 48  LEU A CA  1 
ATOM   377 C  C   . LEU A 1 48  ? -2.208  -1.674  -7.568  1.00 11.11 ? 48  LEU A C   1 
ATOM   378 O  O   . LEU A 1 48  ? -2.964  -1.040  -8.309  1.00 12.75 ? 48  LEU A O   1 
ATOM   379 C  CB  . LEU A 1 48  ? -0.171  -2.196  -8.909  1.00 11.97 ? 48  LEU A CB  1 
ATOM   380 C  CG  . LEU A 1 48  ? 0.660   -1.098  -8.234  1.00 12.91 ? 48  LEU A CG  1 
ATOM   381 C  CD1 . LEU A 1 48  ? 1.370   -1.619  -7.004  1.00 14.93 ? 48  LEU A CD1 1 
ATOM   382 C  CD2 . LEU A 1 48  ? 1.669   -0.542  -9.231  1.00 15.63 ? 48  LEU A CD2 1 
ATOM   383 N  N   . LYS A 1 49  ? -2.096  -1.434  -6.269  1.00 10.77 ? 49  LYS A N   1 
ATOM   384 C  CA  . LYS A 1 49  ? -2.611  -0.205  -5.665  1.00 10.56 ? 49  LYS A CA  1 
ATOM   385 C  C   . LYS A 1 49  ? -1.393  0.658   -5.381  1.00 11.13 ? 49  LYS A C   1 
ATOM   386 O  O   . LYS A 1 49  ? -0.551  0.303   -4.554  1.00 11.83 ? 49  LYS A O   1 
ATOM   387 C  CB  . LYS A 1 49  ? -3.407  -0.499  -4.390  1.00 12.35 ? 49  LYS A CB  1 
ATOM   388 C  CG  . LYS A 1 49  ? -3.770  0.742   -3.550  1.00 12.55 ? 49  LYS A CG  1 
ATOM   389 C  CD  . LYS A 1 49  ? -4.588  1.787   -4.327  1.00 15.75 ? 49  LYS A CD  1 
ATOM   390 C  CE  . LYS A 1 49  ? -5.912  1.240   -4.862  1.00 17.97 ? 49  LYS A CE  1 
ATOM   391 N  NZ  . LYS A 1 49  ? -6.851  0.832   -3.768  1.00 18.42 ? 49  LYS A NZ  1 
ATOM   392 N  N   . LEU A 1 50  ? -1.267  1.762   -6.108  1.00 10.51 ? 50  LEU A N   1 
ATOM   393 C  CA  . LEU A 1 50  ? -0.143  2.669   -5.938  1.00 10.84 ? 50  LEU A CA  1 
ATOM   394 C  C   . LEU A 1 50  ? -0.597  3.895   -5.169  1.00 11.80 ? 50  LEU A C   1 
ATOM   395 O  O   . LEU A 1 50  ? -1.538  4.584   -5.569  1.00 12.92 ? 50  LEU A O   1 
ATOM   396 C  CB  . LEU A 1 50  ? 0.413   3.076   -7.299  1.00 11.84 ? 50  LEU A CB  1 
ATOM   397 C  CG  . LEU A 1 50  ? 1.543   4.104   -7.253  1.00 11.45 ? 50  LEU A CG  1 
ATOM   398 C  CD1 . LEU A 1 50  ? 2.803   3.509   -6.630  1.00 13.43 ? 50  LEU A CD1 1 
ATOM   399 C  CD2 . LEU A 1 50  ? 1.807   4.634   -8.658  1.00 14.68 ? 50  LEU A CD2 1 
ATOM   400 N  N   . VAL A 1 51  ? 0.058   4.159   -4.050  1.00 10.06 ? 51  VAL A N   1 
ATOM   401 C  CA  . VAL A 1 51  ? -0.275  5.298   -3.214  1.00 9.83  ? 51  VAL A CA  1 
ATOM   402 C  C   . VAL A 1 51  ? 0.898   6.271   -3.218  1.00 12.95 ? 51  VAL A C   1 
ATOM   403 O  O   . VAL A 1 51  ? 2.047   5.870   -3.021  1.00 11.55 ? 51  VAL A O   1 
ATOM   404 C  CB  . VAL A 1 51  ? -0.556  4.848   -1.764  1.00 11.16 ? 51  VAL A CB  1 
ATOM   405 C  CG1 . VAL A 1 51  ? -0.759  6.044   -0.843  1.00 14.67 ? 51  VAL A CG1 1 
ATOM   406 C  CG2 . VAL A 1 51  ? -1.768  3.910   -1.695  1.00 13.88 ? 51  VAL A CG2 1 
ATOM   407 N  N   . LEU A 1 52  ? 0.594   7.546   -3.452  1.00 12.35 ? 52  LEU A N   1 
ATOM   408 C  CA  . LEU A 1 52  ? 1.590   8.616   -3.443  1.00 9.26  ? 52  LEU A CA  1 
ATOM   409 C  C   . LEU A 1 52  ? 1.267   9.555   -2.291  1.00 11.16 ? 52  LEU A C   1 
ATOM   410 O  O   . LEU A 1 52  ? 0.159   10.110  -2.229  1.00 13.93 ? 52  LEU A O   1 
ATOM   411 C  CB  . LEU A 1 52  ? 1.576   9.374   -4.771  1.00 12.27 ? 52  LEU A CB  1 
ATOM   412 C  CG  . LEU A 1 52  ? 1.679   8.526   -6.037  1.00 11.16 ? 52  LEU A CG  1 
ATOM   413 C  CD1 . LEU A 1 52  ? 1.587   9.428   -7.273  1.00 15.49 ? 52  LEU A CD1 1 
ATOM   414 C  CD2 . LEU A 1 52  ? 2.975   7.729   -6.065  1.00 13.97 ? 52  LEU A CD2 1 
ATOM   415 N  N   . ILE A 1 53  ? 2.218   9.714   -1.375  1.00 12.07 ? 53  ILE A N   1 
ATOM   416 C  CA  . ILE A 1 53  ? 2.058   10.578  -0.214  1.00 13.57 ? 53  ILE A CA  1 
ATOM   417 C  C   . ILE A 1 53  ? 3.097   11.683  -0.330  1.00 13.86 ? 53  ILE A C   1 
ATOM   418 O  O   . ILE A 1 53  ? 4.292   11.412  -0.442  1.00 13.42 ? 53  ILE A O   1 
ATOM   419 C  CB  . ILE A 1 53  ? 2.278   9.784   1.082   1.00 13.22 ? 53  ILE A CB  1 
ATOM   420 C  CG1 . ILE A 1 53  ? 1.275   8.629   1.153   1.00 16.75 ? 53  ILE A CG1 1 
ATOM   421 C  CG2 . ILE A 1 53  ? 2.142   10.687  2.300   1.00 17.41 ? 53  ILE A CG2 1 
ATOM   422 C  CD1 . ILE A 1 53  ? 1.636   7.565   2.163   1.00 22.84 ? 53  ILE A CD1 1 
ATOM   423 N  N   A GLU A 1 54  ? 2.652   12.937  -0.333  0.55 14.36 ? 54  GLU A N   1 
ATOM   424 N  N   B GLU A 1 54  ? 2.642   12.931  -0.296  0.45 14.33 ? 54  GLU A N   1 
ATOM   425 C  CA  A GLU A 1 54  ? 3.605   14.020  -0.502  0.55 14.34 ? 54  GLU A CA  1 
ATOM   426 C  CA  B GLU A 1 54  ? 3.535   14.071  -0.432  0.45 14.43 ? 54  GLU A CA  1 
ATOM   427 C  C   A GLU A 1 54  ? 4.460   14.174  0.743   0.55 15.50 ? 54  GLU A C   1 
ATOM   428 C  C   B GLU A 1 54  ? 4.458   14.187  0.775   0.45 15.55 ? 54  GLU A C   1 
ATOM   429 O  O   A GLU A 1 54  ? 3.963   14.150  1.867   0.55 18.27 ? 54  GLU A O   1 
ATOM   430 O  O   B GLU A 1 54  ? 4.002   14.165  1.916   0.45 18.34 ? 54  GLU A O   1 
ATOM   431 C  CB  A GLU A 1 54  ? 2.931   15.340  -0.878  0.55 16.52 ? 54  GLU A CB  1 
ATOM   432 C  CB  B GLU A 1 54  ? 2.708   15.345  -0.588  0.45 15.79 ? 54  GLU A CB  1 
ATOM   433 C  CG  A GLU A 1 54  ? 3.939   16.465  -1.134  0.55 20.89 ? 54  GLU A CG  1 
ATOM   434 C  CG  B GLU A 1 54  ? 3.525   16.595  -0.863  0.45 19.76 ? 54  GLU A CG  1 
ATOM   435 C  CD  A GLU A 1 54  ? 3.375   17.590  -1.980  0.55 26.37 ? 54  GLU A CD  1 
ATOM   436 C  CD  B GLU A 1 54  ? 2.659   17.820  -1.051  0.45 20.03 ? 54  GLU A CD  1 
ATOM   437 O  OE1 A GLU A 1 54  ? 2.483   18.317  -1.494  0.55 27.83 ? 54  GLU A OE1 1 
ATOM   438 O  OE1 B GLU A 1 54  ? 3.041   18.697  -1.856  0.45 22.62 ? 54  GLU A OE1 1 
ATOM   439 O  OE2 A GLU A 1 54  ? 3.821   17.744  -3.137  0.55 21.62 ? 54  GLU A OE2 1 
ATOM   440 O  OE2 B GLU A 1 54  ? 1.602   17.905  -0.388  0.45 22.24 ? 54  GLU A OE2 1 
ATOM   441 N  N   . GLY A 1 55  ? 5.759   14.296  0.521   1.00 14.72 ? 55  GLY A N   1 
ATOM   442 C  CA  . GLY A 1 55  ? 6.722   14.474  1.587   1.00 18.70 ? 55  GLY A CA  1 
ATOM   443 C  C   . GLY A 1 55  ? 7.349   15.839  1.430   1.00 22.95 ? 55  GLY A C   1 
ATOM   444 O  O   . GLY A 1 55  ? 8.350   15.995  0.731   1.00 22.83 ? 55  GLY A O   1 
ATOM   445 N  N   . ALA A 1 56  ? 6.745   16.833  2.063   1.00 26.31 ? 56  ALA A N   1 
ATOM   446 C  CA  . ALA A 1 56  ? 7.243   18.201  1.974   1.00 26.46 ? 56  ALA A CA  1 
ATOM   447 C  C   . ALA A 1 56  ? 8.688   18.304  2.457   1.00 25.56 ? 56  ALA A C   1 
ATOM   448 O  O   . ALA A 1 56  ? 9.032   17.838  3.544   1.00 25.48 ? 56  ALA A O   1 
ATOM   449 C  CB  . ALA A 1 56  ? 6.347   19.142  2.757   1.00 41.14 ? 56  ALA A CB  1 
ATOM   450 N  N   . GLY A 1 57  ? 9.535   18.900  1.627   1.00 27.76 ? 57  GLY A N   1 
ATOM   451 C  CA  . GLY A 1 57  ? 10.925  19.100  1.979   1.00 20.94 ? 57  GLY A CA  1 
ATOM   452 C  C   . GLY A 1 57  ? 11.829  17.919  1.677   1.00 22.02 ? 57  GLY A C   1 
ATOM   453 O  O   . GLY A 1 57  ? 13.041  18.001  1.873   1.00 22.48 ? 57  GLY A O   1 
ATOM   454 N  N   . GLU A 1 58  ? 11.253  16.816  1.206   1.00 24.26 ? 58  GLU A N   1 
ATOM   455 C  CA  . GLU A 1 58  ? 12.049  15.628  0.893   1.00 22.04 ? 58  GLU A CA  1 
ATOM   456 C  C   . GLU A 1 58  ? 12.931  15.840  -0.335  1.00 20.62 ? 58  GLU A C   1 
ATOM   457 O  O   . GLU A 1 58  ? 12.551  16.546  -1.268  1.00 23.43 ? 58  GLU A O   1 
ATOM   458 C  CB  . GLU A 1 58  ? 11.146  14.404  0.687   1.00 24.55 ? 58  GLU A CB  1 
ATOM   459 C  CG  . GLU A 1 58  ? 10.426  13.914  1.951   1.00 32.16 ? 58  GLU A CG  1 
ATOM   460 C  CD  . GLU A 1 58  ? 11.290  13.014  2.817   1.00 47.52 ? 58  GLU A CD  1 
ATOM   461 O  OE1 . GLU A 1 58  ? 12.481  12.839  2.490   1.00 49.03 ? 58  GLU A OE1 1 
ATOM   462 O  OE2 . GLU A 1 58  ? 10.776  12.478  3.825   1.00 52.24 ? 58  GLU A OE2 1 
ATOM   463 N  N   . ASP A 1 59  ? 14.107  15.218  -0.327  1.00 22.18 ? 59  ASP A N   1 
ATOM   464 C  CA  . ASP A 1 59  ? 15.068  15.378  -1.416  1.00 25.72 ? 59  ASP A CA  1 
ATOM   465 C  C   . ASP A 1 59  ? 14.925  14.301  -2.492  1.00 25.89 ? 59  ASP A C   1 
ATOM   466 O  O   . ASP A 1 59  ? 15.427  14.459  -3.606  1.00 28.50 ? 59  ASP A O   1 
ATOM   467 C  CB  . ASP A 1 59  ? 16.494  15.387  -0.864  1.00 27.39 ? 59  ASP A CB  1 
ATOM   468 C  CG  . ASP A 1 59  ? 16.928  14.030  -0.352  1.00 39.48 ? 59  ASP A CG  1 
ATOM   469 O  OD1 . ASP A 1 59  ? 16.412  13.600  0.703   1.00 52.92 ? 59  ASP A OD1 1 
ATOM   470 O  OD2 . ASP A 1 59  ? 17.788  13.397  -0.998  1.00 67.84 ? 59  ASP A OD2 1 
ATOM   471 N  N   . ALA A 1 60  ? 14.241  13.210  -2.156  1.00 17.63 ? 60  ALA A N   1 
ATOM   472 C  CA  . ALA A 1 60  ? 14.063  12.104  -3.086  1.00 16.66 ? 60  ALA A CA  1 
ATOM   473 C  C   . ALA A 1 60  ? 12.887  11.243  -2.656  1.00 15.15 ? 60  ALA A C   1 
ATOM   474 O  O   . ALA A 1 60  ? 12.468  11.275  -1.502  1.00 17.61 ? 60  ALA A O   1 
ATOM   475 C  CB  . ALA A 1 60  ? 15.329  11.266  -3.150  1.00 19.12 ? 60  ALA A CB  1 
ATOM   476 N  N   . THR A 1 61  ? 12.361  10.463  -3.593  1.00 13.06 ? 61  THR A N   1 
ATOM   477 C  CA  . THR A 1 61  ? 11.309  9.501   -3.281  1.00 12.50 ? 61  THR A CA  1 
ATOM   478 C  C   . THR A 1 61  ? 11.845  8.386   -2.395  1.00 14.62 ? 61  THR A C   1 
ATOM   479 O  O   . THR A 1 61  ? 12.960  7.897   -2.598  1.00 17.22 ? 61  THR A O   1 
ATOM   480 C  CB  . THR A 1 61  ? 10.745  8.905   -4.567  1.00 11.98 ? 61  THR A CB  1 
ATOM   481 O  OG1 . THR A 1 61  ? 10.098  9.943   -5.307  1.00 16.57 ? 61  THR A OG1 1 
ATOM   482 C  CG2 . THR A 1 61  ? 9.748   7.772   -4.277  1.00 16.13 ? 61  THR A CG2 1 
ATOM   483 N  N   . ARG A 1 62  ? 11.053  7.998   -1.400  1.00 12.74 ? 62  ARG A N   1 
ATOM   484 C  CA  . ARG A 1 62  ? 11.392  6.852   -0.569  1.00 13.38 ? 62  ARG A CA  1 
ATOM   485 C  C   . ARG A 1 62  ? 10.164  5.999   -0.313  1.00 13.71 ? 62  ARG A C   1 
ATOM   486 O  O   . ARG A 1 62  ? 9.026   6.427   -0.525  1.00 13.63 ? 62  ARG A O   1 
ATOM   487 C  CB  . ARG A 1 62  ? 12.011  7.296   0.755   1.00 17.28 ? 62  ARG A CB  1 
ATOM   488 C  CG  . ARG A 1 62  ? 11.115  8.164   1.608   1.00 22.85 ? 62  ARG A CG  1 
ATOM   489 C  CD  . ARG A 1 62  ? 11.750  8.444   2.966   1.00 39.08 ? 62  ARG A CD  1 
ATOM   490 N  NE  . ARG A 1 62  ? 10.958  9.385   3.753   1.00 44.60 ? 62  ARG A NE  1 
ATOM   491 C  CZ  . ARG A 1 62  ? 9.914   9.043   4.501   1.00 53.90 ? 62  ARG A CZ  1 
ATOM   492 N  NH1 . ARG A 1 62  ? 9.522   7.776   4.565   1.00 45.07 ? 62  ARG A NH1 1 
ATOM   493 N  NH2 . ARG A 1 62  ? 9.255   9.972   5.179   1.00 50.11 ? 62  ARG A NH2 1 
ATOM   494 N  N   . LEU A 1 63  ? 10.397  4.788   0.163   1.00 13.37 ? 63  LEU A N   1 
ATOM   495 C  CA  . LEU A 1 63  ? 9.304   3.910   0.540   1.00 14.24 ? 63  LEU A CA  1 
ATOM   496 C  C   . LEU A 1 63  ? 8.582   4.481   1.749   1.00 14.85 ? 63  LEU A C   1 
ATOM   497 O  O   . LEU A 1 63  ? 9.223   4.904   2.726   1.00 18.16 ? 63  LEU A O   1 
ATOM   498 C  CB  . LEU A 1 63  ? 9.857   2.525   0.879   1.00 18.41 ? 63  LEU A CB  1 
ATOM   499 C  CG  . LEU A 1 63  ? 8.835   1.445   1.217   1.00 17.90 ? 63  LEU A CG  1 
ATOM   500 C  CD1 . LEU A 1 63  ? 7.949   1.167   0.024   1.00 20.90 ? 63  LEU A CD1 1 
ATOM   501 C  CD2 . LEU A 1 63  ? 9.574   0.181   1.654   1.00 21.59 ? 63  LEU A CD2 1 
ATOM   502 N  N   . ASP A 1 64  ? 7.255   4.540   1.684   1.00 13.60 ? 64  ASP A N   1 
ATOM   503 C  CA  . ASP A 1 64  ? 6.470   4.880   2.863   1.00 14.46 ? 64  ASP A CA  1 
ATOM   504 C  C   . ASP A 1 64  ? 6.035   3.608   3.586   1.00 14.81 ? 64  ASP A C   1 
ATOM   505 O  O   . ASP A 1 64  ? 6.373   3.401   4.750   1.00 16.91 ? 64  ASP A O   1 
ATOM   506 C  CB  . ASP A 1 64  ? 5.257   5.740   2.515   1.00 14.47 ? 64  ASP A CB  1 
ATOM   507 C  CG  . ASP A 1 64  ? 4.593   6.314   3.743   1.00 20.30 ? 64  ASP A CG  1 
ATOM   508 O  OD1 . ASP A 1 64  ? 5.013   7.401   4.196   1.00 27.68 ? 64  ASP A OD1 1 
ATOM   509 O  OD2 . ASP A 1 64  ? 3.667   5.668   4.268   1.00 20.87 ? 64  ASP A OD2 1 
ATOM   510 N  N   . HIS A 1 65  ? 5.291   2.757   2.889   1.00 12.52 ? 65  HIS A N   1 
ATOM   511 C  CA  . HIS A 1 65  ? 4.900   1.463   3.449   1.00 13.16 ? 65  HIS A CA  1 
ATOM   512 C  C   . HIS A 1 65  ? 4.448   0.555   2.324   1.00 12.64 ? 65  HIS A C   1 
ATOM   513 O  O   . HIS A 1 65  ? 4.342   0.985   1.171   1.00 11.81 ? 65  HIS A O   1 
ATOM   514 C  CB  . HIS A 1 65  ? 3.820   1.591   4.549   1.00 15.39 ? 65  HIS A CB  1 
ATOM   515 C  CG  . HIS A 1 65  ? 2.507   2.142   4.081   1.00 15.81 ? 65  HIS A CG  1 
ATOM   516 N  ND1 . HIS A 1 65  ? 2.282   3.492   3.916   1.00 16.22 ? 65  HIS A ND1 1 
ATOM   517 C  CD2 . HIS A 1 65  ? 1.333   1.532   3.786   1.00 19.77 ? 65  HIS A CD2 1 
ATOM   518 C  CE1 . HIS A 1 65  ? 1.037   3.688   3.521   1.00 19.97 ? 65  HIS A CE1 1 
ATOM   519 N  NE2 . HIS A 1 65  ? 0.439   2.513   3.430   1.00 19.15 ? 65  HIS A NE2 1 
ATOM   520 N  N   . LEU A 1 66  ? 4.226   -0.711  2.658   1.00 11.75 ? 66  LEU A N   1 
ATOM   521 C  CA  . LEU A 1 66  ? 3.860   -1.717  1.683   1.00 10.61 ? 66  LEU A CA  1 
ATOM   522 C  C   . LEU A 1 66  ? 2.602   -2.393  2.168   1.00 11.26 ? 66  LEU A C   1 
ATOM   523 O  O   . LEU A 1 66  ? 2.211   -2.241  3.326   1.00 12.36 ? 66  LEU A O   1 
ATOM   524 C  CB  . LEU A 1 66  ? 4.991   -2.733  1.535   1.00 12.83 ? 66  LEU A CB  1 
ATOM   525 C  CG  . LEU A 1 66  ? 6.286   -2.108  1.018   1.00 13.66 ? 66  LEU A CG  1 
ATOM   526 C  CD1 . LEU A 1 66  ? 7.491   -2.986  1.352   1.00 16.41 ? 66  LEU A CD1 1 
ATOM   527 C  CD2 . LEU A 1 66  ? 6.171   -1.872  -0.473  1.00 15.57 ? 66  LEU A CD2 1 
ATOM   528 N  N   . GLY A 1 67  ? 1.948   -3.137  1.291   1.00 10.93 ? 67  GLY A N   1 
ATOM   529 C  CA  . GLY A 1 67  ? 0.765   -3.845  1.721   1.00 12.06 ? 67  GLY A CA  1 
ATOM   530 C  C   . GLY A 1 67  ? 0.252   -4.878  0.751   1.00 10.02 ? 67  GLY A C   1 
ATOM   531 O  O   . GLY A 1 67  ? 0.762   -5.023  -0.357  1.00 11.46 ? 67  GLY A O   1 
ATOM   532 N  N   . VAL A 1 68  ? -0.769  -5.605  1.199   1.00 11.87 ? 68  VAL A N   1 
ATOM   533 C  CA  . VAL A 1 68  ? -1.512  -6.528  0.352   1.00 12.65 ? 68  VAL A CA  1 
ATOM   534 C  C   . VAL A 1 68  ? -2.984  -6.201  0.514   1.00 12.36 ? 68  VAL A C   1 
ATOM   535 O  O   . VAL A 1 68  ? -3.528  -6.275  1.622   1.00 12.61 ? 68  VAL A O   1 
ATOM   536 C  CB  . VAL A 1 68  ? -1.263  -7.994  0.732   1.00 12.94 ? 68  VAL A CB  1 
ATOM   537 C  CG1 . VAL A 1 68  ? -2.061  -8.906  -0.196  1.00 16.23 ? 68  VAL A CG1 1 
ATOM   538 C  CG2 . VAL A 1 68  ? 0.232   -8.328  0.671   1.00 14.36 ? 68  VAL A CG2 1 
ATOM   539 N  N   . GLU A 1 69  ? -3.612  -5.805  -0.586  1.00 13.16 ? 69  GLU A N   1 
ATOM   540 C  CA  . GLU A 1 69  ? -5.014  -5.415  -0.597  1.00 13.49 ? 69  GLU A CA  1 
ATOM   541 C  C   . GLU A 1 69  ? -5.840  -6.649  -0.928  1.00 15.80 ? 69  GLU A C   1 
ATOM   542 O  O   . GLU A 1 69  ? -5.697  -7.220  -2.012  1.00 16.33 ? 69  GLU A O   1 
ATOM   543 C  CB  . GLU A 1 69  ? -5.209  -4.332  -1.658  1.00 15.22 ? 69  GLU A CB  1 
ATOM   544 C  CG  . GLU A 1 69  ? -6.613  -3.758  -1.775  1.00 14.76 ? 69  GLU A CG  1 
ATOM   545 C  CD  . GLU A 1 69  ? -6.669  -2.648  -2.807  1.00 18.81 ? 69  GLU A CD  1 
ATOM   546 O  OE1 . GLU A 1 69  ? -7.256  -2.860  -3.888  1.00 22.51 ? 69  GLU A OE1 1 
ATOM   547 O  OE2 . GLU A 1 69  ? -6.109  -1.561  -2.542  1.00 17.38 ? 69  GLU A OE2 1 
ATOM   548 N  N   . VAL A 1 70  ? -6.686  -7.076  0.008   1.00 16.81 ? 70  VAL A N   1 
ATOM   549 C  CA  . VAL A 1 70  ? -7.503  -8.273  -0.192  1.00 17.39 ? 70  VAL A CA  1 
ATOM   550 C  C   . VAL A 1 70  ? -8.970  -7.891  -0.396  1.00 17.85 ? 70  VAL A C   1 
ATOM   551 O  O   . VAL A 1 70  ? -9.357  -6.739  -0.198  1.00 19.75 ? 70  VAL A O   1 
ATOM   552 C  CB  . VAL A 1 70  ? -7.337  -9.292  0.965   1.00 18.51 ? 70  VAL A CB  1 
ATOM   553 C  CG1 . VAL A 1 70  ? -5.875  -9.736  1.091   1.00 18.24 ? 70  VAL A CG1 1 
ATOM   554 C  CG2 . VAL A 1 70  ? -7.830  -8.702  2.277   1.00 18.55 ? 70  VAL A CG2 1 
ATOM   555 N  N   . GLU A 1 71  ? -9.786  -8.862  -0.799  1.00 25.98 ? 71  GLU A N   1 
ATOM   556 C  CA  . GLU A 1 71  ? -11.155 -8.566  -1.222  1.00 27.33 ? 71  GLU A CA  1 
ATOM   557 C  C   . GLU A 1 71  ? -12.136 -8.326  -0.073  1.00 22.97 ? 71  GLU A C   1 
ATOM   558 O  O   . GLU A 1 71  ? -13.080 -7.547  -0.219  1.00 27.53 ? 71  GLU A O   1 
ATOM   559 C  CB  . GLU A 1 71  ? -11.687 -9.664  -2.150  1.00 35.34 ? 71  GLU A CB  1 
ATOM   560 N  N   . ASP A 1 72  ? -11.922 -8.984  1.064   1.00 24.54 ? 72  ASP A N   1 
ATOM   561 C  CA  . ASP A 1 72  ? -12.854 -8.848  2.187   1.00 23.71 ? 72  ASP A CA  1 
ATOM   562 C  C   . ASP A 1 72  ? -12.224 -8.983  3.576   1.00 23.71 ? 72  ASP A C   1 
ATOM   563 O  O   . ASP A 1 72  ? -11.066 -9.383  3.712   1.00 22.72 ? 72  ASP A O   1 
ATOM   564 C  CB  . ASP A 1 72  ? -14.049 -9.805  2.031   1.00 28.99 ? 72  ASP A CB  1 
ATOM   565 C  CG  . ASP A 1 72  ? -13.640 -11.270 1.966   1.00 32.59 ? 72  ASP A CG  1 
ATOM   566 O  OD1 . ASP A 1 72  ? -12.715 -11.681 2.696   1.00 31.47 ? 72  ASP A OD1 1 
ATOM   567 O  OD2 . ASP A 1 72  ? -14.259 -12.022 1.181   1.00 32.90 ? 72  ASP A OD2 1 
ATOM   568 N  N   . SER A 1 73  ? -13.005 -8.647  4.601   1.00 23.63 ? 73  SER A N   1 
ATOM   569 C  CA  . SER A 1 73  ? -12.556 -8.694  5.992   1.00 22.86 ? 73  SER A CA  1 
ATOM   570 C  C   . SER A 1 73  ? -12.172 -10.096 6.448   1.00 24.47 ? 73  SER A C   1 
ATOM   571 O  O   . SER A 1 73  ? -11.245 -10.266 7.239   1.00 25.39 ? 73  SER A O   1 
ATOM   572 C  CB  . SER A 1 73  ? -13.641 -8.125  6.912   1.00 29.25 ? 73  SER A CB  1 
ATOM   573 O  OG  . SER A 1 73  ? -13.384 -8.443  8.271   1.00 50.83 ? 73  SER A OG  1 
ATOM   574 N  N   . ALA A 1 74  ? -12.892 -11.099 5.957   1.00 25.82 ? 74  ALA A N   1 
ATOM   575 C  CA  . ALA A 1 74  ? -12.585 -12.481 6.300   1.00 24.29 ? 74  ALA A CA  1 
ATOM   576 C  C   . ALA A 1 74  ? -11.144 -12.817 5.934   1.00 21.64 ? 74  ALA A C   1 
ATOM   577 O  O   . ALA A 1 74  ? -10.434 -13.463 6.705   1.00 22.70 ? 74  ALA A O   1 
ATOM   578 C  CB  . ALA A 1 74  ? -13.550 -13.427 5.602   1.00 28.70 ? 74  ALA A CB  1 
ATOM   579 N  N   . GLN A 1 75  ? -10.709 -12.360 4.762   1.00 21.49 ? 75  GLN A N   1 
ATOM   580 C  CA  . GLN A 1 75  ? -9.344  -12.613 4.309   1.00 18.90 ? 75  GLN A CA  1 
ATOM   581 C  C   . GLN A 1 75  ? -8.303  -11.901 5.177   1.00 18.01 ? 75  GLN A C   1 
ATOM   582 O  O   . GLN A 1 75  ? -7.204  -12.424 5.386   1.00 19.50 ? 75  GLN A O   1 
ATOM   583 C  CB  . GLN A 1 75  ? -9.181  -12.222 2.838   1.00 21.43 ? 75  GLN A CB  1 
ATOM   584 C  CG  . GLN A 1 75  ? -9.994  -13.089 1.883   1.00 27.78 ? 75  GLN A CG  1 
ATOM   585 C  CD  . GLN A 1 75  ? -9.737  -12.757 0.426   1.00 47.89 ? 75  GLN A CD  1 
ATOM   586 O  OE1 . GLN A 1 75  ? -8.709  -12.177 0.083   1.00 49.47 ? 75  GLN A OE1 1 
ATOM   587 N  NE2 . GLN A 1 75  ? -10.673 -13.128 -0.440  1.00 50.88 ? 75  GLN A NE2 1 
ATOM   588 N  N   . VAL A 1 76  ? -8.646  -10.715 5.683   1.00 18.38 ? 76  VAL A N   1 
ATOM   589 C  CA  . VAL A 1 76  ? -7.756  -10.013 6.598   1.00 17.17 ? 76  VAL A CA  1 
ATOM   590 C  C   . VAL A 1 76  ? -7.611  -10.844 7.865   1.00 15.67 ? 76  VAL A C   1 
ATOM   591 O  O   . VAL A 1 76  ? -6.504  -11.057 8.358   1.00 17.27 ? 76  VAL A O   1 
ATOM   592 C  CB  . VAL A 1 76  ? -8.254  -8.593  6.944   1.00 17.37 ? 76  VAL A CB  1 
ATOM   593 C  CG1 . VAL A 1 76  ? -7.334  -7.949  7.992   1.00 19.46 ? 76  VAL A CG1 1 
ATOM   594 C  CG2 . VAL A 1 76  ? -8.322  -7.730  5.700   1.00 19.31 ? 76  VAL A CG2 1 
ATOM   595 N  N   . GLY A 1 77  ? -8.741  -11.337 8.370   1.00 18.75 ? 77  GLY A N   1 
ATOM   596 C  CA  . GLY A 1 77  ? -8.750  -12.181 9.552   1.00 18.96 ? 77  GLY A CA  1 
ATOM   597 C  C   . GLY A 1 77  ? -7.953  -13.461 9.368   1.00 19.18 ? 77  GLY A C   1 
ATOM   598 O  O   . GLY A 1 77  ? -7.237  -13.887 10.270  1.00 19.91 ? 77  GLY A O   1 
ATOM   599 N  N   A HIS A 1 78  ? -8.081  -14.073 8.197   0.44 19.12 ? 78  HIS A N   1 
ATOM   600 N  N   B HIS A 1 78  ? -8.083  -14.083 8.200   0.56 19.10 ? 78  HIS A N   1 
ATOM   601 C  CA  A HIS A 1 78  ? -7.331  -15.286 7.889   0.44 19.55 ? 78  HIS A CA  1 
ATOM   602 C  CA  B HIS A 1 78  ? -7.317  -15.289 7.900   0.56 19.54 ? 78  HIS A CA  1 
ATOM   603 C  C   A HIS A 1 78  ? -5.833  -14.999 7.892   0.44 18.75 ? 78  HIS A C   1 
ATOM   604 C  C   B HIS A 1 78  ? -5.829  -14.980 7.926   0.56 18.72 ? 78  HIS A C   1 
ATOM   605 O  O   A HIS A 1 78  ? -5.046  -15.756 8.459   0.44 17.38 ? 78  HIS A O   1 
ATOM   606 O  O   B HIS A 1 78  ? -5.043  -15.709 8.533   0.56 17.30 ? 78  HIS A O   1 
ATOM   607 C  CB  A HIS A 1 78  ? -7.774  -15.868 6.541   0.44 23.49 ? 78  HIS A CB  1 
ATOM   608 C  CB  B HIS A 1 78  ? -7.702  -15.867 6.533   0.56 23.54 ? 78  HIS A CB  1 
ATOM   609 C  CG  A HIS A 1 78  ? -9.186  -16.365 6.533   0.44 24.93 ? 78  HIS A CG  1 
ATOM   610 C  CG  B HIS A 1 78  ? -6.930  -17.097 6.159   0.56 24.88 ? 78  HIS A CG  1 
ATOM   611 N  ND1 A HIS A 1 78  ? -10.017 -16.256 7.629   0.44 28.48 ? 78  HIS A ND1 1 
ATOM   612 N  ND1 B HIS A 1 78  ? -5.663  -17.049 5.617   0.56 33.91 ? 78  HIS A ND1 1 
ATOM   613 C  CD2 A HIS A 1 78  ? -9.916  -16.973 5.569   0.44 32.41 ? 78  HIS A CD2 1 
ATOM   614 C  CD2 B HIS A 1 78  ? -7.250  -18.411 6.246   0.56 24.35 ? 78  HIS A CD2 1 
ATOM   615 C  CE1 A HIS A 1 78  ? -11.197 -16.774 7.339   0.44 31.88 ? 78  HIS A CE1 1 
ATOM   616 C  CE1 B HIS A 1 78  ? -5.234  -18.279 5.393   0.56 24.31 ? 78  HIS A CE1 1 
ATOM   617 N  NE2 A HIS A 1 78  ? -11.161 -17.216 6.094   0.44 29.38 ? 78  HIS A NE2 1 
ATOM   618 N  NE2 B HIS A 1 78  ? -6.177  -19.123 5.768   0.56 29.06 ? 78  HIS A NE2 1 
ATOM   619 N  N   . ALA A 1 79  ? -5.449  -13.892 7.264   1.00 17.98 ? 79  ALA A N   1 
ATOM   620 C  CA  . ALA A 1 79  ? -4.051  -13.494 7.206   1.00 17.30 ? 79  ALA A CA  1 
ATOM   621 C  C   . ALA A 1 79  ? -3.513  -13.185 8.602   1.00 15.89 ? 79  ALA A C   1 
ATOM   622 O  O   . ALA A 1 79  ? -2.424  -13.622 8.958   1.00 16.08 ? 79  ALA A O   1 
ATOM   623 C  CB  . ALA A 1 79  ? -3.876  -12.302 6.272   1.00 18.43 ? 79  ALA A CB  1 
ATOM   624 N  N   . ALA A 1 80  ? -4.290  -12.465 9.405   1.00 16.54 ? 80  ALA A N   1 
ATOM   625 C  CA  . ALA A 1 80  ? -3.855  -12.119 10.753  1.00 16.61 ? 80  ALA A CA  1 
ATOM   626 C  C   . ALA A 1 80  ? -3.524  -13.369 11.572  1.00 13.48 ? 80  ALA A C   1 
ATOM   627 O  O   . ALA A 1 80  ? -2.476  -13.437 12.218  1.00 17.74 ? 80  ALA A O   1 
ATOM   628 C  CB  . ALA A 1 80  ? -4.916  -11.276 11.454  1.00 20.67 ? 80  ALA A CB  1 
ATOM   629 N  N   A ARG A 1 81  ? -4.421  -14.351 11.533  0.47 17.87 ? 81  ARG A N   1 
ATOM   630 N  N   B ARG A 1 81  ? -4.420  -14.351 11.534  0.53 17.86 ? 81  ARG A N   1 
ATOM   631 C  CA  A ARG A 1 81  ? -4.229  -15.605 12.257  0.47 18.97 ? 81  ARG A CA  1 
ATOM   632 C  CA  B ARG A 1 81  ? -4.227  -15.606 12.257  0.53 18.97 ? 81  ARG A CA  1 
ATOM   633 C  C   A ARG A 1 81  ? -3.022  -16.379 11.736  0.47 16.79 ? 81  ARG A C   1 
ATOM   634 C  C   B ARG A 1 81  ? -3.021  -16.379 11.736  0.53 16.78 ? 81  ARG A C   1 
ATOM   635 O  O   A ARG A 1 81  ? -2.194  -16.857 12.514  0.47 16.72 ? 81  ARG A O   1 
ATOM   636 O  O   B ARG A 1 81  ? -2.189  -16.854 12.514  0.53 16.69 ? 81  ARG A O   1 
ATOM   637 C  CB  A ARG A 1 81  ? -5.489  -16.469 12.161  0.47 20.89 ? 81  ARG A CB  1 
ATOM   638 C  CB  B ARG A 1 81  ? -5.489  -16.469 12.161  0.53 20.89 ? 81  ARG A CB  1 
ATOM   639 N  N   . ARG A 1 82  ? -2.921  -16.490 10.414  1.00 14.76 ? 82  ARG A N   1 
ATOM   640 C  CA  . ARG A 1 82  ? -1.819  -17.222 9.792   1.00 18.95 ? 82  ARG A CA  1 
ATOM   641 C  C   . ARG A 1 82  ? -0.469  -16.594 10.127  1.00 16.10 ? 82  ARG A C   1 
ATOM   642 O  O   . ARG A 1 82  ? 0.474   -17.286 10.500  1.00 16.63 ? 82  ARG A O   1 
ATOM   643 C  CB  . ARG A 1 82  ? -2.001  -17.306 8.274   1.00 18.10 ? 82  ARG A CB  1 
ATOM   644 C  CG  . ARG A 1 82  ? -0.956  -18.177 7.603   1.00 20.66 ? 82  ARG A CG  1 
ATOM   645 C  CD  . ARG A 1 82  ? -1.134  -18.227 6.092   1.00 22.82 ? 82  ARG A CD  1 
ATOM   646 N  NE  . ARG A 1 82  ? -0.963  -16.918 5.474   1.00 24.21 ? 82  ARG A NE  1 
ATOM   647 C  CZ  . ARG A 1 82  ? 0.215   -16.348 5.241   1.00 26.54 ? 82  ARG A CZ  1 
ATOM   648 N  NH1 . ARG A 1 82  ? 1.339   -16.967 5.580   1.00 23.60 ? 82  ARG A NH1 1 
ATOM   649 N  NH2 . ARG A 1 82  ? 0.269   -15.154 4.672   1.00 30.61 ? 82  ARG A NH2 1 
ATOM   650 N  N   . LEU A 1 83  ? -0.386  -15.272 10.012  1.00 15.60 ? 83  LEU A N   1 
ATOM   651 C  CA  . LEU A 1 83  ? 0.861   -14.568 10.288  1.00 15.81 ? 83  LEU A CA  1 
ATOM   652 C  C   . LEU A 1 83  ? 1.261   -14.711 11.756  1.00 16.53 ? 83  LEU A C   1 
ATOM   653 O  O   . LEU A 1 83  ? 2.432   -14.953 12.078  1.00 17.41 ? 83  LEU A O   1 
ATOM   654 C  CB  . LEU A 1 83  ? 0.734   -13.093 9.894   1.00 17.04 ? 83  LEU A CB  1 
ATOM   655 C  CG  . LEU A 1 83  ? 0.546   -12.857 8.394   1.00 16.16 ? 83  LEU A CG  1 
ATOM   656 C  CD1 . LEU A 1 83  ? 0.219   -11.400 8.125   1.00 19.13 ? 83  LEU A CD1 1 
ATOM   657 C  CD2 . LEU A 1 83  ? 1.781   -13.298 7.614   1.00 19.95 ? 83  LEU A CD2 1 
ATOM   658 N  N   . LYS A 1 84  ? 0.278   -14.575 12.642  1.00 17.50 ? 84  LYS A N   1 
ATOM   659 C  CA  . LYS A 1 84  ? 0.501   -14.722 14.078  1.00 20.16 ? 84  LYS A CA  1 
ATOM   660 C  C   . LYS A 1 84  ? 1.001   -16.128 14.422  1.00 21.86 ? 84  LYS A C   1 
ATOM   661 O  O   . LYS A 1 84  ? 1.967   -16.293 15.169  1.00 24.51 ? 84  LYS A O   1 
ATOM   662 C  CB  . LYS A 1 84  ? -0.803  -14.431 14.830  1.00 28.49 ? 84  LYS A CB  1 
ATOM   663 C  CG  . LYS A 1 84  ? -0.622  -13.717 16.154  1.00 44.02 ? 84  LYS A CG  1 
ATOM   664 C  CD  . LYS A 1 84  ? -1.951  -13.578 16.892  1.00 35.47 ? 84  LYS A CD  1 
ATOM   665 C  CE  . LYS A 1 84  ? -3.049  -13.026 16.001  1.00 34.58 ? 84  LYS A CE  1 
ATOM   666 N  NZ  . LYS A 1 84  ? -4.263  -12.619 16.776  1.00 45.43 ? 84  LYS A NZ  1 
ATOM   667 N  N   . GLU A 1 85  ? 0.353   -17.145 13.860  1.00 20.56 ? 85  GLU A N   1 
ATOM   668 C  CA  . GLU A 1 85  ? 0.746   -18.520 14.146  1.00 25.78 ? 85  GLU A CA  1 
ATOM   669 C  C   . GLU A 1 85  ? 2.099   -18.892 13.526  1.00 27.42 ? 85  GLU A C   1 
ATOM   670 O  O   . GLU A 1 85  ? 2.727   -19.871 13.929  1.00 28.93 ? 85  GLU A O   1 
ATOM   671 C  CB  . GLU A 1 85  ? -0.376  -19.493 13.761  1.00 28.56 ? 85  GLU A CB  1 
ATOM   672 C  CG  . GLU A 1 85  ? -1.604  -19.337 14.662  1.00 27.68 ? 85  GLU A CG  1 
ATOM   673 C  CD  . GLU A 1 85  ? -2.793  -20.171 14.225  1.00 58.48 ? 85  GLU A CD  1 
ATOM   674 O  OE1 . GLU A 1 85  ? -2.721  -20.803 13.151  1.00 63.84 ? 85  GLU A OE1 1 
ATOM   675 O  OE2 . GLU A 1 85  ? -3.806  -20.187 14.958  1.00 54.85 ? 85  GLU A OE2 1 
ATOM   676 N  N   A SER A 1 86  ? 2.536   -18.101 12.551  0.51 22.16 ? 86  SER A N   1 
ATOM   677 N  N   B SER A 1 86  ? 2.556   -18.096 12.562  0.49 22.16 ? 86  SER A N   1 
ATOM   678 C  CA  A SER A 1 86  ? 3.855   -18.283 11.958  0.51 20.48 ? 86  SER A CA  1 
ATOM   679 C  CA  B SER A 1 86  ? 3.875   -18.304 11.969  0.49 20.46 ? 86  SER A CA  1 
ATOM   680 C  C   A SER A 1 86  ? 4.943   -17.670 12.836  0.51 21.78 ? 86  SER A C   1 
ATOM   681 C  C   B SER A 1 86  ? 4.955   -17.655 12.830  0.49 21.77 ? 86  SER A C   1 
ATOM   682 O  O   A SER A 1 86  ? 6.132   -17.877 12.598  0.51 26.23 ? 86  SER A O   1 
ATOM   683 O  O   B SER A 1 86  ? 6.147   -17.816 12.577  0.49 26.20 ? 86  SER A O   1 
ATOM   684 C  CB  A SER A 1 86  ? 3.900   -17.683 10.551  0.51 23.63 ? 86  SER A CB  1 
ATOM   685 C  CB  B SER A 1 86  ? 3.932   -17.752 10.542  0.49 23.61 ? 86  SER A CB  1 
ATOM   686 O  OG  A SER A 1 86  ? 3.081   -18.417 9.659   0.51 29.78 ? 86  SER A OG  1 
ATOM   687 O  OG  B SER A 1 86  ? 4.103   -16.344 10.536  0.49 17.15 ? 86  SER A OG  1 
ATOM   688 N  N   . GLY A 1 87  ? 4.533   -16.919 13.853  1.00 22.24 ? 87  GLY A N   1 
ATOM   689 C  CA  . GLY A 1 87  ? 5.472   -16.333 14.791  1.00 22.25 ? 87  GLY A CA  1 
ATOM   690 C  C   . GLY A 1 87  ? 5.792   -14.866 14.569  1.00 26.53 ? 87  GLY A C   1 
ATOM   691 O  O   . GLY A 1 87  ? 6.670   -14.316 15.235  1.00 27.23 ? 87  GLY A O   1 
ATOM   692 N  N   . LEU A 1 88  ? 5.088   -14.229 13.636  1.00 19.95 ? 88  LEU A N   1 
ATOM   693 C  CA  . LEU A 1 88  ? 5.285   -12.802 13.394  1.00 17.15 ? 88  LEU A CA  1 
ATOM   694 C  C   . LEU A 1 88  ? 4.482   -11.981 14.398  1.00 20.31 ? 88  LEU A C   1 
ATOM   695 O  O   . LEU A 1 88  ? 3.369   -12.356 14.766  1.00 21.60 ? 88  LEU A O   1 
ATOM   696 C  CB  . LEU A 1 88  ? 4.883   -12.428 11.959  1.00 19.07 ? 88  LEU A CB  1 
ATOM   697 C  CG  . LEU A 1 88  ? 5.697   -13.006 10.795  1.00 16.89 ? 88  LEU A CG  1 
ATOM   698 C  CD1 . LEU A 1 88  ? 5.170   -12.487 9.457   1.00 21.60 ? 88  LEU A CD1 1 
ATOM   699 C  CD2 . LEU A 1 88  ? 7.179   -12.690 10.950  1.00 22.15 ? 88  LEU A CD2 1 
ATOM   700 N  N   . ALA A 1 89  ? 5.056   -10.872 14.853  1.00 17.76 ? 89  ALA A N   1 
ATOM   701 C  CA  . ALA A 1 89  ? 4.327   -9.931  15.702  1.00 18.25 ? 89  ALA A CA  1 
ATOM   702 C  C   . ALA A 1 89  ? 3.368   -9.140  14.831  1.00 19.13 ? 89  ALA A C   1 
ATOM   703 O  O   . ALA A 1 89  ? 3.782   -8.535  13.845  1.00 24.99 ? 89  ALA A O   1 
ATOM   704 C  CB  . ALA A 1 89  ? 5.288   -8.998  16.420  1.00 21.89 ? 89  ALA A CB  1 
ATOM   705 N  N   . THR A 1 90  ? 2.091   -9.162  15.188  1.00 16.01 ? 90  THR A N   1 
ATOM   706 C  CA  . THR A 1 90  ? 1.050   -8.497  14.414  1.00 15.60 ? 90  THR A CA  1 
ATOM   707 C  C   . THR A 1 90  ? 0.332   -7.455  15.258  1.00 17.72 ? 90  THR A C   1 
ATOM   708 O  O   . THR A 1 90  ? 0.263   -7.571  16.482  1.00 19.33 ? 90  THR A O   1 
ATOM   709 C  CB  . THR A 1 90  ? -0.016  -9.488  13.912  1.00 16.23 ? 90  THR A CB  1 
ATOM   710 O  OG1 . THR A 1 90  ? -0.637  -10.134 15.033  1.00 20.43 ? 90  THR A OG1 1 
ATOM   711 C  CG2 . THR A 1 90  ? 0.598   -10.544 13.005  1.00 19.44 ? 90  THR A CG2 1 
ATOM   712 N  N   . VAL A 1 91  ? -0.207  -6.438  14.590  1.00 15.12 ? 91  VAL A N   1 
ATOM   713 C  CA  . VAL A 1 91  ? -1.103  -5.485  15.231  1.00 13.95 ? 91  VAL A CA  1 
ATOM   714 C  C   . VAL A 1 91  ? -2.314  -5.329  14.328  1.00 16.87 ? 91  VAL A C   1 
ATOM   715 O  O   . VAL A 1 91  ? -2.182  -4.918  13.176  1.00 16.04 ? 91  VAL A O   1 
ATOM   716 C  CB  . VAL A 1 91  ? -0.445  -4.104  15.422  1.00 13.44 ? 91  VAL A CB  1 
ATOM   717 C  CG1 . VAL A 1 91  ? -1.406  -3.178  16.148  1.00 16.48 ? 91  VAL A CG1 1 
ATOM   718 C  CG2 . VAL A 1 91  ? 0.867   -4.222  16.188  1.00 17.54 ? 91  VAL A CG2 1 
ATOM   719 N  N   . GLU A 1 92  ? -3.498  -5.662  14.837  1.00 15.92 ? 92  GLU A N   1 
ATOM   720 C  CA  . GLU A 1 92  ? -4.719  -5.560  14.053  1.00 15.14 ? 92  GLU A CA  1 
ATOM   721 C  C   . GLU A 1 92  ? -5.434  -4.223  14.261  1.00 22.41 ? 92  GLU A C   1 
ATOM   722 O  O   . GLU A 1 92  ? -5.431  -3.673  15.371  1.00 20.63 ? 92  GLU A O   1 
ATOM   723 C  CB  . GLU A 1 92  ? -5.662  -6.715  14.408  1.00 19.35 ? 92  GLU A CB  1 
ATOM   724 C  CG  . GLU A 1 92  ? -5.049  -8.087  14.158  1.00 22.66 ? 92  GLU A CG  1 
ATOM   725 C  CD  . GLU A 1 92  ? -5.901  -9.221  14.690  1.00 31.35 ? 92  GLU A CD  1 
ATOM   726 O  OE1 . GLU A 1 92  ? -7.119  -9.022  14.878  1.00 37.85 ? 92  GLU A OE1 1 
ATOM   727 O  OE2 . GLU A 1 92  ? -5.343  -10.313 14.927  1.00 30.18 ? 92  GLU A OE2 1 
ATOM   728 N  N   . GLU A 1 93  ? -6.019  -3.692  13.189  1.00 19.37 ? 93  GLU A N   1 
ATOM   729 C  CA  . GLU A 1 93  ? -6.967  -2.588  13.297  1.00 19.12 ? 93  GLU A CA  1 
ATOM   730 C  C   . GLU A 1 93  ? -8.339  -3.179  13.056  1.00 25.95 ? 93  GLU A C   1 
ATOM   731 O  O   . GLU A 1 93  ? -8.571  -3.818  12.021  1.00 26.04 ? 93  GLU A O   1 
ATOM   732 C  CB  . GLU A 1 93  ? -6.673  -1.475  12.288  1.00 19.68 ? 93  GLU A CB  1 
ATOM   733 C  CG  . GLU A 1 93  ? -5.350  -0.759  12.516  1.00 18.38 ? 93  GLU A CG  1 
ATOM   734 C  CD  . GLU A 1 93  ? -5.209  0.491   11.664  1.00 19.58 ? 93  GLU A CD  1 
ATOM   735 O  OE1 . GLU A 1 93  ? -4.116  0.727   11.109  1.00 18.86 ? 93  GLU A OE1 1 
ATOM   736 O  OE2 . GLU A 1 93  ? -6.191  1.251   11.551  1.00 23.70 ? 93  GLU A OE2 1 
ATOM   737 N  N   . ASN A 1 94  ? -9.232  -2.948  14.021  1.00 40.92 ? 94  ASN A N   1 
ATOM   738 C  CA  . ASN A 1 94  ? -10.520 -3.637  14.146  1.00 54.72 ? 94  ASN A CA  1 
ATOM   739 C  C   . ASN A 1 94  ? -10.343 -5.077  14.632  1.00 52.84 ? 94  ASN A C   1 
ATOM   740 O  O   . ASN A 1 94  ? -9.681  -5.321  15.643  1.00 62.62 ? 94  ASN A O   1 
ATOM   741 C  CB  . ASN A 1 94  ? -11.340 -3.580  12.848  1.00 47.49 ? 94  ASN A CB  1 
ATOM   742 N  N   . ASP A 1 104 ? -10.405 -2.584  7.977   1.00 36.20 ? 104 ASP A N   1 
ATOM   743 C  CA  . ASP A 1 104 ? -9.872  -3.781  8.617   1.00 29.84 ? 104 ASP A CA  1 
ATOM   744 C  C   . ASP A 1 104 ? -8.471  -4.082  8.081   1.00 17.52 ? 104 ASP A C   1 
ATOM   745 O  O   . ASP A 1 104 ? -8.264  -4.178  6.868   1.00 19.52 ? 104 ASP A O   1 
ATOM   746 C  CB  . ASP A 1 104 ? -10.815 -4.965  8.402   1.00 44.00 ? 104 ASP A CB  1 
ATOM   747 C  CG  . ASP A 1 104 ? -10.727 -5.994  9.515   1.00 50.45 ? 104 ASP A CG  1 
ATOM   748 O  OD1 . ASP A 1 104 ? -10.041 -5.729  10.526  1.00 58.72 ? 104 ASP A OD1 1 
ATOM   749 O  OD2 . ASP A 1 104 ? -11.358 -7.064  9.382   1.00 56.97 ? 104 ASP A OD2 1 
ATOM   750 N  N   . LYS A 1 105 ? -7.510  -4.190  8.996   1.00 17.36 ? 105 LYS A N   1 
ATOM   751 C  CA  . LYS A 1 105 ? -6.098  -4.305  8.648   1.00 16.11 ? 105 LYS A CA  1 
ATOM   752 C  C   . LYS A 1 105 ? -5.358  -5.185  9.632   1.00 18.32 ? 105 LYS A C   1 
ATOM   753 O  O   . LYS A 1 105 ? -5.765  -5.337  10.789  1.00 18.11 ? 105 LYS A O   1 
ATOM   754 C  CB  . LYS A 1 105 ? -5.408  -2.935  8.698   1.00 20.51 ? 105 LYS A CB  1 
ATOM   755 C  CG  . LYS A 1 105 ? -6.053  -1.821  7.914   1.00 21.98 ? 105 LYS A CG  1 
ATOM   756 C  CD  . LYS A 1 105 ? -5.164  -0.594  7.956   1.00 21.52 ? 105 LYS A CD  1 
ATOM   757 C  CE  . LYS A 1 105 ? -5.735  0.513   7.121   1.00 25.50 ? 105 LYS A CE  1 
ATOM   758 N  NZ  . LYS A 1 105 ? -4.678  1.493   6.779   1.00 29.56 ? 105 LYS A NZ  1 
ATOM   759 N  N   . VAL A 1 106 ? -4.243  -5.744  9.181   1.00 13.98 ? 106 VAL A N   1 
ATOM   760 C  CA  . VAL A 1 106 ? -3.265  -6.295  10.103  1.00 13.50 ? 106 VAL A CA  1 
ATOM   761 C  C   . VAL A 1 106 ? -1.869  -5.846  9.662   1.00 15.16 ? 106 VAL A C   1 
ATOM   762 O  O   . VAL A 1 106 ? -1.536  -5.910  8.477   1.00 14.18 ? 106 VAL A O   1 
ATOM   763 C  CB  . VAL A 1 106 ? -3.396  -7.840  10.247  1.00 14.81 ? 106 VAL A CB  1 
ATOM   764 C  CG1 . VAL A 1 106 ? -3.236  -8.546  8.905   1.00 16.25 ? 106 VAL A CG1 1 
ATOM   765 C  CG2 . VAL A 1 106 ? -2.395  -8.365  11.263  1.00 15.25 ? 106 VAL A CG2 1 
ATOM   766 N  N   . TRP A 1 107 ? -1.074  -5.369  10.611  1.00 12.32 ? 107 TRP A N   1 
ATOM   767 C  CA  . TRP A 1 107 ? 0.267   -4.869  10.336  1.00 12.45 ? 107 TRP A CA  1 
ATOM   768 C  C   . TRP A 1 107 ? 1.344   -5.810  10.827  1.00 12.83 ? 107 TRP A C   1 
ATOM   769 O  O   . TRP A 1 107 ? 1.255   -6.363  11.927  1.00 13.79 ? 107 TRP A O   1 
ATOM   770 C  CB  . TRP A 1 107 ? 0.482   -3.534  11.048  1.00 12.38 ? 107 TRP A CB  1 
ATOM   771 C  CG  . TRP A 1 107 ? -0.316  -2.407  10.514  1.00 12.22 ? 107 TRP A CG  1 
ATOM   772 C  CD1 . TRP A 1 107 ? -1.536  -1.989  10.954  1.00 13.37 ? 107 TRP A CD1 1 
ATOM   773 C  CD2 . TRP A 1 107 ? 0.050   -1.531  9.437   1.00 12.73 ? 107 TRP A CD2 1 
ATOM   774 N  NE1 . TRP A 1 107 ? -1.954  -0.901  10.215  1.00 14.09 ? 107 TRP A NE1 1 
ATOM   775 C  CE2 . TRP A 1 107 ? -0.999  -0.607  9.276   1.00 14.12 ? 107 TRP A CE2 1 
ATOM   776 C  CE3 . TRP A 1 107 ? 1.159   -1.444  8.590   1.00 14.19 ? 107 TRP A CE3 1 
ATOM   777 C  CZ2 . TRP A 1 107 ? -0.975  0.393   8.297   1.00 15.21 ? 107 TRP A CZ2 1 
ATOM   778 C  CZ3 . TRP A 1 107 ? 1.183   -0.446  7.620   1.00 15.60 ? 107 TRP A CZ3 1 
ATOM   779 C  CH2 . TRP A 1 107 ? 0.126   0.458   7.486   1.00 15.57 ? 107 TRP A CH2 1 
ATOM   780 N  N   . VAL A 1 108 ? 2.381   -5.965  10.011  1.00 12.77 ? 108 VAL A N   1 
ATOM   781 C  CA  . VAL A 1 108 ? 3.618   -6.619  10.420  1.00 13.18 ? 108 VAL A CA  1 
ATOM   782 C  C   . VAL A 1 108 ? 4.768   -5.739  9.937   1.00 13.98 ? 108 VAL A C   1 
ATOM   783 O  O   . VAL A 1 108 ? 4.579   -4.898  9.058   1.00 16.21 ? 108 VAL A O   1 
ATOM   784 C  CB  . VAL A 1 108 ? 3.767   -8.059  9.847   1.00 13.22 ? 108 VAL A CB  1 
ATOM   785 C  CG1 . VAL A 1 108 ? 2.754   -8.995  10.477  1.00 14.68 ? 108 VAL A CG1 1 
ATOM   786 C  CG2 . VAL A 1 108 ? 3.617   -8.057  8.326   1.00 16.01 ? 108 VAL A CG2 1 
ATOM   787 N  N   . THR A 1 109 ? 5.945   -5.919  10.514  1.00 13.72 ? 109 THR A N   1 
ATOM   788 C  CA  . THR A 1 109 ? 7.112   -5.133  10.138  1.00 12.10 ? 109 THR A CA  1 
ATOM   789 C  C   . THR A 1 109 ? 8.290   -6.060  9.854   1.00 13.19 ? 109 THR A C   1 
ATOM   790 O  O   . THR A 1 109 ? 8.599   -6.945  10.659  1.00 14.45 ? 109 THR A O   1 
ATOM   791 C  CB  . THR A 1 109 ? 7.491   -4.140  11.250  1.00 13.94 ? 109 THR A CB  1 
ATOM   792 O  OG1 . THR A 1 109 ? 6.387   -3.256  11.501  1.00 24.32 ? 109 THR A OG1 1 
ATOM   793 C  CG2 . THR A 1 109 ? 8.689   -3.309  10.839  1.00 18.05 ? 109 THR A CG2 1 
ATOM   794 N  N   . GLY A 1 110 ? 8.939   -5.860  8.707   1.00 12.74 ? 110 GLY A N   1 
ATOM   795 C  CA  . GLY A 1 110 ? 10.112  -6.643  8.340   1.00 14.31 ? 110 GLY A CA  1 
ATOM   796 C  C   . GLY A 1 110 ? 11.315  -6.329  9.209   1.00 13.45 ? 110 GLY A C   1 
ATOM   797 O  O   . GLY A 1 110 ? 11.329  -5.318  9.918   1.00 14.68 ? 110 GLY A O   1 
ATOM   798 N  N   . PRO A 1 111 ? 12.337  -7.190  9.168   1.00 12.27 ? 111 PRO A N   1 
ATOM   799 C  CA  . PRO A 1 111 ? 13.491  -6.995  10.053  1.00 15.77 ? 111 PRO A CA  1 
ATOM   800 C  C   . PRO A 1 111 ? 14.240  -5.675  9.856   1.00 19.56 ? 111 PRO A C   1 
ATOM   801 O  O   . PRO A 1 111 ? 14.822  -5.179  10.825  1.00 21.03 ? 111 PRO A O   1 
ATOM   802 C  CB  . PRO A 1 111 ? 14.394  -8.202  9.756   1.00 18.52 ? 111 PRO A CB  1 
ATOM   803 C  CG  . PRO A 1 111 ? 13.784  -8.915  8.598   1.00 19.01 ? 111 PRO A CG  1 
ATOM   804 C  CD  . PRO A 1 111 ? 12.363  -8.477  8.462   1.00 14.80 ? 111 PRO A CD  1 
ATOM   805 N  N   . GLY A 1 112 ? 14.215  -5.101  8.659   1.00 15.39 ? 112 GLY A N   1 
ATOM   806 C  CA  . GLY A 1 112 ? 14.835  -3.801  8.452   1.00 14.58 ? 112 GLY A CA  1 
ATOM   807 C  C   . GLY A 1 112 ? 13.898  -2.612  8.607   1.00 11.94 ? 112 GLY A C   1 
ATOM   808 O  O   . GLY A 1 112 ? 14.227  -1.501  8.181   1.00 14.42 ? 112 GLY A O   1 
ATOM   809 N  N   . GLY A 1 113 ? 12.725  -2.848  9.195   1.00 13.33 ? 113 GLY A N   1 
ATOM   810 C  CA  . GLY A 1 113 ? 11.823  -1.769  9.557   1.00 15.35 ? 113 GLY A CA  1 
ATOM   811 C  C   . GLY A 1 113 ? 10.697  -1.458  8.590   1.00 14.93 ? 113 GLY A C   1 
ATOM   812 O  O   . GLY A 1 113 ? 9.873   -0.582  8.864   1.00 17.13 ? 113 GLY A O   1 
ATOM   813 N  N   . GLU A 1 114 ? 10.633  -2.163  7.466   1.00 12.89 ? 114 GLU A N   1 
ATOM   814 C  CA  . GLU A 1 114 ? 9.620   -1.856  6.469   1.00 12.27 ? 114 GLU A CA  1 
ATOM   815 C  C   . GLU A 1 114 ? 8.253   -2.403  6.884   1.00 13.48 ? 114 GLU A C   1 
ATOM   816 O  O   . GLU A 1 114 ? 8.106   -3.597  7.156   1.00 13.06 ? 114 GLU A O   1 
ATOM   817 C  CB  . GLU A 1 114 ? 10.045  -2.346  5.073   1.00 12.84 ? 114 GLU A CB  1 
ATOM   818 C  CG  . GLU A 1 114 ? 10.018  -3.865  4.842   1.00 14.14 ? 114 GLU A CG  1 
ATOM   819 C  CD  . GLU A 1 114 ? 11.280  -4.602  5.288   1.00 13.16 ? 114 GLU A CD  1 
ATOM   820 O  OE1 . GLU A 1 114 ? 12.048  -4.096  6.136   1.00 14.49 ? 114 GLU A OE1 1 
ATOM   821 O  OE2 . GLU A 1 114 ? 11.523  -5.720  4.778   1.00 13.88 ? 114 GLU A OE2 1 
ATOM   822 N  N   . PRO A 1 115 ? 7.244   -1.522  6.969   1.00 11.99 ? 115 PRO A N   1 
ATOM   823 C  CA  . PRO A 1 115 ? 5.925   -1.974  7.424   1.00 10.95 ? 115 PRO A CA  1 
ATOM   824 C  C   . PRO A 1 115 ? 5.032   -2.486  6.303   1.00 11.48 ? 115 PRO A C   1 
ATOM   825 O  O   . PRO A 1 115 ? 5.021   -1.908  5.202   1.00 12.49 ? 115 PRO A O   1 
ATOM   826 C  CB  . PRO A 1 115 ? 5.323   -0.715  8.060   1.00 14.63 ? 115 PRO A CB  1 
ATOM   827 C  CG  . PRO A 1 115 ? 5.982   0.435   7.343   1.00 14.91 ? 115 PRO A CG  1 
ATOM   828 C  CD  . PRO A 1 115 ? 7.321   -0.054  6.827   1.00 12.97 ? 115 PRO A CD  1 
ATOM   829 N  N   . TRP A 1 116 ? 4.301   -3.561  6.589   1.00 10.82 ? 116 TRP A N   1 
ATOM   830 C  CA  . TRP A 1 116 ? 3.308   -4.124  5.680   1.00 11.22 ? 116 TRP A CA  1 
ATOM   831 C  C   . TRP A 1 116 ? 1.935   -4.163  6.324   1.00 11.36 ? 116 TRP A C   1 
ATOM   832 O  O   . TRP A 1 116 ? 1.798   -4.609  7.468   1.00 13.42 ? 116 TRP A O   1 
ATOM   833 C  CB  . TRP A 1 116 ? 3.676   -5.563  5.319   1.00 12.01 ? 116 TRP A CB  1 
ATOM   834 C  CG  . TRP A 1 116 ? 4.803   -5.715  4.347   1.00 12.44 ? 116 TRP A CG  1 
ATOM   835 C  CD1 . TRP A 1 116 ? 6.134   -5.643  4.621   1.00 11.91 ? 116 TRP A CD1 1 
ATOM   836 C  CD2 . TRP A 1 116 ? 4.690   -6.000  2.945   1.00 11.52 ? 116 TRP A CD2 1 
ATOM   837 N  NE1 . TRP A 1 116 ? 6.864   -5.849  3.469   1.00 11.37 ? 116 TRP A NE1 1 
ATOM   838 C  CE2 . TRP A 1 116 ? 6.000   -6.068  2.426   1.00 10.47 ? 116 TRP A CE2 1 
ATOM   839 C  CE3 . TRP A 1 116 ? 3.610   -6.177  2.077   1.00 11.78 ? 116 TRP A CE3 1 
ATOM   840 C  CZ2 . TRP A 1 116 ? 6.256   -6.329  1.071   1.00 12.74 ? 116 TRP A CZ2 1 
ATOM   841 C  CZ3 . TRP A 1 116 ? 3.857   -6.423  0.734   1.00 12.29 ? 116 TRP A CZ3 1 
ATOM   842 C  CH2 . TRP A 1 116 ? 5.171   -6.502  0.244   1.00 13.14 ? 116 TRP A CH2 1 
ATOM   843 N  N   . GLU A 1 117 ? 0.915   -3.741  5.584   1.00 11.82 ? 117 GLU A N   1 
ATOM   844 C  CA  . GLU A 1 117 ? -0.471  -3.946  6.008   1.00 13.44 ? 117 GLU A CA  1 
ATOM   845 C  C   . GLU A 1 117 ? -1.205  -4.894  5.064   1.00 15.42 ? 117 GLU A C   1 
ATOM   846 O  O   . GLU A 1 117 ? -1.121  -4.754  3.847   1.00 14.62 ? 117 GLU A O   1 
ATOM   847 C  CB  . GLU A 1 117 ? -1.226  -2.615  6.082   1.00 13.66 ? 117 GLU A CB  1 
ATOM   848 C  CG  . GLU A 1 117 ? -1.095  -1.768  4.820   1.00 14.90 ? 117 GLU A CG  1 
ATOM   849 C  CD  . GLU A 1 117 ? -2.087  -0.628  4.744   1.00 15.64 ? 117 GLU A CD  1 
ATOM   850 O  OE1 . GLU A 1 117 ? -3.141  -0.693  5.414   1.00 18.18 ? 117 GLU A OE1 1 
ATOM   851 O  OE2 . GLU A 1 117 ? -1.823  0.333   3.991   1.00 18.61 ? 117 GLU A OE2 1 
ATOM   852 N  N   . VAL A 1 118 ? -1.918  -5.865  5.625   1.00 13.93 ? 118 VAL A N   1 
ATOM   853 C  CA  . VAL A 1 118 ? -2.865  -6.653  4.850   1.00 13.74 ? 118 VAL A CA  1 
ATOM   854 C  C   . VAL A 1 118 ? -4.212  -6.029  5.167   1.00 13.69 ? 118 VAL A C   1 
ATOM   855 O  O   . VAL A 1 118 ? -4.594  -5.928  6.335   1.00 15.45 ? 118 VAL A O   1 
ATOM   856 C  CB  . VAL A 1 118 ? -2.845  -8.145  5.235   1.00 13.44 ? 118 VAL A CB  1 
ATOM   857 C  CG1 . VAL A 1 118 ? -3.832  -8.914  4.376   1.00 17.51 ? 118 VAL A CG1 1 
ATOM   858 C  CG2 . VAL A 1 118 ? -1.452  -8.716  5.057   1.00 20.43 ? 118 VAL A CG2 1 
ATOM   859 N  N   . TYR A 1 119 ? -4.921  -5.558  4.147   1.00 13.33 ? 119 TYR A N   1 
ATOM   860 C  CA  . TYR A 1 119 ? -6.083  -4.707  4.393   1.00 13.60 ? 119 TYR A CA  1 
ATOM   861 C  C   . TYR A 1 119 ? -7.167  -4.889  3.340   1.00 14.15 ? 119 TYR A C   1 
ATOM   862 O  O   . TYR A 1 119 ? -6.905  -5.369  2.239   1.00 14.72 ? 119 TYR A O   1 
ATOM   863 C  CB  . TYR A 1 119 ? -5.662  -3.226  4.443   1.00 15.76 ? 119 TYR A CB  1 
ATOM   864 C  CG  . TYR A 1 119 ? -5.275  -2.692  3.081   1.00 14.99 ? 119 TYR A CG  1 
ATOM   865 C  CD1 . TYR A 1 119 ? -4.005  -2.920  2.564   1.00 15.04 ? 119 TYR A CD1 1 
ATOM   866 C  CD2 . TYR A 1 119 ? -6.187  -1.993  2.299   1.00 14.93 ? 119 TYR A CD2 1 
ATOM   867 C  CE1 . TYR A 1 119 ? -3.647  -2.463  1.312   1.00 17.66 ? 119 TYR A CE1 1 
ATOM   868 C  CE2 . TYR A 1 119 ? -5.834  -1.524  1.042   1.00 17.45 ? 119 TYR A CE2 1 
ATOM   869 C  CZ  . TYR A 1 119 ? -4.562  -1.769  0.555   1.00 16.08 ? 119 TYR A CZ  1 
ATOM   870 O  OH  . TYR A 1 119 ? -4.180  -1.325  -0.694  1.00 17.23 ? 119 TYR A OH  1 
ATOM   871 N  N   . VAL A 1 120 ? -8.386  -4.497  3.691   1.00 17.41 ? 120 VAL A N   1 
ATOM   872 C  CA  . VAL A 1 120 ? -9.477  -4.442  2.728   1.00 19.21 ? 120 VAL A CA  1 
ATOM   873 C  C   . VAL A 1 120 ? -9.890  -2.983  2.551   1.00 20.73 ? 120 VAL A C   1 
ATOM   874 O  O   . VAL A 1 120 ? -9.902  -2.217  3.515   1.00 27.18 ? 120 VAL A O   1 
ATOM   875 C  CB  . VAL A 1 120 ? -10.678 -5.315  3.178   1.00 22.87 ? 120 VAL A CB  1 
ATOM   876 C  CG1 . VAL A 1 120 ? -11.126 -4.944  4.582   1.00 23.78 ? 120 VAL A CG1 1 
ATOM   877 C  CG2 . VAL A 1 120 ? -11.833 -5.202  2.197   1.00 24.91 ? 120 VAL A CG2 1 
ATOM   878 N  N   . VAL A 1 121 ? -10.197 -2.592  1.318   1.00 29.15 ? 121 VAL A N   1 
ATOM   879 C  CA  . VAL A 1 121 ? -10.675 -1.238  1.042   1.00 35.66 ? 121 VAL A CA  1 
ATOM   880 C  C   . VAL A 1 121 ? -12.141 -1.090  1.438   1.00 32.57 ? 121 VAL A C   1 
ATOM   881 O  O   . VAL A 1 121 ? -12.996 -1.846  0.973   1.00 45.99 ? 121 VAL A O   1 
ATOM   882 C  CB  . VAL A 1 121 ? -10.516 -0.874  -0.444  1.00 30.77 ? 121 VAL A CB  1 
HETATM 883 NI NI  . NI  B 2 .   ? -2.205  2.236   3.081   0.37 20.32 ? 201 NI  A NI  1 
HETATM 884 NA NA  . NA  C 3 .   ? 13.179  3.810   0.858   0.53 15.91 ? 202 NA  A NA  1 
HETATM 885 O  O   . HOH D 4 .   ? -0.966  -9.559  -20.101 1.00 35.09 ? 301 HOH A O   1 
HETATM 886 O  O   . HOH D 4 .   ? -1.136  23.063  -6.623  1.00 29.53 ? 302 HOH A O   1 
HETATM 887 O  O   . HOH D 4 .   ? -3.688  2.522   9.389   1.00 28.73 ? 303 HOH A O   1 
HETATM 888 O  O   . HOH D 4 .   ? 15.247  12.008  2.301   1.00 27.30 ? 304 HOH A O   1 
HETATM 889 O  O   . HOH D 4 .   ? 15.010  16.923  3.084   1.00 28.96 ? 305 HOH A O   1 
HETATM 890 O  O   . HOH D 4 .   ? -12.217 6.845   -8.309  1.00 36.40 ? 306 HOH A O   1 
HETATM 891 O  O   . HOH D 4 .   ? -3.630  -15.853 4.613   1.00 43.47 ? 307 HOH A O   1 
HETATM 892 O  O   . HOH D 4 .   ? 11.460  5.154   3.980   1.00 40.11 ? 308 HOH A O   1 
HETATM 893 O  O   . HOH D 4 .   ? 0.657   12.730  -17.393 1.00 32.80 ? 309 HOH A O   1 
HETATM 894 O  O   . HOH D 4 .   ? -7.022  -1.875  16.436  1.00 25.35 ? 310 HOH A O   1 
HETATM 895 O  O   . HOH D 4 .   ? -8.396  -0.868  5.197   1.00 34.75 ? 311 HOH A O   1 
HETATM 896 O  O   . HOH D 4 .   ? 6.005   -7.945  12.549  1.00 23.56 ? 312 HOH A O   1 
HETATM 897 O  O   . HOH D 4 .   ? -4.101  4.764   1.235   1.00 29.80 ? 313 HOH A O   1 
HETATM 898 O  O   . HOH D 4 .   ? -2.906  -10.722 13.793  1.00 39.09 ? 314 HOH A O   1 
HETATM 899 O  O   . HOH D 4 .   ? -8.379  9.831   -13.102 1.00 35.67 ? 315 HOH A O   1 
HETATM 900 O  O   . HOH D 4 .   ? 1.021   -20.049 10.034  1.00 29.78 ? 316 HOH A O   1 
HETATM 901 O  O   . HOH D 4 .   ? -9.489  16.502  -3.869  1.00 33.23 ? 317 HOH A O   1 
HETATM 902 O  O   . HOH D 4 .   ? -0.469  18.378  -2.041  1.00 29.54 ? 318 HOH A O   1 
HETATM 903 O  O   . HOH D 4 .   ? -10.266 -4.204  -0.859  1.00 32.01 ? 319 HOH A O   1 
HETATM 904 O  O   . HOH D 4 .   ? -8.204  2.069   13.178  1.00 25.85 ? 320 HOH A O   1 
HETATM 905 O  O   . HOH D 4 .   ? 5.975   14.417  -14.221 1.00 31.75 ? 321 HOH A O   1 
HETATM 906 O  O   . HOH D 4 .   ? -8.593  3.655   -5.172  1.00 27.51 ? 322 HOH A O   1 
HETATM 907 O  O   . HOH D 4 .   ? 8.401   10.639  -7.960  1.00 18.69 ? 323 HOH A O   1 
HETATM 908 O  O   . HOH D 4 .   ? -9.275  11.061  -9.901  1.00 31.61 ? 324 HOH A O   1 
HETATM 909 O  O   . HOH D 4 .   ? 0.317   -0.851  -17.046 1.00 37.66 ? 325 HOH A O   1 
HETATM 910 O  O   . HOH D 4 .   ? -7.048  2.364   -1.471  1.00 28.03 ? 326 HOH A O   1 
HETATM 911 O  O   . HOH D 4 .   ? 9.660   17.459  -9.467  1.00 32.83 ? 327 HOH A O   1 
HETATM 912 O  O   . HOH D 4 .   ? 1.888   7.222   5.734   1.00 42.41 ? 328 HOH A O   1 
HETATM 913 O  O   . HOH D 4 .   ? 10.551  -8.770  11.442  1.00 27.60 ? 329 HOH A O   1 
HETATM 914 O  O   . HOH D 4 .   ? -4.784  2.232   -0.072  1.00 37.41 ? 330 HOH A O   1 
HETATM 915 O  O   . HOH D 4 .   ? -5.734  -13.992 3.601   1.00 36.21 ? 331 HOH A O   1 
HETATM 916 O  O   . HOH D 4 .   ? -13.129 -14.575 1.298   1.00 41.98 ? 332 HOH A O   1 
HETATM 917 O  O   . HOH D 4 .   ? -7.672  6.144   0.414   1.00 45.29 ? 333 HOH A O   1 
HETATM 918 O  O   . HOH D 4 .   ? 3.306   -14.472 16.830  1.00 33.76 ? 334 HOH A O   1 
HETATM 919 O  O   . HOH D 4 .   ? -0.206  -7.569  -6.979  1.00 13.83 ? 335 HOH A O   1 
HETATM 920 O  O   . HOH D 4 .   ? 1.256   14.196  2.743   1.00 29.09 ? 336 HOH A O   1 
HETATM 921 O  O   . HOH D 4 .   ? 2.561   -7.176  18.131  1.00 31.04 ? 337 HOH A O   1 
HETATM 922 O  O   . HOH D 4 .   ? 14.782  -6.250  13.481  1.00 39.05 ? 338 HOH A O   1 
HETATM 923 O  O   . HOH D 4 .   ? -6.293  4.629   -11.014 1.00 19.62 ? 339 HOH A O   1 
HETATM 924 O  O   . HOH D 4 .   ? -8.165  -12.873 12.802  1.00 36.56 ? 340 HOH A O   1 
HETATM 925 O  O   . HOH D 4 .   ? 1.598   17.488  2.471   1.00 38.42 ? 341 HOH A O   1 
HETATM 926 O  O   . HOH D 4 .   ? 12.791  0.531   6.695   1.00 25.67 ? 342 HOH A O   1 
HETATM 927 O  O   . HOH D 4 .   ? -3.351  -12.624 -0.457  1.00 30.15 ? 343 HOH A O   1 
HETATM 928 O  O   . HOH D 4 .   ? -9.438  0.647   -5.085  1.00 35.40 ? 344 HOH A O   1 
HETATM 929 O  O   . HOH D 4 .   ? -15.686 -10.712 5.092   1.00 32.74 ? 345 HOH A O   1 
HETATM 930 O  O   . HOH D 4 .   ? 8.419   13.516  -6.650  1.00 18.34 ? 346 HOH A O   1 
HETATM 931 O  O   . HOH D 4 .   ? -2.399  2.982   5.173   1.00 25.86 ? 347 HOH A O   1 
HETATM 932 O  O   . HOH D 4 .   ? -10.355 12.420  -6.424  1.00 26.74 ? 348 HOH A O   1 
HETATM 933 O  O   . HOH D 4 .   ? 1.980   23.585  -9.899  1.00 40.38 ? 349 HOH A O   1 
HETATM 934 O  O   . HOH D 4 .   ? -5.408  -21.889 12.510  1.00 37.55 ? 350 HOH A O   1 
HETATM 935 O  O   . HOH D 4 .   ? 3.046   18.871  -5.776  1.00 25.32 ? 351 HOH A O   1 
HETATM 936 O  O   . HOH D 4 .   ? -4.550  1.236   3.166   1.00 34.05 ? 352 HOH A O   1 
HETATM 937 O  O   . HOH D 4 .   ? 3.268   -5.113  13.767  1.00 33.10 ? 353 HOH A O   1 
HETATM 938 O  O   . HOH D 4 .   ? 7.839   -10.221 13.932  1.00 27.95 ? 354 HOH A O   1 
HETATM 939 O  O   . HOH D 4 .   ? -15.782 -7.653  3.951   1.00 35.16 ? 355 HOH A O   1 
HETATM 940 O  O   . HOH D 4 .   ? -5.331  14.123  2.845   1.00 41.15 ? 356 HOH A O   1 
HETATM 941 O  O   . HOH D 4 .   ? -3.956  -1.572  -16.392 1.00 32.03 ? 357 HOH A O   1 
HETATM 942 O  O   . HOH D 4 .   ? -8.145  -2.119  -10.752 1.00 37.40 ? 358 HOH A O   1 
HETATM 943 O  O   . HOH D 4 .   ? -9.136  0.060   14.657  1.00 34.12 ? 359 HOH A O   1 
HETATM 944 O  O   . HOH D 4 .   ? -8.696  0.674   9.799   1.00 40.12 ? 360 HOH A O   1 
HETATM 945 O  O   . HOH D 4 .   ? 17.551  -6.232  9.639   1.00 24.07 ? 361 HOH A O   1 
HETATM 946 O  O   . HOH D 4 .   ? -5.813  0.259   -14.829 1.00 32.75 ? 362 HOH A O   1 
HETATM 947 O  O   . HOH D 4 .   ? -2.059  4.224   2.256   1.00 33.91 ? 363 HOH A O   1 
HETATM 948 O  O   . HOH D 4 .   ? 5.251   19.973  -10.521 1.00 41.66 ? 364 HOH A O   1 
HETATM 949 O  O   . HOH D 4 .   ? 7.708   13.545  4.851   1.00 40.18 ? 365 HOH A O   1 
HETATM 950 O  O   . HOH D 4 .   ? -6.866  9.975   1.535   1.00 40.44 ? 366 HOH A O   1 
HETATM 951 O  O   . HOH D 4 .   ? -0.816  -6.107  19.434  1.00 38.29 ? 367 HOH A O   1 
HETATM 952 O  O   . HOH D 4 .   ? 6.067   13.049  -16.377 1.00 37.41 ? 368 HOH A O   1 
HETATM 953 O  O   . HOH D 4 .   ? 3.216   -0.956  -17.276 1.00 41.50 ? 369 HOH A O   1 
HETATM 954 O  O   . HOH D 4 .   ? -12.573 10.795  -5.995  1.00 45.52 ? 370 HOH A O   1 
HETATM 955 O  O   . HOH D 4 .   ? -0.531  4.086   6.766   1.00 34.78 ? 371 HOH A O   1 
HETATM 956 O  O   . HOH D 4 .   ? 10.223  -14.420 13.079  1.00 47.90 ? 372 HOH A O   1 
HETATM 957 O  O   . HOH D 4 .   ? 10.501  1.900   5.578   1.00 41.84 ? 373 HOH A O   1 
HETATM 958 O  O   . HOH D 4 .   ? -6.489  -5.628  -21.583 1.00 45.38 ? 374 HOH A O   1 
HETATM 959 O  O   . HOH D 4 .   ? -1.650  6.781   3.840   1.00 41.51 ? 375 HOH A O   1 
# 
loop_
_pdbx_poly_seq_scheme.asym_id 
_pdbx_poly_seq_scheme.entity_id 
_pdbx_poly_seq_scheme.seq_id 
_pdbx_poly_seq_scheme.mon_id 
_pdbx_poly_seq_scheme.ndb_seq_num 
_pdbx_poly_seq_scheme.pdb_seq_num 
_pdbx_poly_seq_scheme.auth_seq_num 
_pdbx_poly_seq_scheme.pdb_mon_id 
_pdbx_poly_seq_scheme.auth_mon_id 
_pdbx_poly_seq_scheme.pdb_strand_id 
_pdbx_poly_seq_scheme.pdb_ins_code 
_pdbx_poly_seq_scheme.hetero 
A 1 1   GLY 1   1   ?   ?   ?   A . n 
A 1 2   SER 2   2   ?   ?   ?   A . n 
A 1 3   HIS 3   3   ?   ?   ?   A . n 
A 1 4   MET 4   4   4   MET MET A . n 
A 1 5   SER 5   5   5   SER SER A . n 
A 1 6   ARG 6   6   6   ARG ARG A . n 
A 1 7   VAL 7   7   7   VAL VAL A . n 
A 1 8   GLN 8   8   8   GLN GLN A . n 
A 1 9   LEU 9   9   9   LEU LEU A . n 
A 1 10  ALA 10  10  10  ALA ALA A . n 
A 1 11  LEU 11  11  11  LEU LEU A . n 
A 1 12  ARG 12  12  12  ARG ARG A . n 
A 1 13  VAL 13  13  13  VAL VAL A . n 
A 1 14  PRO 14  14  14  PRO PRO A . n 
A 1 15  ASP 15  15  15  ASP ASP A . n 
A 1 16  LEU 16  16  16  LEU LEU A . n 
A 1 17  GLU 17  17  17  GLU GLU A . n 
A 1 18  ALA 18  18  18  ALA ALA A . n 
A 1 19  SER 19  19  19  SER SER A . n 
A 1 20  ILE 20  20  20  ILE ILE A . n 
A 1 21  GLY 21  21  21  GLY GLY A . n 
A 1 22  PHE 22  22  22  PHE PHE A . n 
A 1 23  TYR 23  23  23  TYR TYR A . n 
A 1 24  SER 24  24  24  SER SER A . n 
A 1 25  LYS 25  25  25  LYS LYS A . n 
A 1 26  LEU 26  26  26  LEU LEU A . n 
A 1 27  PHE 27  27  27  PHE PHE A . n 
A 1 28  GLY 28  28  28  GLY GLY A . n 
A 1 29  THR 29  29  29  THR THR A . n 
A 1 30  GLY 30  30  30  GLY GLY A . n 
A 1 31  PRO 31  31  31  PRO PRO A . n 
A 1 32  ALA 32  32  32  ALA ALA A . n 
A 1 33  LYS 33  33  33  LYS LYS A . n 
A 1 34  VAL 34  34  34  VAL VAL A . n 
A 1 35  ARG 35  35  35  ARG ARG A . n 
A 1 36  PRO 36  36  36  PRO PRO A . n 
A 1 37  GLY 37  37  37  GLY GLY A . n 
A 1 38  TYR 38  38  38  TYR TYR A . n 
A 1 39  ALA 39  39  39  ALA ALA A . n 
A 1 40  ASN 40  40  40  ASN ASN A . n 
A 1 41  PHE 41  41  41  PHE PHE A . n 
A 1 42  ALA 42  42  42  ALA ALA A . n 
A 1 43  ILE 43  43  43  ILE ILE A . n 
A 1 44  ALA 44  44  44  ALA ALA A . n 
A 1 45  GLU 45  45  45  GLU GLU A . n 
A 1 46  PRO 46  46  46  PRO PRO A . n 
A 1 47  PRO 47  47  47  PRO PRO A . n 
A 1 48  LEU 48  48  48  LEU LEU A . n 
A 1 49  LYS 49  49  49  LYS LYS A . n 
A 1 50  LEU 50  50  50  LEU LEU A . n 
A 1 51  VAL 51  51  51  VAL VAL A . n 
A 1 52  LEU 52  52  52  LEU LEU A . n 
A 1 53  ILE 53  53  53  ILE ILE A . n 
A 1 54  GLU 54  54  54  GLU GLU A . n 
A 1 55  GLY 55  55  55  GLY GLY A . n 
A 1 56  ALA 56  56  56  ALA ALA A . n 
A 1 57  GLY 57  57  57  GLY GLY A . n 
A 1 58  GLU 58  58  58  GLU GLU A . n 
A 1 59  ASP 59  59  59  ASP ASP A . n 
A 1 60  ALA 60  60  60  ALA ALA A . n 
A 1 61  THR 61  61  61  THR THR A . n 
A 1 62  ARG 62  62  62  ARG ARG A . n 
A 1 63  LEU 63  63  63  LEU LEU A . n 
A 1 64  ASP 64  64  64  ASP ASP A . n 
A 1 65  HIS 65  65  65  HIS HIS A . n 
A 1 66  LEU 66  66  66  LEU LEU A . n 
A 1 67  GLY 67  67  67  GLY GLY A . n 
A 1 68  VAL 68  68  68  VAL VAL A . n 
A 1 69  GLU 69  69  69  GLU GLU A . n 
A 1 70  VAL 70  70  70  VAL VAL A . n 
A 1 71  GLU 71  71  71  GLU GLU A . n 
A 1 72  ASP 72  72  72  ASP ASP A . n 
A 1 73  SER 73  73  73  SER SER A . n 
A 1 74  ALA 74  74  74  ALA ALA A . n 
A 1 75  GLN 75  75  75  GLN GLN A . n 
A 1 76  VAL 76  76  76  VAL VAL A . n 
A 1 77  GLY 77  77  77  GLY GLY A . n 
A 1 78  HIS 78  78  78  HIS HIS A . n 
A 1 79  ALA 79  79  79  ALA ALA A . n 
A 1 80  ALA 80  80  80  ALA ALA A . n 
A 1 81  ARG 81  81  81  ARG ARG A . n 
A 1 82  ARG 82  82  82  ARG ARG A . n 
A 1 83  LEU 83  83  83  LEU LEU A . n 
A 1 84  LYS 84  84  84  LYS LYS A . n 
A 1 85  GLU 85  85  85  GLU GLU A . n 
A 1 86  SER 86  86  86  SER SER A . n 
A 1 87  GLY 87  87  87  GLY GLY A . n 
A 1 88  LEU 88  88  88  LEU LEU A . n 
A 1 89  ALA 89  89  89  ALA ALA A . n 
A 1 90  THR 90  90  90  THR THR A . n 
A 1 91  VAL 91  91  91  VAL VAL A . n 
A 1 92  GLU 92  92  92  GLU GLU A . n 
A 1 93  GLU 93  93  93  GLU GLU A . n 
A 1 94  ASN 94  94  94  ASN ASN A . n 
A 1 95  ASP 95  95  ?   ?   ?   A . n 
A 1 96  THR 96  96  ?   ?   ?   A . n 
A 1 97  ALA 97  97  ?   ?   ?   A . n 
A 1 98  CYS 98  98  ?   ?   ?   A . n 
A 1 99  CYS 99  99  ?   ?   ?   A . n 
A 1 100 TYR 100 100 ?   ?   ?   A . n 
A 1 101 ALA 101 101 ?   ?   ?   A . n 
A 1 102 VAL 102 102 ?   ?   ?   A . n 
A 1 103 GLN 103 103 ?   ?   ?   A . n 
A 1 104 ASP 104 104 104 ASP ASP A . n 
A 1 105 LYS 105 105 105 LYS LYS A . n 
A 1 106 VAL 106 106 106 VAL VAL A . n 
A 1 107 TRP 107 107 107 TRP TRP A . n 
A 1 108 VAL 108 108 108 VAL VAL A . n 
A 1 109 THR 109 109 109 THR THR A . n 
A 1 110 GLY 110 110 110 GLY GLY A . n 
A 1 111 PRO 111 111 111 PRO PRO A . n 
A 1 112 GLY 112 112 112 GLY GLY A . n 
A 1 113 GLY 113 113 113 GLY GLY A . n 
A 1 114 GLU 114 114 114 GLU GLU A . n 
A 1 115 PRO 115 115 115 PRO PRO A . n 
A 1 116 TRP 116 116 116 TRP TRP A . n 
A 1 117 GLU 117 117 117 GLU GLU A . n 
A 1 118 VAL 118 118 118 VAL VAL A . n 
A 1 119 TYR 119 119 119 TYR TYR A . n 
A 1 120 VAL 120 120 120 VAL VAL A . n 
A 1 121 VAL 121 121 121 VAL VAL A . n 
A 1 122 LYS 122 122 ?   ?   ?   A . n 
A 1 123 GLY 123 123 ?   ?   ?   A . n 
A 1 124 ASP 124 124 ?   ?   ?   A . n 
A 1 125 ALA 125 125 ?   ?   ?   A . n 
A 1 126 ASP 126 126 ?   ?   ?   A . n 
# 
loop_
_pdbx_nonpoly_scheme.asym_id 
_pdbx_nonpoly_scheme.entity_id 
_pdbx_nonpoly_scheme.mon_id 
_pdbx_nonpoly_scheme.ndb_seq_num 
_pdbx_nonpoly_scheme.pdb_seq_num 
_pdbx_nonpoly_scheme.auth_seq_num 
_pdbx_nonpoly_scheme.pdb_mon_id 
_pdbx_nonpoly_scheme.auth_mon_id 
_pdbx_nonpoly_scheme.pdb_strand_id 
_pdbx_nonpoly_scheme.pdb_ins_code 
B 2 NI  1  201 1  NI  NI  A . 
C 3 NA  1  202 1  NA  NA  A . 
D 4 HOH 1  301 8  HOH HOH A . 
D 4 HOH 2  302 20 HOH HOH A . 
D 4 HOH 3  303 21 HOH HOH A . 
D 4 HOH 4  304 4  HOH HOH A . 
D 4 HOH 5  305 22 HOH HOH A . 
D 4 HOH 6  306 30 HOH HOH A . 
D 4 HOH 7  307 12 HOH HOH A . 
D 4 HOH 8  308 23 HOH HOH A . 
D 4 HOH 9  309 1  HOH HOH A . 
D 4 HOH 10 310 6  HOH HOH A . 
D 4 HOH 11 311 11 HOH HOH A . 
D 4 HOH 12 312 5  HOH HOH A . 
D 4 HOH 13 313 13 HOH HOH A . 
D 4 HOH 14 314 10 HOH HOH A . 
D 4 HOH 15 315 16 HOH HOH A . 
D 4 HOH 16 316 4  HOH HOH A . 
D 4 HOH 17 317 8  HOH HOH A . 
D 4 HOH 18 318 18 HOH HOH A . 
D 4 HOH 19 319 7  HOH HOH A . 
D 4 HOH 20 320 9  HOH HOH A . 
D 4 HOH 21 321 6  HOH HOH A . 
D 4 HOH 22 322 16 HOH HOH A . 
D 4 HOH 23 323 3  HOH HOH A . 
D 4 HOH 24 324 13 HOH HOH A . 
D 4 HOH 25 325 20 HOH HOH A . 
D 4 HOH 26 326 11 HOH HOH A . 
D 4 HOH 27 327 1  HOH HOH A . 
D 4 HOH 28 328 7  HOH HOH A . 
D 4 HOH 29 329 3  HOH HOH A . 
D 4 HOH 30 330 19 HOH HOH A . 
D 4 HOH 31 331 27 HOH HOH A . 
D 4 HOH 32 332 26 HOH HOH A . 
D 4 HOH 33 333 33 HOH HOH A . 
D 4 HOH 34 334 22 HOH HOH A . 
D 4 HOH 35 335 1  HOH HOH A . 
D 4 HOH 36 336 5  HOH HOH A . 
D 4 HOH 37 337 9  HOH HOH A . 
D 4 HOH 38 338 21 HOH HOH A . 
D 4 HOH 39 339 4  HOH HOH A . 
D 4 HOH 40 340 32 HOH HOH A . 
D 4 HOH 41 341 2  HOH HOH A . 
D 4 HOH 42 342 19 HOH HOH A . 
D 4 HOH 43 343 8  HOH HOH A . 
D 4 HOH 44 344 14 HOH HOH A . 
D 4 HOH 45 345 10 HOH HOH A . 
D 4 HOH 46 346 2  HOH HOH A . 
D 4 HOH 47 347 1  HOH HOH A . 
D 4 HOH 48 348 17 HOH HOH A . 
D 4 HOH 49 349 11 HOH HOH A . 
D 4 HOH 50 350 3  HOH HOH A . 
D 4 HOH 51 351 7  HOH HOH A . 
D 4 HOH 52 352 34 HOH HOH A . 
D 4 HOH 53 353 2  HOH HOH A . 
D 4 HOH 54 354 14 HOH HOH A . 
D 4 HOH 55 355 7  HOH HOH A . 
D 4 HOH 56 356 5  HOH HOH A . 
D 4 HOH 57 357 2  HOH HOH A . 
D 4 HOH 58 358 1  HOH HOH A . 
D 4 HOH 59 359 3  HOH HOH A . 
D 4 HOH 60 360 5  HOH HOH A . 
D 4 HOH 61 361 10 HOH HOH A . 
D 4 HOH 62 362 10 HOH HOH A . 
D 4 HOH 63 363 2  HOH HOH A . 
D 4 HOH 64 364 8  HOH HOH A . 
D 4 HOH 65 365 9  HOH HOH A . 
D 4 HOH 66 366 6  HOH HOH A . 
D 4 HOH 67 367 24 HOH HOH A . 
D 4 HOH 68 368 18 HOH HOH A . 
D 4 HOH 69 369 36 HOH HOH A . 
D 4 HOH 70 370 6  HOH HOH A . 
D 4 HOH 71 371 4  HOH HOH A . 
D 4 HOH 72 372 25 HOH HOH A . 
D 4 HOH 73 373 15 HOH HOH A . 
D 4 HOH 74 374 29 HOH HOH A . 
D 4 HOH 75 375 35 HOH HOH A . 
# 
loop_
_pdbx_struct_assembly.id 
_pdbx_struct_assembly.details 
_pdbx_struct_assembly.method_details 
_pdbx_struct_assembly.oligomeric_details 
_pdbx_struct_assembly.oligomeric_count 
1 author_and_software_defined_assembly PISA monomeric 1 
2 software_defined_assembly            PISA dimeric   2 
# 
loop_
_pdbx_struct_assembly_gen.assembly_id 
_pdbx_struct_assembly_gen.oper_expression 
_pdbx_struct_assembly_gen.asym_id_list 
1 1   A,B,C,D 
2 1,2 A,B,C,D 
# 
loop_
_pdbx_struct_assembly_prop.biol_id 
_pdbx_struct_assembly_prop.type 
_pdbx_struct_assembly_prop.value 
_pdbx_struct_assembly_prop.details 
1 'ABSA (A^2)' 0    ? 
1 MORE         0    ? 
1 'SSA (A^2)'  6410 ? 
2 'ABSA (A^2)' 3040 ? 
2 MORE         -27  ? 
2 'SSA (A^2)'  9780 ? 
# 
loop_
_pdbx_struct_oper_list.id 
_pdbx_struct_oper_list.type 
_pdbx_struct_oper_list.name 
_pdbx_struct_oper_list.symmetry_operation 
_pdbx_struct_oper_list.matrix[1][1] 
_pdbx_struct_oper_list.matrix[1][2] 
_pdbx_struct_oper_list.matrix[1][3] 
_pdbx_struct_oper_list.vector[1] 
_pdbx_struct_oper_list.matrix[2][1] 
_pdbx_struct_oper_list.matrix[2][2] 
_pdbx_struct_oper_list.matrix[2][3] 
_pdbx_struct_oper_list.vector[2] 
_pdbx_struct_oper_list.matrix[3][1] 
_pdbx_struct_oper_list.matrix[3][2] 
_pdbx_struct_oper_list.matrix[3][3] 
_pdbx_struct_oper_list.vector[3] 
1 'identity operation'         1_555 x,y,z        1.0000000000  0.0000000000 0.0000000000 0.0000000000  0.0000000000 1.0000000000  0.0000000000 0.0000000000  0.0000000000 0.0000000000 1.0000000000  0.0000000000  
2 'crystal symmetry operation' 8_555 -y,-x,-z+1/2 -0.1227589729 0.7779836623 0.6161750204 11.5178453386 0.7779836623 -0.3100430097 0.5464565429 -5.4971189290 0.6161750204 0.5464565429 -0.5671980174 -9.4571470204 
# 
loop_
_pdbx_struct_conn_angle.id 
_pdbx_struct_conn_angle.ptnr1_label_atom_id 
_pdbx_struct_conn_angle.ptnr1_label_alt_id 
_pdbx_struct_conn_angle.ptnr1_label_asym_id 
_pdbx_struct_conn_angle.ptnr1_label_comp_id 
_pdbx_struct_conn_angle.ptnr1_label_seq_id 
_pdbx_struct_conn_angle.ptnr1_auth_atom_id 
_pdbx_struct_conn_angle.ptnr1_auth_asym_id 
_pdbx_struct_conn_angle.ptnr1_auth_comp_id 
_pdbx_struct_conn_angle.ptnr1_auth_seq_id 
_pdbx_struct_conn_angle.ptnr1_PDB_ins_code 
_pdbx_struct_conn_angle.ptnr1_symmetry 
_pdbx_struct_conn_angle.ptnr2_label_atom_id 
_pdbx_struct_conn_angle.ptnr2_label_alt_id 
_pdbx_struct_conn_angle.ptnr2_label_asym_id 
_pdbx_struct_conn_angle.ptnr2_label_comp_id 
_pdbx_struct_conn_angle.ptnr2_label_seq_id 
_pdbx_struct_conn_angle.ptnr2_auth_atom_id 
_pdbx_struct_conn_angle.ptnr2_auth_asym_id 
_pdbx_struct_conn_angle.ptnr2_auth_comp_id 
_pdbx_struct_conn_angle.ptnr2_auth_seq_id 
_pdbx_struct_conn_angle.ptnr2_PDB_ins_code 
_pdbx_struct_conn_angle.ptnr2_symmetry 
_pdbx_struct_conn_angle.ptnr3_label_atom_id 
_pdbx_struct_conn_angle.ptnr3_label_alt_id 
_pdbx_struct_conn_angle.ptnr3_label_asym_id 
_pdbx_struct_conn_angle.ptnr3_label_comp_id 
_pdbx_struct_conn_angle.ptnr3_label_seq_id 
_pdbx_struct_conn_angle.ptnr3_auth_atom_id 
_pdbx_struct_conn_angle.ptnr3_auth_asym_id 
_pdbx_struct_conn_angle.ptnr3_auth_comp_id 
_pdbx_struct_conn_angle.ptnr3_auth_seq_id 
_pdbx_struct_conn_angle.ptnr3_PDB_ins_code 
_pdbx_struct_conn_angle.ptnr3_symmetry 
_pdbx_struct_conn_angle.value 
_pdbx_struct_conn_angle.value_esd 
1  OE1 A A GLN 8   ? A GLN 8   ? 1_555 NI ? B NI . ? A NI 201 ? 1_555 OE1 B A GLN 8   ? A GLN 8   ? 1_555 29.6  ? 
2  OE1 A A GLN 8   ? A GLN 8   ? 1_555 NI ? B NI . ? A NI 201 ? 1_555 NE2 ? A HIS 65  ? A HIS 65  ? 1_555 95.3  ? 
3  OE1 B A GLN 8   ? A GLN 8   ? 1_555 NI ? B NI . ? A NI 201 ? 1_555 NE2 ? A HIS 65  ? A HIS 65  ? 1_555 65.7  ? 
4  OE1 A A GLN 8   ? A GLN 8   ? 1_555 NI ? B NI . ? A NI 201 ? 1_555 OE2 ? A GLU 117 ? A GLU 117 ? 1_555 86.1  ? 
5  OE1 B A GLN 8   ? A GLN 8   ? 1_555 NI ? B NI . ? A NI 201 ? 1_555 OE2 ? A GLU 117 ? A GLU 117 ? 1_555 80.9  ? 
6  NE2 ? A HIS 65  ? A HIS 65  ? 1_555 NI ? B NI . ? A NI 201 ? 1_555 OE2 ? A GLU 117 ? A GLU 117 ? 1_555 82.0  ? 
7  OE1 A A GLN 8   ? A GLN 8   ? 1_555 NI ? B NI . ? A NI 201 ? 1_555 O   ? D HOH .   ? A HOH 347 ? 1_555 170.8 ? 
8  OE1 B A GLN 8   ? A GLN 8   ? 1_555 NI ? B NI . ? A NI 201 ? 1_555 O   ? D HOH .   ? A HOH 347 ? 1_555 149.8 ? 
9  NE2 ? A HIS 65  ? A HIS 65  ? 1_555 NI ? B NI . ? A NI 201 ? 1_555 O   ? D HOH .   ? A HOH 347 ? 1_555 85.9  ? 
10 OE2 ? A GLU 117 ? A GLU 117 ? 1_555 NI ? B NI . ? A NI 201 ? 1_555 O   ? D HOH .   ? A HOH 347 ? 1_555 85.1  ? 
11 OE1 A A GLN 8   ? A GLN 8   ? 1_555 NI ? B NI . ? A NI 201 ? 1_555 O   ? D HOH .   ? A HOH 352 ? 1_555 84.7  ? 
12 OE1 B A GLN 8   ? A GLN 8   ? 1_555 NI ? B NI . ? A NI 201 ? 1_555 O   ? D HOH .   ? A HOH 352 ? 1_555 111.9 ? 
13 NE2 ? A HIS 65  ? A HIS 65  ? 1_555 NI ? B NI . ? A NI 201 ? 1_555 O   ? D HOH .   ? A HOH 352 ? 1_555 160.5 ? 
14 OE2 ? A GLU 117 ? A GLU 117 ? 1_555 NI ? B NI . ? A NI 201 ? 1_555 O   ? D HOH .   ? A HOH 352 ? 1_555 78.6  ? 
15 O   ? D HOH .   ? A HOH 347 ? 1_555 NI ? B NI . ? A NI 201 ? 1_555 O   ? D HOH .   ? A HOH 352 ? 1_555 91.2  ? 
16 OE1 A A GLN 8   ? A GLN 8   ? 1_555 NI ? B NI . ? A NI 201 ? 1_555 O   ? D HOH .   ? A HOH 363 ? 1_555 95.9  ? 
17 OE1 B A GLN 8   ? A GLN 8   ? 1_555 NI ? B NI . ? A NI 201 ? 1_555 O   ? D HOH .   ? A HOH 363 ? 1_555 93.7  ? 
18 NE2 ? A HIS 65  ? A HIS 65  ? 1_555 NI ? B NI . ? A NI 201 ? 1_555 O   ? D HOH .   ? A HOH 363 ? 1_555 83.5  ? 
19 OE2 ? A GLU 117 ? A GLU 117 ? 1_555 NI ? B NI . ? A NI 201 ? 1_555 O   ? D HOH .   ? A HOH 363 ? 1_555 165.5 ? 
20 O   ? D HOH .   ? A HOH 347 ? 1_555 NI ? B NI . ? A NI 201 ? 1_555 O   ? D HOH .   ? A HOH 363 ? 1_555 93.2  ? 
21 O   ? D HOH .   ? A HOH 352 ? 1_555 NI ? B NI . ? A NI 201 ? 1_555 O   ? D HOH .   ? A HOH 363 ? 1_555 115.9 ? 
# 
loop_
_pdbx_audit_revision_history.ordinal 
_pdbx_audit_revision_history.data_content_type 
_pdbx_audit_revision_history.major_revision 
_pdbx_audit_revision_history.minor_revision 
_pdbx_audit_revision_history.revision_date 
1 'Structure model' 1 0 2016-07-13 
2 'Structure model' 1 1 2017-09-06 
3 'Structure model' 1 2 2019-12-25 
4 'Structure model' 1 3 2023-09-27 
# 
_pdbx_audit_revision_details.ordinal             1 
_pdbx_audit_revision_details.revision_ordinal    1 
_pdbx_audit_revision_details.data_content_type   'Structure model' 
_pdbx_audit_revision_details.provider            repository 
_pdbx_audit_revision_details.type                'Initial release' 
_pdbx_audit_revision_details.description         ? 
_pdbx_audit_revision_details.details             ? 
# 
loop_
_pdbx_audit_revision_group.ordinal 
_pdbx_audit_revision_group.revision_ordinal 
_pdbx_audit_revision_group.data_content_type 
_pdbx_audit_revision_group.group 
1 2 'Structure model' 'Author supporting evidence' 
2 2 'Structure model' 'Derived calculations'       
3 3 'Structure model' 'Author supporting evidence' 
4 4 'Structure model' 'Data collection'            
5 4 'Structure model' 'Database references'        
6 4 'Structure model' 'Derived calculations'       
7 4 'Structure model' 'Refinement description'     
# 
loop_
_pdbx_audit_revision_category.ordinal 
_pdbx_audit_revision_category.revision_ordinal 
_pdbx_audit_revision_category.data_content_type 
_pdbx_audit_revision_category.category 
1 2 'Structure model' pdbx_audit_support            
2 2 'Structure model' pdbx_struct_oper_list         
3 3 'Structure model' pdbx_audit_support            
4 4 'Structure model' chem_comp_atom                
5 4 'Structure model' chem_comp_bond                
6 4 'Structure model' database_2                    
7 4 'Structure model' pdbx_initial_refinement_model 
8 4 'Structure model' pdbx_struct_conn_angle        
9 4 'Structure model' struct_conn                   
# 
loop_
_pdbx_audit_revision_item.ordinal 
_pdbx_audit_revision_item.revision_ordinal 
_pdbx_audit_revision_item.data_content_type 
_pdbx_audit_revision_item.item 
1  2 'Structure model' '_pdbx_audit_support.funding_organization'  
2  2 'Structure model' '_pdbx_struct_oper_list.symmetry_operation' 
3  3 'Structure model' '_pdbx_audit_support.funding_organization'  
4  4 'Structure model' '_database_2.pdbx_DOI'                      
5  4 'Structure model' '_database_2.pdbx_database_accession'       
6  4 'Structure model' '_pdbx_struct_conn_angle.ptnr1_auth_seq_id' 
7  4 'Structure model' '_pdbx_struct_conn_angle.ptnr3_auth_seq_id' 
8  4 'Structure model' '_pdbx_struct_conn_angle.value'             
9  4 'Structure model' '_struct_conn.pdbx_dist_value'              
10 4 'Structure model' '_struct_conn.ptnr2_auth_seq_id'            
# 
loop_
_software.citation_id 
_software.classification 
_software.compiler_name 
_software.compiler_version 
_software.contact_author 
_software.contact_author_email 
_software.date 
_software.description 
_software.dependencies 
_software.hardware 
_software.language 
_software.location 
_software.mods 
_software.name 
_software.os 
_software.os_version 
_software.type 
_software.version 
_software.pdbx_ordinal 
? refinement       ? ? ? ? ? ? ? ? ? ? ? PHENIX   ? ? ? 1.8.2_1309 1 
? 'data reduction' ? ? ? ? ? ? ? ? ? ? ? HKL-2000 ? ? ? .          2 
? 'data scaling'   ? ? ? ? ? ? ? ? ? ? ? HKL-2000 ? ? ? .          3 
? phasing          ? ? ? ? ? ? ? ? ? ? ? PHASER   ? ? ? .          4 
# 
loop_
_pdbx_unobs_or_zero_occ_atoms.id 
_pdbx_unobs_or_zero_occ_atoms.PDB_model_num 
_pdbx_unobs_or_zero_occ_atoms.polymer_flag 
_pdbx_unobs_or_zero_occ_atoms.occupancy_flag 
_pdbx_unobs_or_zero_occ_atoms.auth_asym_id 
_pdbx_unobs_or_zero_occ_atoms.auth_comp_id 
_pdbx_unobs_or_zero_occ_atoms.auth_seq_id 
_pdbx_unobs_or_zero_occ_atoms.PDB_ins_code 
_pdbx_unobs_or_zero_occ_atoms.auth_atom_id 
_pdbx_unobs_or_zero_occ_atoms.label_alt_id 
_pdbx_unobs_or_zero_occ_atoms.label_asym_id 
_pdbx_unobs_or_zero_occ_atoms.label_comp_id 
_pdbx_unobs_or_zero_occ_atoms.label_seq_id 
_pdbx_unobs_or_zero_occ_atoms.label_atom_id 
1  1 Y 1 A MET 4   ? CG  ? A MET 4   CG  
2  1 Y 1 A MET 4   ? SD  ? A MET 4   SD  
3  1 Y 1 A MET 4   ? CE  ? A MET 4   CE  
4  1 Y 1 A GLU 71  ? CG  ? A GLU 71  CG  
5  1 Y 1 A GLU 71  ? CD  ? A GLU 71  CD  
6  1 Y 1 A GLU 71  ? OE1 ? A GLU 71  OE1 
7  1 Y 1 A GLU 71  ? OE2 ? A GLU 71  OE2 
8  1 Y 1 A ARG 81  ? CG  ? A ARG 81  CG  
9  1 Y 1 A ARG 81  ? CD  ? A ARG 81  CD  
10 1 Y 1 A ARG 81  ? NE  ? A ARG 81  NE  
11 1 Y 1 A ARG 81  ? CZ  ? A ARG 81  CZ  
12 1 Y 1 A ARG 81  ? NH1 ? A ARG 81  NH1 
13 1 Y 1 A ARG 81  ? NH2 ? A ARG 81  NH2 
14 1 Y 1 A ASN 94  ? CG  ? A ASN 94  CG  
15 1 Y 1 A ASN 94  ? OD1 ? A ASN 94  OD1 
16 1 Y 1 A ASN 94  ? ND2 ? A ASN 94  ND2 
17 1 Y 1 A VAL 121 ? CG1 ? A VAL 121 CG1 
18 1 Y 1 A VAL 121 ? CG2 ? A VAL 121 CG2 
# 
loop_
_pdbx_unobs_or_zero_occ_residues.id 
_pdbx_unobs_or_zero_occ_residues.PDB_model_num 
_pdbx_unobs_or_zero_occ_residues.polymer_flag 
_pdbx_unobs_or_zero_occ_residues.occupancy_flag 
_pdbx_unobs_or_zero_occ_residues.auth_asym_id 
_pdbx_unobs_or_zero_occ_residues.auth_comp_id 
_pdbx_unobs_or_zero_occ_residues.auth_seq_id 
_pdbx_unobs_or_zero_occ_residues.PDB_ins_code 
_pdbx_unobs_or_zero_occ_residues.label_asym_id 
_pdbx_unobs_or_zero_occ_residues.label_comp_id 
_pdbx_unobs_or_zero_occ_residues.label_seq_id 
1  1 Y 1 A GLY 1   ? A GLY 1   
2  1 Y 1 A SER 2   ? A SER 2   
3  1 Y 1 A HIS 3   ? A HIS 3   
4  1 Y 1 A ASP 95  ? A ASP 95  
5  1 Y 1 A THR 96  ? A THR 96  
6  1 Y 1 A ALA 97  ? A ALA 97  
7  1 Y 1 A CYS 98  ? A CYS 98  
8  1 Y 1 A CYS 99  ? A CYS 99  
9  1 Y 1 A TYR 100 ? A TYR 100 
10 1 Y 1 A ALA 101 ? A ALA 101 
11 1 Y 1 A VAL 102 ? A VAL 102 
12 1 Y 1 A GLN 103 ? A GLN 103 
13 1 Y 1 A LYS 122 ? A LYS 122 
14 1 Y 1 A GLY 123 ? A GLY 123 
15 1 Y 1 A ASP 124 ? A ASP 124 
16 1 Y 1 A ALA 125 ? A ALA 125 
17 1 Y 1 A ASP 126 ? A ASP 126 
# 
loop_
_chem_comp_atom.comp_id 
_chem_comp_atom.atom_id 
_chem_comp_atom.type_symbol 
_chem_comp_atom.pdbx_aromatic_flag 
_chem_comp_atom.pdbx_stereo_config 
_chem_comp_atom.pdbx_ordinal 
ALA N    N  N N 1   
ALA CA   C  N S 2   
ALA C    C  N N 3   
ALA O    O  N N 4   
ALA CB   C  N N 5   
ALA OXT  O  N N 6   
ALA H    H  N N 7   
ALA H2   H  N N 8   
ALA HA   H  N N 9   
ALA HB1  H  N N 10  
ALA HB2  H  N N 11  
ALA HB3  H  N N 12  
ALA HXT  H  N N 13  
ARG N    N  N N 14  
ARG CA   C  N S 15  
ARG C    C  N N 16  
ARG O    O  N N 17  
ARG CB   C  N N 18  
ARG CG   C  N N 19  
ARG CD   C  N N 20  
ARG NE   N  N N 21  
ARG CZ   C  N N 22  
ARG NH1  N  N N 23  
ARG NH2  N  N N 24  
ARG OXT  O  N N 25  
ARG H    H  N N 26  
ARG H2   H  N N 27  
ARG HA   H  N N 28  
ARG HB2  H  N N 29  
ARG HB3  H  N N 30  
ARG HG2  H  N N 31  
ARG HG3  H  N N 32  
ARG HD2  H  N N 33  
ARG HD3  H  N N 34  
ARG HE   H  N N 35  
ARG HH11 H  N N 36  
ARG HH12 H  N N 37  
ARG HH21 H  N N 38  
ARG HH22 H  N N 39  
ARG HXT  H  N N 40  
ASN N    N  N N 41  
ASN CA   C  N S 42  
ASN C    C  N N 43  
ASN O    O  N N 44  
ASN CB   C  N N 45  
ASN CG   C  N N 46  
ASN OD1  O  N N 47  
ASN ND2  N  N N 48  
ASN OXT  O  N N 49  
ASN H    H  N N 50  
ASN H2   H  N N 51  
ASN HA   H  N N 52  
ASN HB2  H  N N 53  
ASN HB3  H  N N 54  
ASN HD21 H  N N 55  
ASN HD22 H  N N 56  
ASN HXT  H  N N 57  
ASP N    N  N N 58  
ASP CA   C  N S 59  
ASP C    C  N N 60  
ASP O    O  N N 61  
ASP CB   C  N N 62  
ASP CG   C  N N 63  
ASP OD1  O  N N 64  
ASP OD2  O  N N 65  
ASP OXT  O  N N 66  
ASP H    H  N N 67  
ASP H2   H  N N 68  
ASP HA   H  N N 69  
ASP HB2  H  N N 70  
ASP HB3  H  N N 71  
ASP HD2  H  N N 72  
ASP HXT  H  N N 73  
CYS N    N  N N 74  
CYS CA   C  N R 75  
CYS C    C  N N 76  
CYS O    O  N N 77  
CYS CB   C  N N 78  
CYS SG   S  N N 79  
CYS OXT  O  N N 80  
CYS H    H  N N 81  
CYS H2   H  N N 82  
CYS HA   H  N N 83  
CYS HB2  H  N N 84  
CYS HB3  H  N N 85  
CYS HG   H  N N 86  
CYS HXT  H  N N 87  
GLN N    N  N N 88  
GLN CA   C  N S 89  
GLN C    C  N N 90  
GLN O    O  N N 91  
GLN CB   C  N N 92  
GLN CG   C  N N 93  
GLN CD   C  N N 94  
GLN OE1  O  N N 95  
GLN NE2  N  N N 96  
GLN OXT  O  N N 97  
GLN H    H  N N 98  
GLN H2   H  N N 99  
GLN HA   H  N N 100 
GLN HB2  H  N N 101 
GLN HB3  H  N N 102 
GLN HG2  H  N N 103 
GLN HG3  H  N N 104 
GLN HE21 H  N N 105 
GLN HE22 H  N N 106 
GLN HXT  H  N N 107 
GLU N    N  N N 108 
GLU CA   C  N S 109 
GLU C    C  N N 110 
GLU O    O  N N 111 
GLU CB   C  N N 112 
GLU CG   C  N N 113 
GLU CD   C  N N 114 
GLU OE1  O  N N 115 
GLU OE2  O  N N 116 
GLU OXT  O  N N 117 
GLU H    H  N N 118 
GLU H2   H  N N 119 
GLU HA   H  N N 120 
GLU HB2  H  N N 121 
GLU HB3  H  N N 122 
GLU HG2  H  N N 123 
GLU HG3  H  N N 124 
GLU HE2  H  N N 125 
GLU HXT  H  N N 126 
GLY N    N  N N 127 
GLY CA   C  N N 128 
GLY C    C  N N 129 
GLY O    O  N N 130 
GLY OXT  O  N N 131 
GLY H    H  N N 132 
GLY H2   H  N N 133 
GLY HA2  H  N N 134 
GLY HA3  H  N N 135 
GLY HXT  H  N N 136 
HIS N    N  N N 137 
HIS CA   C  N S 138 
HIS C    C  N N 139 
HIS O    O  N N 140 
HIS CB   C  N N 141 
HIS CG   C  Y N 142 
HIS ND1  N  Y N 143 
HIS CD2  C  Y N 144 
HIS CE1  C  Y N 145 
HIS NE2  N  Y N 146 
HIS OXT  O  N N 147 
HIS H    H  N N 148 
HIS H2   H  N N 149 
HIS HA   H  N N 150 
HIS HB2  H  N N 151 
HIS HB3  H  N N 152 
HIS HD1  H  N N 153 
HIS HD2  H  N N 154 
HIS HE1  H  N N 155 
HIS HE2  H  N N 156 
HIS HXT  H  N N 157 
HOH O    O  N N 158 
HOH H1   H  N N 159 
HOH H2   H  N N 160 
ILE N    N  N N 161 
ILE CA   C  N S 162 
ILE C    C  N N 163 
ILE O    O  N N 164 
ILE CB   C  N S 165 
ILE CG1  C  N N 166 
ILE CG2  C  N N 167 
ILE CD1  C  N N 168 
ILE OXT  O  N N 169 
ILE H    H  N N 170 
ILE H2   H  N N 171 
ILE HA   H  N N 172 
ILE HB   H  N N 173 
ILE HG12 H  N N 174 
ILE HG13 H  N N 175 
ILE HG21 H  N N 176 
ILE HG22 H  N N 177 
ILE HG23 H  N N 178 
ILE HD11 H  N N 179 
ILE HD12 H  N N 180 
ILE HD13 H  N N 181 
ILE HXT  H  N N 182 
LEU N    N  N N 183 
LEU CA   C  N S 184 
LEU C    C  N N 185 
LEU O    O  N N 186 
LEU CB   C  N N 187 
LEU CG   C  N N 188 
LEU CD1  C  N N 189 
LEU CD2  C  N N 190 
LEU OXT  O  N N 191 
LEU H    H  N N 192 
LEU H2   H  N N 193 
LEU HA   H  N N 194 
LEU HB2  H  N N 195 
LEU HB3  H  N N 196 
LEU HG   H  N N 197 
LEU HD11 H  N N 198 
LEU HD12 H  N N 199 
LEU HD13 H  N N 200 
LEU HD21 H  N N 201 
LEU HD22 H  N N 202 
LEU HD23 H  N N 203 
LEU HXT  H  N N 204 
LYS N    N  N N 205 
LYS CA   C  N S 206 
LYS C    C  N N 207 
LYS O    O  N N 208 
LYS CB   C  N N 209 
LYS CG   C  N N 210 
LYS CD   C  N N 211 
LYS CE   C  N N 212 
LYS NZ   N  N N 213 
LYS OXT  O  N N 214 
LYS H    H  N N 215 
LYS H2   H  N N 216 
LYS HA   H  N N 217 
LYS HB2  H  N N 218 
LYS HB3  H  N N 219 
LYS HG2  H  N N 220 
LYS HG3  H  N N 221 
LYS HD2  H  N N 222 
LYS HD3  H  N N 223 
LYS HE2  H  N N 224 
LYS HE3  H  N N 225 
LYS HZ1  H  N N 226 
LYS HZ2  H  N N 227 
LYS HZ3  H  N N 228 
LYS HXT  H  N N 229 
MET N    N  N N 230 
MET CA   C  N S 231 
MET C    C  N N 232 
MET O    O  N N 233 
MET CB   C  N N 234 
MET CG   C  N N 235 
MET SD   S  N N 236 
MET CE   C  N N 237 
MET OXT  O  N N 238 
MET H    H  N N 239 
MET H2   H  N N 240 
MET HA   H  N N 241 
MET HB2  H  N N 242 
MET HB3  H  N N 243 
MET HG2  H  N N 244 
MET HG3  H  N N 245 
MET HE1  H  N N 246 
MET HE2  H  N N 247 
MET HE3  H  N N 248 
MET HXT  H  N N 249 
NA  NA   NA N N 250 
NI  NI   NI N N 251 
PHE N    N  N N 252 
PHE CA   C  N S 253 
PHE C    C  N N 254 
PHE O    O  N N 255 
PHE CB   C  N N 256 
PHE CG   C  Y N 257 
PHE CD1  C  Y N 258 
PHE CD2  C  Y N 259 
PHE CE1  C  Y N 260 
PHE CE2  C  Y N 261 
PHE CZ   C  Y N 262 
PHE OXT  O  N N 263 
PHE H    H  N N 264 
PHE H2   H  N N 265 
PHE HA   H  N N 266 
PHE HB2  H  N N 267 
PHE HB3  H  N N 268 
PHE HD1  H  N N 269 
PHE HD2  H  N N 270 
PHE HE1  H  N N 271 
PHE HE2  H  N N 272 
PHE HZ   H  N N 273 
PHE HXT  H  N N 274 
PRO N    N  N N 275 
PRO CA   C  N S 276 
PRO C    C  N N 277 
PRO O    O  N N 278 
PRO CB   C  N N 279 
PRO CG   C  N N 280 
PRO CD   C  N N 281 
PRO OXT  O  N N 282 
PRO H    H  N N 283 
PRO HA   H  N N 284 
PRO HB2  H  N N 285 
PRO HB3  H  N N 286 
PRO HG2  H  N N 287 
PRO HG3  H  N N 288 
PRO HD2  H  N N 289 
PRO HD3  H  N N 290 
PRO HXT  H  N N 291 
SER N    N  N N 292 
SER CA   C  N S 293 
SER C    C  N N 294 
SER O    O  N N 295 
SER CB   C  N N 296 
SER OG   O  N N 297 
SER OXT  O  N N 298 
SER H    H  N N 299 
SER H2   H  N N 300 
SER HA   H  N N 301 
SER HB2  H  N N 302 
SER HB3  H  N N 303 
SER HG   H  N N 304 
SER HXT  H  N N 305 
THR N    N  N N 306 
THR CA   C  N S 307 
THR C    C  N N 308 
THR O    O  N N 309 
THR CB   C  N R 310 
THR OG1  O  N N 311 
THR CG2  C  N N 312 
THR OXT  O  N N 313 
THR H    H  N N 314 
THR H2   H  N N 315 
THR HA   H  N N 316 
THR HB   H  N N 317 
THR HG1  H  N N 318 
THR HG21 H  N N 319 
THR HG22 H  N N 320 
THR HG23 H  N N 321 
THR HXT  H  N N 322 
TRP N    N  N N 323 
TRP CA   C  N S 324 
TRP C    C  N N 325 
TRP O    O  N N 326 
TRP CB   C  N N 327 
TRP CG   C  Y N 328 
TRP CD1  C  Y N 329 
TRP CD2  C  Y N 330 
TRP NE1  N  Y N 331 
TRP CE2  C  Y N 332 
TRP CE3  C  Y N 333 
TRP CZ2  C  Y N 334 
TRP CZ3  C  Y N 335 
TRP CH2  C  Y N 336 
TRP OXT  O  N N 337 
TRP H    H  N N 338 
TRP H2   H  N N 339 
TRP HA   H  N N 340 
TRP HB2  H  N N 341 
TRP HB3  H  N N 342 
TRP HD1  H  N N 343 
TRP HE1  H  N N 344 
TRP HE3  H  N N 345 
TRP HZ2  H  N N 346 
TRP HZ3  H  N N 347 
TRP HH2  H  N N 348 
TRP HXT  H  N N 349 
TYR N    N  N N 350 
TYR CA   C  N S 351 
TYR C    C  N N 352 
TYR O    O  N N 353 
TYR CB   C  N N 354 
TYR CG   C  Y N 355 
TYR CD1  C  Y N 356 
TYR CD2  C  Y N 357 
TYR CE1  C  Y N 358 
TYR CE2  C  Y N 359 
TYR CZ   C  Y N 360 
TYR OH   O  N N 361 
TYR OXT  O  N N 362 
TYR H    H  N N 363 
TYR H2   H  N N 364 
TYR HA   H  N N 365 
TYR HB2  H  N N 366 
TYR HB3  H  N N 367 
TYR HD1  H  N N 368 
TYR HD2  H  N N 369 
TYR HE1  H  N N 370 
TYR HE2  H  N N 371 
TYR HH   H  N N 372 
TYR HXT  H  N N 373 
VAL N    N  N N 374 
VAL CA   C  N S 375 
VAL C    C  N N 376 
VAL O    O  N N 377 
VAL CB   C  N N 378 
VAL CG1  C  N N 379 
VAL CG2  C  N N 380 
VAL OXT  O  N N 381 
VAL H    H  N N 382 
VAL H2   H  N N 383 
VAL HA   H  N N 384 
VAL HB   H  N N 385 
VAL HG11 H  N N 386 
VAL HG12 H  N N 387 
VAL HG13 H  N N 388 
VAL HG21 H  N N 389 
VAL HG22 H  N N 390 
VAL HG23 H  N N 391 
VAL HXT  H  N N 392 
# 
loop_
_chem_comp_bond.comp_id 
_chem_comp_bond.atom_id_1 
_chem_comp_bond.atom_id_2 
_chem_comp_bond.value_order 
_chem_comp_bond.pdbx_aromatic_flag 
_chem_comp_bond.pdbx_stereo_config 
_chem_comp_bond.pdbx_ordinal 
ALA N   CA   sing N N 1   
ALA N   H    sing N N 2   
ALA N   H2   sing N N 3   
ALA CA  C    sing N N 4   
ALA CA  CB   sing N N 5   
ALA CA  HA   sing N N 6   
ALA C   O    doub N N 7   
ALA C   OXT  sing N N 8   
ALA CB  HB1  sing N N 9   
ALA CB  HB2  sing N N 10  
ALA CB  HB3  sing N N 11  
ALA OXT HXT  sing N N 12  
ARG N   CA   sing N N 13  
ARG N   H    sing N N 14  
ARG N   H2   sing N N 15  
ARG CA  C    sing N N 16  
ARG CA  CB   sing N N 17  
ARG CA  HA   sing N N 18  
ARG C   O    doub N N 19  
ARG C   OXT  sing N N 20  
ARG CB  CG   sing N N 21  
ARG CB  HB2  sing N N 22  
ARG CB  HB3  sing N N 23  
ARG CG  CD   sing N N 24  
ARG CG  HG2  sing N N 25  
ARG CG  HG3  sing N N 26  
ARG CD  NE   sing N N 27  
ARG CD  HD2  sing N N 28  
ARG CD  HD3  sing N N 29  
ARG NE  CZ   sing N N 30  
ARG NE  HE   sing N N 31  
ARG CZ  NH1  sing N N 32  
ARG CZ  NH2  doub N N 33  
ARG NH1 HH11 sing N N 34  
ARG NH1 HH12 sing N N 35  
ARG NH2 HH21 sing N N 36  
ARG NH2 HH22 sing N N 37  
ARG OXT HXT  sing N N 38  
ASN N   CA   sing N N 39  
ASN N   H    sing N N 40  
ASN N   H2   sing N N 41  
ASN CA  C    sing N N 42  
ASN CA  CB   sing N N 43  
ASN CA  HA   sing N N 44  
ASN C   O    doub N N 45  
ASN C   OXT  sing N N 46  
ASN CB  CG   sing N N 47  
ASN CB  HB2  sing N N 48  
ASN CB  HB3  sing N N 49  
ASN CG  OD1  doub N N 50  
ASN CG  ND2  sing N N 51  
ASN ND2 HD21 sing N N 52  
ASN ND2 HD22 sing N N 53  
ASN OXT HXT  sing N N 54  
ASP N   CA   sing N N 55  
ASP N   H    sing N N 56  
ASP N   H2   sing N N 57  
ASP CA  C    sing N N 58  
ASP CA  CB   sing N N 59  
ASP CA  HA   sing N N 60  
ASP C   O    doub N N 61  
ASP C   OXT  sing N N 62  
ASP CB  CG   sing N N 63  
ASP CB  HB2  sing N N 64  
ASP CB  HB3  sing N N 65  
ASP CG  OD1  doub N N 66  
ASP CG  OD2  sing N N 67  
ASP OD2 HD2  sing N N 68  
ASP OXT HXT  sing N N 69  
CYS N   CA   sing N N 70  
CYS N   H    sing N N 71  
CYS N   H2   sing N N 72  
CYS CA  C    sing N N 73  
CYS CA  CB   sing N N 74  
CYS CA  HA   sing N N 75  
CYS C   O    doub N N 76  
CYS C   OXT  sing N N 77  
CYS CB  SG   sing N N 78  
CYS CB  HB2  sing N N 79  
CYS CB  HB3  sing N N 80  
CYS SG  HG   sing N N 81  
CYS OXT HXT  sing N N 82  
GLN N   CA   sing N N 83  
GLN N   H    sing N N 84  
GLN N   H2   sing N N 85  
GLN CA  C    sing N N 86  
GLN CA  CB   sing N N 87  
GLN CA  HA   sing N N 88  
GLN C   O    doub N N 89  
GLN C   OXT  sing N N 90  
GLN CB  CG   sing N N 91  
GLN CB  HB2  sing N N 92  
GLN CB  HB3  sing N N 93  
GLN CG  CD   sing N N 94  
GLN CG  HG2  sing N N 95  
GLN CG  HG3  sing N N 96  
GLN CD  OE1  doub N N 97  
GLN CD  NE2  sing N N 98  
GLN NE2 HE21 sing N N 99  
GLN NE2 HE22 sing N N 100 
GLN OXT HXT  sing N N 101 
GLU N   CA   sing N N 102 
GLU N   H    sing N N 103 
GLU N   H2   sing N N 104 
GLU CA  C    sing N N 105 
GLU CA  CB   sing N N 106 
GLU CA  HA   sing N N 107 
GLU C   O    doub N N 108 
GLU C   OXT  sing N N 109 
GLU CB  CG   sing N N 110 
GLU CB  HB2  sing N N 111 
GLU CB  HB3  sing N N 112 
GLU CG  CD   sing N N 113 
GLU CG  HG2  sing N N 114 
GLU CG  HG3  sing N N 115 
GLU CD  OE1  doub N N 116 
GLU CD  OE2  sing N N 117 
GLU OE2 HE2  sing N N 118 
GLU OXT HXT  sing N N 119 
GLY N   CA   sing N N 120 
GLY N   H    sing N N 121 
GLY N   H2   sing N N 122 
GLY CA  C    sing N N 123 
GLY CA  HA2  sing N N 124 
GLY CA  HA3  sing N N 125 
GLY C   O    doub N N 126 
GLY C   OXT  sing N N 127 
GLY OXT HXT  sing N N 128 
HIS N   CA   sing N N 129 
HIS N   H    sing N N 130 
HIS N   H2   sing N N 131 
HIS CA  C    sing N N 132 
HIS CA  CB   sing N N 133 
HIS CA  HA   sing N N 134 
HIS C   O    doub N N 135 
HIS C   OXT  sing N N 136 
HIS CB  CG   sing N N 137 
HIS CB  HB2  sing N N 138 
HIS CB  HB3  sing N N 139 
HIS CG  ND1  sing Y N 140 
HIS CG  CD2  doub Y N 141 
HIS ND1 CE1  doub Y N 142 
HIS ND1 HD1  sing N N 143 
HIS CD2 NE2  sing Y N 144 
HIS CD2 HD2  sing N N 145 
HIS CE1 NE2  sing Y N 146 
HIS CE1 HE1  sing N N 147 
HIS NE2 HE2  sing N N 148 
HIS OXT HXT  sing N N 149 
HOH O   H1   sing N N 150 
HOH O   H2   sing N N 151 
ILE N   CA   sing N N 152 
ILE N   H    sing N N 153 
ILE N   H2   sing N N 154 
ILE CA  C    sing N N 155 
ILE CA  CB   sing N N 156 
ILE CA  HA   sing N N 157 
ILE C   O    doub N N 158 
ILE C   OXT  sing N N 159 
ILE CB  CG1  sing N N 160 
ILE CB  CG2  sing N N 161 
ILE CB  HB   sing N N 162 
ILE CG1 CD1  sing N N 163 
ILE CG1 HG12 sing N N 164 
ILE CG1 HG13 sing N N 165 
ILE CG2 HG21 sing N N 166 
ILE CG2 HG22 sing N N 167 
ILE CG2 HG23 sing N N 168 
ILE CD1 HD11 sing N N 169 
ILE CD1 HD12 sing N N 170 
ILE CD1 HD13 sing N N 171 
ILE OXT HXT  sing N N 172 
LEU N   CA   sing N N 173 
LEU N   H    sing N N 174 
LEU N   H2   sing N N 175 
LEU CA  C    sing N N 176 
LEU CA  CB   sing N N 177 
LEU CA  HA   sing N N 178 
LEU C   O    doub N N 179 
LEU C   OXT  sing N N 180 
LEU CB  CG   sing N N 181 
LEU CB  HB2  sing N N 182 
LEU CB  HB3  sing N N 183 
LEU CG  CD1  sing N N 184 
LEU CG  CD2  sing N N 185 
LEU CG  HG   sing N N 186 
LEU CD1 HD11 sing N N 187 
LEU CD1 HD12 sing N N 188 
LEU CD1 HD13 sing N N 189 
LEU CD2 HD21 sing N N 190 
LEU CD2 HD22 sing N N 191 
LEU CD2 HD23 sing N N 192 
LEU OXT HXT  sing N N 193 
LYS N   CA   sing N N 194 
LYS N   H    sing N N 195 
LYS N   H2   sing N N 196 
LYS CA  C    sing N N 197 
LYS CA  CB   sing N N 198 
LYS CA  HA   sing N N 199 
LYS C   O    doub N N 200 
LYS C   OXT  sing N N 201 
LYS CB  CG   sing N N 202 
LYS CB  HB2  sing N N 203 
LYS CB  HB3  sing N N 204 
LYS CG  CD   sing N N 205 
LYS CG  HG2  sing N N 206 
LYS CG  HG3  sing N N 207 
LYS CD  CE   sing N N 208 
LYS CD  HD2  sing N N 209 
LYS CD  HD3  sing N N 210 
LYS CE  NZ   sing N N 211 
LYS CE  HE2  sing N N 212 
LYS CE  HE3  sing N N 213 
LYS NZ  HZ1  sing N N 214 
LYS NZ  HZ2  sing N N 215 
LYS NZ  HZ3  sing N N 216 
LYS OXT HXT  sing N N 217 
MET N   CA   sing N N 218 
MET N   H    sing N N 219 
MET N   H2   sing N N 220 
MET CA  C    sing N N 221 
MET CA  CB   sing N N 222 
MET CA  HA   sing N N 223 
MET C   O    doub N N 224 
MET C   OXT  sing N N 225 
MET CB  CG   sing N N 226 
MET CB  HB2  sing N N 227 
MET CB  HB3  sing N N 228 
MET CG  SD   sing N N 229 
MET CG  HG2  sing N N 230 
MET CG  HG3  sing N N 231 
MET SD  CE   sing N N 232 
MET CE  HE1  sing N N 233 
MET CE  HE2  sing N N 234 
MET CE  HE3  sing N N 235 
MET OXT HXT  sing N N 236 
PHE N   CA   sing N N 237 
PHE N   H    sing N N 238 
PHE N   H2   sing N N 239 
PHE CA  C    sing N N 240 
PHE CA  CB   sing N N 241 
PHE CA  HA   sing N N 242 
PHE C   O    doub N N 243 
PHE C   OXT  sing N N 244 
PHE CB  CG   sing N N 245 
PHE CB  HB2  sing N N 246 
PHE CB  HB3  sing N N 247 
PHE CG  CD1  doub Y N 248 
PHE CG  CD2  sing Y N 249 
PHE CD1 CE1  sing Y N 250 
PHE CD1 HD1  sing N N 251 
PHE CD2 CE2  doub Y N 252 
PHE CD2 HD2  sing N N 253 
PHE CE1 CZ   doub Y N 254 
PHE CE1 HE1  sing N N 255 
PHE CE2 CZ   sing Y N 256 
PHE CE2 HE2  sing N N 257 
PHE CZ  HZ   sing N N 258 
PHE OXT HXT  sing N N 259 
PRO N   CA   sing N N 260 
PRO N   CD   sing N N 261 
PRO N   H    sing N N 262 
PRO CA  C    sing N N 263 
PRO CA  CB   sing N N 264 
PRO CA  HA   sing N N 265 
PRO C   O    doub N N 266 
PRO C   OXT  sing N N 267 
PRO CB  CG   sing N N 268 
PRO CB  HB2  sing N N 269 
PRO CB  HB3  sing N N 270 
PRO CG  CD   sing N N 271 
PRO CG  HG2  sing N N 272 
PRO CG  HG3  sing N N 273 
PRO CD  HD2  sing N N 274 
PRO CD  HD3  sing N N 275 
PRO OXT HXT  sing N N 276 
SER N   CA   sing N N 277 
SER N   H    sing N N 278 
SER N   H2   sing N N 279 
SER CA  C    sing N N 280 
SER CA  CB   sing N N 281 
SER CA  HA   sing N N 282 
SER C   O    doub N N 283 
SER C   OXT  sing N N 284 
SER CB  OG   sing N N 285 
SER CB  HB2  sing N N 286 
SER CB  HB3  sing N N 287 
SER OG  HG   sing N N 288 
SER OXT HXT  sing N N 289 
THR N   CA   sing N N 290 
THR N   H    sing N N 291 
THR N   H2   sing N N 292 
THR CA  C    sing N N 293 
THR CA  CB   sing N N 294 
THR CA  HA   sing N N 295 
THR C   O    doub N N 296 
THR C   OXT  sing N N 297 
THR CB  OG1  sing N N 298 
THR CB  CG2  sing N N 299 
THR CB  HB   sing N N 300 
THR OG1 HG1  sing N N 301 
THR CG2 HG21 sing N N 302 
THR CG2 HG22 sing N N 303 
THR CG2 HG23 sing N N 304 
THR OXT HXT  sing N N 305 
TRP N   CA   sing N N 306 
TRP N   H    sing N N 307 
TRP N   H2   sing N N 308 
TRP CA  C    sing N N 309 
TRP CA  CB   sing N N 310 
TRP CA  HA   sing N N 311 
TRP C   O    doub N N 312 
TRP C   OXT  sing N N 313 
TRP CB  CG   sing N N 314 
TRP CB  HB2  sing N N 315 
TRP CB  HB3  sing N N 316 
TRP CG  CD1  doub Y N 317 
TRP CG  CD2  sing Y N 318 
TRP CD1 NE1  sing Y N 319 
TRP CD1 HD1  sing N N 320 
TRP CD2 CE2  doub Y N 321 
TRP CD2 CE3  sing Y N 322 
TRP NE1 CE2  sing Y N 323 
TRP NE1 HE1  sing N N 324 
TRP CE2 CZ2  sing Y N 325 
TRP CE3 CZ3  doub Y N 326 
TRP CE3 HE3  sing N N 327 
TRP CZ2 CH2  doub Y N 328 
TRP CZ2 HZ2  sing N N 329 
TRP CZ3 CH2  sing Y N 330 
TRP CZ3 HZ3  sing N N 331 
TRP CH2 HH2  sing N N 332 
TRP OXT HXT  sing N N 333 
TYR N   CA   sing N N 334 
TYR N   H    sing N N 335 
TYR N   H2   sing N N 336 
TYR CA  C    sing N N 337 
TYR CA  CB   sing N N 338 
TYR CA  HA   sing N N 339 
TYR C   O    doub N N 340 
TYR C   OXT  sing N N 341 
TYR CB  CG   sing N N 342 
TYR CB  HB2  sing N N 343 
TYR CB  HB3  sing N N 344 
TYR CG  CD1  doub Y N 345 
TYR CG  CD2  sing Y N 346 
TYR CD1 CE1  sing Y N 347 
TYR CD1 HD1  sing N N 348 
TYR CD2 CE2  doub Y N 349 
TYR CD2 HD2  sing N N 350 
TYR CE1 CZ   doub Y N 351 
TYR CE1 HE1  sing N N 352 
TYR CE2 CZ   sing Y N 353 
TYR CE2 HE2  sing N N 354 
TYR CZ  OH   sing N N 355 
TYR OH  HH   sing N N 356 
TYR OXT HXT  sing N N 357 
VAL N   CA   sing N N 358 
VAL N   H    sing N N 359 
VAL N   H2   sing N N 360 
VAL CA  C    sing N N 361 
VAL CA  CB   sing N N 362 
VAL CA  HA   sing N N 363 
VAL C   O    doub N N 364 
VAL C   OXT  sing N N 365 
VAL CB  CG1  sing N N 366 
VAL CB  CG2  sing N N 367 
VAL CB  HB   sing N N 368 
VAL CG1 HG11 sing N N 369 
VAL CG1 HG12 sing N N 370 
VAL CG1 HG13 sing N N 371 
VAL CG2 HG21 sing N N 372 
VAL CG2 HG22 sing N N 373 
VAL CG2 HG23 sing N N 374 
VAL OXT HXT  sing N N 375 
# 
_pdbx_audit_support.funding_organization   
'National Institutes of Health/National Institute of General Medical Sciences (NIH/NIGMS)' 
_pdbx_audit_support.country                'United States' 
_pdbx_audit_support.grant_number           'R37 GM55425' 
_pdbx_audit_support.ordinal                1 
# 
loop_
_pdbx_entity_nonpoly.entity_id 
_pdbx_entity_nonpoly.name 
_pdbx_entity_nonpoly.comp_id 
2 'NICKEL (II) ION' NI  
3 'SODIUM ION'      NA  
4 water             HOH 
# 
_pdbx_initial_refinement_model.id               1 
_pdbx_initial_refinement_model.entity_id_list   ? 
_pdbx_initial_refinement_model.type             'experimental model' 
_pdbx_initial_refinement_model.source_name      PDB 
_pdbx_initial_refinement_model.accession_code   5C4P 
_pdbx_initial_refinement_model.details          ? 
# 
